data_3HHM
#
_entry.id   3HHM
#
_cell.length_a   115.312
_cell.length_b   121.453
_cell.length_c   152.494
_cell.angle_alpha   90.000
_cell.angle_beta   90.000
_cell.angle_gamma   90.000
#
_symmetry.space_group_name_H-M   'P 21 21 21'
#
loop_
_entity.id
_entity.type
_entity.pdbx_description
1 polymer 'Phosphatidylinositol-4,5-bisphosphate 3-kinase catalytic subunit alpha isoform'
2 polymer 'niSH2 p85alpha'
3 non-polymer '(1S,6BR,9AS,11R,11BR)-9A,11B-DIMETHYL-1-[(METHYLOXY)METHYL]-3,6,9-TRIOXO-1,6,6B,7,8,9,9A,10,11,11B-DECAHYDRO-3H-FURO[4, 3,2-DE]INDENO[4,5-H][2]BENZOPYRAN-11-YL ACETATE'
4 water water
#
loop_
_entity_poly.entity_id
_entity_poly.type
_entity_poly.pdbx_seq_one_letter_code
_entity_poly.pdbx_strand_id
1 'polypeptide(L)'
;MSYYHHHHHHDYPSSGELWGIHLMPPRPSSGELWGIHLMPPRILVECLLPNGMIVTLECLREATLITIKHELFKEARKYP
LHQLLQDESSYIFVSVTQEAEREEFFDETRRLCDLRLFQPFLKVIEPVGNREEKILNREIGFAIGMPVCEFDMVKDPEVQ
DFRRNILNVCKEAVDLRDLNSPHSRAMYVYPPNVESSPELPKHIYNKLDKGQIIVVIWVIVSPNNDKQKYTLKINHDCVP
EQVIAEAIRKKTRSMLLSSEQLKLCVLEYQGKYILKVCGCDEYFLEKYPLSQYKYIRSCIMLGRMPNLMLMAKESLYSQL
PMDCFTMPSYSRRISTATPYMNGETSTKSLWVINSALRIKILCATYVNVNIRDIDKIYVRTGIYHGGEPLCDNVNTQRVP
CSNPRWNEWLNYDIYIPDLPRAARLCLSICSVKGRKGAKEEHCPLAWGNINLFDYTDTLVSGKMALNLWPVPHGLEDLLN
PIGVTGSNPNKETPCLELEFDWFSSVVKFPDMSVIEEHANWSVSREAGFSYSHAGLSNRLARDNELRENDKEQLKAISTR
DPLSEITEQEKDFLWSHRHYCVTIPEILPKLLLSVKWNSRDEVAQMYCLVKDWPPIKPEQAMELLDCNYPDPMVRGFAVR
CLEKYLTDDKLSQYLIQLVQVLKYEQYLDNLLVRFLLKKALTNQRIGHFFFWHLKSEMHNKTVSQRFGLLLESYCRACGM
YLKHLNRQVEAMEKLINLTDILKQEKKDETQKVQMKFLVEQMRRPDFMDALQGFLSPLNPAHQLGNLRLEECRIMSSAKR
PLWLNWENPDIMSELLFQNNEIIFKNGDDLRQDMLTLQIIRIMENIWQNQGLDLRMLPYGCLSIGDCVGLIEVVRNSHTI
MQIQCKGGLKGALQFNSHTLHQWLKDKNKGEIYDAAIDLFTRSCAGYCVATFILGIGDRHNSNIMVKDDGQLFHIDFGHF
LDHKKKKFGYKRERVPFVLTQDFLIVISKGAQECTKTREFERFQEMCYKAYLAIRQHANLFINLFSMMLGSGMPELQSFD
DIAYIRKTLALDKTEQEALEYFMKQMNDARHGGWTTKMDWIFHTIKQHALN
;
A
2 'polypeptide(L)'
;MNNNMSLQNAEWYWGDISREEVNEKLRDTADGTFLVRDASTKMHGDYTLTLRKGGNNKLIKIFHRDGKYGFSDPLTFSSV
VELINHYRNESLAQYNPKLDVKLLYPVSKYQQDQVVKEDNIEAVGKKLHEYNTQFQEKSREYDRLYEEYTRTSQEIQMKR
TAIEAFNETIKIFEEQCQTQERYSKEYIEKFKREGNEKEIQRIMHNYDKLKSRISEIIDSRRRLEEDLKKQAAEYREIDK
RMNSIKPDLIQLRKTRDQYLMWLTQKGVRQKKLNEWLGNENTEDQYSLVEDDEDLPHHDEKTWNVGSSNRNKAENLLRGK
RDGTFLVRESSKQGCYACSVVVDGEVKHCVINKTATGYGFAEPYNLYSSLKEL
;
B
#
# COMPACT_ATOMS: atom_id res chain seq x y z
N SER A 2 8.27 8.68 -19.13
CA SER A 2 6.78 8.64 -19.20
C SER A 2 6.31 8.55 -20.66
N TYR A 3 6.16 9.71 -21.31
CA TYR A 3 5.80 9.78 -22.73
C TYR A 3 7.06 9.57 -23.57
N TYR A 4 7.86 10.64 -23.68
CA TYR A 4 9.23 10.56 -24.17
C TYR A 4 10.05 10.26 -22.93
N HIS A 5 11.17 9.55 -23.07
CA HIS A 5 11.92 9.08 -21.91
C HIS A 5 12.54 10.23 -21.09
N HIS A 6 11.71 11.23 -20.81
CA HIS A 6 12.12 12.51 -20.19
C HIS A 6 13.26 13.22 -20.93
N HIS A 7 13.40 12.92 -22.23
CA HIS A 7 14.48 13.48 -23.06
C HIS A 7 14.13 14.86 -23.60
N HIS A 8 14.80 15.87 -23.07
CA HIS A 8 14.62 17.26 -23.49
C HIS A 8 15.32 17.53 -24.81
N HIS A 9 14.61 18.20 -25.70
CA HIS A 9 15.20 18.69 -26.93
C HIS A 9 15.51 20.17 -26.75
N HIS A 10 16.77 20.46 -26.42
CA HIS A 10 17.20 21.84 -26.13
C HIS A 10 17.06 22.77 -27.35
N ASP A 11 17.36 22.25 -28.53
CA ASP A 11 17.16 22.99 -29.78
C ASP A 11 15.67 22.98 -30.13
N TYR A 12 14.95 24.01 -29.67
CA TYR A 12 13.54 24.21 -30.01
C TYR A 12 13.04 25.61 -29.66
N PRO A 28 1.04 -17.57 -0.88
CA PRO A 28 1.66 -18.89 -1.04
C PRO A 28 2.18 -19.12 -2.46
N SER A 29 3.50 -19.22 -2.60
CA SER A 29 4.21 -19.28 -3.91
C SER A 29 3.62 -20.24 -4.98
N SER A 30 3.94 -19.97 -6.25
CA SER A 30 3.26 -20.55 -7.41
C SER A 30 4.08 -21.62 -8.14
N GLY A 31 3.75 -21.83 -9.42
CA GLY A 31 4.58 -22.60 -10.34
C GLY A 31 4.14 -23.99 -10.79
N GLU A 32 3.41 -24.04 -11.91
CA GLU A 32 3.35 -25.20 -12.82
C GLU A 32 3.53 -26.60 -12.20
N LEU A 33 2.44 -27.27 -11.85
CA LEU A 33 2.49 -28.54 -11.10
C LEU A 33 3.04 -28.45 -9.67
N TRP A 34 2.42 -29.18 -8.74
CA TRP A 34 2.80 -29.10 -7.33
C TRP A 34 4.16 -29.73 -7.06
N GLY A 35 5.04 -28.97 -6.41
CA GLY A 35 6.36 -29.45 -6.00
C GLY A 35 7.41 -29.32 -7.10
N ILE A 36 6.99 -28.79 -8.24
CA ILE A 36 7.83 -28.71 -9.41
C ILE A 36 7.67 -27.32 -10.05
N HIS A 37 8.77 -26.65 -10.35
CA HIS A 37 8.69 -25.36 -11.02
C HIS A 37 8.30 -25.54 -12.49
N LEU A 38 9.03 -26.43 -13.16
CA LEU A 38 8.95 -26.57 -14.60
C LEU A 38 8.61 -28.02 -14.94
N MET A 39 7.48 -28.24 -15.62
CA MET A 39 7.08 -29.61 -15.94
C MET A 39 7.80 -30.07 -17.21
N PRO A 40 8.34 -31.31 -17.20
CA PRO A 40 9.21 -31.80 -18.29
C PRO A 40 8.60 -31.60 -19.67
N PRO A 41 9.43 -31.44 -20.72
CA PRO A 41 8.92 -31.29 -22.08
C PRO A 41 7.83 -32.31 -22.46
N ARG A 42 8.03 -33.57 -22.05
CA ARG A 42 6.99 -34.60 -22.19
C ARG A 42 6.52 -35.07 -20.81
N ILE A 43 5.21 -35.23 -20.64
CA ILE A 43 4.67 -35.91 -19.45
C ILE A 43 3.48 -36.83 -19.71
N LEU A 44 3.32 -37.80 -18.82
CA LEU A 44 2.18 -38.68 -18.81
C LEU A 44 1.06 -38.01 -18.03
N VAL A 45 -0.12 -37.97 -18.63
CA VAL A 45 -1.29 -37.44 -17.95
C VAL A 45 -2.40 -38.48 -17.93
N GLU A 46 -2.97 -38.71 -16.75
CA GLU A 46 -4.07 -39.64 -16.58
C GLU A 46 -5.39 -38.98 -16.95
N CYS A 47 -6.19 -39.67 -17.76
CA CYS A 47 -7.48 -39.15 -18.14
C CYS A 47 -8.56 -40.04 -17.57
N LEU A 48 -9.39 -39.47 -16.71
CA LEU A 48 -10.51 -40.17 -16.11
C LEU A 48 -11.74 -40.00 -17.01
N LEU A 49 -12.02 -41.03 -17.81
CA LEU A 49 -13.11 -41.01 -18.78
C LEU A 49 -14.48 -41.16 -18.11
N PRO A 50 -15.55 -40.72 -18.80
CA PRO A 50 -16.87 -40.73 -18.17
C PRO A 50 -17.48 -42.13 -18.15
N ASN A 51 -16.91 -43.05 -18.93
CA ASN A 51 -17.35 -44.44 -18.96
C ASN A 51 -16.67 -45.27 -17.87
N GLY A 52 -15.91 -44.59 -17.02
CA GLY A 52 -15.32 -45.19 -15.83
C GLY A 52 -13.85 -45.56 -15.94
N MET A 53 -13.29 -45.46 -17.14
CA MET A 53 -11.91 -45.90 -17.32
C MET A 53 -10.85 -44.81 -17.35
N ILE A 54 -9.65 -45.16 -16.88
CA ILE A 54 -8.51 -44.26 -16.79
C ILE A 54 -7.47 -44.59 -17.87
N VAL A 55 -7.22 -43.66 -18.77
CA VAL A 55 -6.19 -43.88 -19.80
C VAL A 55 -5.09 -42.82 -19.77
N THR A 56 -3.84 -43.29 -19.80
CA THR A 56 -2.70 -42.40 -19.67
C THR A 56 -2.19 -42.02 -21.05
N LEU A 57 -2.09 -40.72 -21.27
CA LEU A 57 -1.77 -40.19 -22.56
C LEU A 57 -0.47 -39.43 -22.48
N GLU A 58 0.42 -39.67 -23.45
CA GLU A 58 1.70 -38.98 -23.51
C GLU A 58 1.57 -37.59 -24.14
N CYS A 59 1.80 -36.53 -23.35
CA CYS A 59 1.56 -35.17 -23.81
C CYS A 59 2.79 -34.28 -23.79
N LEU A 60 2.85 -33.37 -24.76
CA LEU A 60 3.84 -32.30 -24.74
C LEU A 60 3.36 -31.25 -23.74
N ARG A 61 4.28 -30.66 -22.98
CA ARG A 61 3.87 -29.76 -21.89
C ARG A 61 3.13 -28.49 -22.38
N GLU A 62 3.33 -28.12 -23.63
CA GLU A 62 2.68 -26.94 -24.20
C GLU A 62 1.44 -27.30 -25.03
N ALA A 63 1.03 -28.56 -24.95
CA ALA A 63 -0.17 -29.02 -25.66
C ALA A 63 -1.42 -28.27 -25.21
N THR A 64 -2.18 -27.78 -26.18
CA THR A 64 -3.48 -27.19 -25.88
C THR A 64 -4.47 -28.29 -25.49
N LEU A 65 -5.50 -27.94 -24.75
CA LEU A 65 -6.51 -28.89 -24.34
C LEU A 65 -7.32 -29.42 -25.51
N ILE A 66 -7.52 -28.59 -26.54
CA ILE A 66 -8.23 -29.04 -27.74
C ILE A 66 -7.56 -30.29 -28.36
N THR A 67 -6.23 -30.26 -28.47
CA THR A 67 -5.50 -31.36 -29.09
C THR A 67 -5.36 -32.54 -28.13
N ILE A 68 -5.23 -32.26 -26.84
CA ILE A 68 -5.14 -33.33 -25.85
C ILE A 68 -6.44 -34.14 -25.89
N LYS A 69 -7.58 -33.44 -25.91
CA LYS A 69 -8.87 -34.09 -25.99
C LYS A 69 -8.96 -34.92 -27.27
N HIS A 70 -8.66 -34.28 -28.39
CA HIS A 70 -8.63 -34.95 -29.68
C HIS A 70 -7.83 -36.26 -29.63
N GLU A 71 -6.68 -36.23 -28.94
CA GLU A 71 -5.87 -37.44 -28.74
C GLU A 71 -6.57 -38.42 -27.81
N LEU A 72 -7.18 -37.91 -26.76
CA LEU A 72 -7.84 -38.75 -25.77
C LEU A 72 -8.89 -39.62 -26.43
N PHE A 73 -9.77 -39.01 -27.20
CA PHE A 73 -10.87 -39.74 -27.85
C PHE A 73 -10.46 -40.57 -29.06
N LYS A 74 -9.29 -40.27 -29.62
CA LYS A 74 -8.69 -41.14 -30.61
C LYS A 74 -8.27 -42.42 -29.89
N GLU A 75 -7.43 -42.28 -28.87
CA GLU A 75 -6.86 -43.43 -28.16
C GLU A 75 -7.82 -44.18 -27.21
N ALA A 76 -8.97 -43.58 -26.93
CA ALA A 76 -10.00 -44.23 -26.10
C ALA A 76 -10.69 -45.37 -26.85
N ARG A 77 -10.67 -45.28 -28.18
CA ARG A 77 -11.29 -46.28 -29.04
C ARG A 77 -10.57 -47.63 -28.97
N LYS A 78 -9.49 -47.70 -28.18
CA LYS A 78 -8.71 -48.92 -28.04
C LYS A 78 -8.96 -49.57 -26.67
N TYR A 79 -9.76 -48.90 -25.85
CA TYR A 79 -10.01 -49.34 -24.49
C TYR A 79 -11.44 -49.85 -24.35
N PRO A 80 -11.69 -50.73 -23.35
CA PRO A 80 -13.04 -51.26 -23.09
C PRO A 80 -14.08 -50.17 -22.90
N LEU A 81 -15.30 -50.44 -23.36
CA LEU A 81 -16.46 -49.56 -23.16
C LEU A 81 -16.49 -48.32 -24.05
N HIS A 82 -15.64 -48.30 -25.08
CA HIS A 82 -15.57 -47.18 -26.02
C HIS A 82 -16.94 -46.70 -26.56
N GLN A 83 -17.93 -47.59 -26.56
CA GLN A 83 -19.24 -47.28 -27.14
C GLN A 83 -20.13 -46.43 -26.23
N LEU A 84 -19.81 -46.40 -24.95
CA LEU A 84 -20.55 -45.56 -24.01
C LEU A 84 -20.09 -44.11 -24.04
N LEU A 85 -19.15 -43.83 -24.94
CA LEU A 85 -18.62 -42.49 -25.09
C LEU A 85 -19.38 -41.70 -26.13
N GLN A 86 -19.67 -40.45 -25.78
CA GLN A 86 -20.30 -39.50 -26.67
C GLN A 86 -19.24 -38.88 -27.58
N ASP A 87 -19.66 -37.95 -28.43
CA ASP A 87 -18.73 -37.24 -29.32
C ASP A 87 -17.70 -36.44 -28.53
N GLU A 88 -16.53 -36.25 -29.15
CA GLU A 88 -15.47 -35.38 -28.65
C GLU A 88 -16.00 -34.08 -28.03
N SER A 89 -16.87 -33.39 -28.76
CA SER A 89 -17.37 -32.06 -28.37
C SER A 89 -18.49 -32.07 -27.33
N SER A 90 -18.88 -33.25 -26.84
CA SER A 90 -19.94 -33.35 -25.82
C SER A 90 -19.39 -33.14 -24.41
N TYR A 91 -18.07 -33.10 -24.28
CA TYR A 91 -17.43 -33.07 -22.96
C TYR A 91 -16.48 -31.89 -22.74
N ILE A 92 -16.06 -31.76 -21.48
CA ILE A 92 -15.14 -30.73 -21.02
C ILE A 92 -14.20 -31.38 -19.99
N PHE A 93 -12.99 -30.86 -19.84
CA PHE A 93 -12.09 -31.35 -18.80
C PHE A 93 -12.36 -30.72 -17.43
N VAL A 94 -11.99 -31.46 -16.39
CA VAL A 94 -12.06 -31.01 -15.01
C VAL A 94 -10.88 -31.58 -14.24
N SER A 95 -10.24 -30.76 -13.43
CA SER A 95 -9.15 -31.21 -12.59
C SER A 95 -9.03 -30.43 -11.29
N VAL A 96 -8.11 -30.85 -10.42
CA VAL A 96 -7.82 -30.12 -9.19
C VAL A 96 -6.63 -29.19 -9.44
N THR A 97 -6.78 -27.92 -9.09
CA THR A 97 -5.68 -26.96 -9.24
C THR A 97 -4.89 -26.94 -7.95
N GLN A 98 -3.69 -26.38 -7.99
CA GLN A 98 -2.87 -26.32 -6.77
C GLN A 98 -3.37 -25.31 -5.74
N GLU A 99 -4.51 -24.67 -6.04
CA GLU A 99 -5.28 -23.92 -5.04
C GLU A 99 -6.41 -24.76 -4.46
N ALA A 100 -6.38 -26.05 -4.78
CA ALA A 100 -7.25 -27.07 -4.22
C ALA A 100 -8.73 -27.02 -4.64
N GLU A 101 -9.02 -26.49 -5.83
CA GLU A 101 -10.40 -26.48 -6.31
C GLU A 101 -10.60 -27.36 -7.53
N ARG A 102 -11.86 -27.74 -7.77
CA ARG A 102 -12.24 -28.43 -8.98
C ARG A 102 -12.57 -27.43 -10.06
N GLU A 103 -11.60 -27.18 -10.94
CA GLU A 103 -11.79 -26.23 -12.02
C GLU A 103 -12.31 -26.95 -13.26
N GLU A 104 -13.30 -26.34 -13.92
CA GLU A 104 -13.75 -26.78 -15.24
C GLU A 104 -13.11 -25.89 -16.28
N PHE A 105 -12.44 -26.50 -17.26
CA PHE A 105 -11.73 -25.71 -18.28
C PHE A 105 -12.57 -25.54 -19.54
N PHE A 106 -13.21 -24.39 -19.67
CA PHE A 106 -14.02 -24.08 -20.84
C PHE A 106 -13.17 -23.58 -22.02
N ASP A 107 -12.16 -22.78 -21.71
CA ASP A 107 -11.21 -22.31 -22.71
C ASP A 107 -10.22 -23.43 -23.05
N GLU A 108 -10.61 -24.26 -24.01
CA GLU A 108 -9.80 -25.40 -24.43
C GLU A 108 -8.61 -24.95 -25.30
N THR A 109 -8.47 -23.63 -25.45
CA THR A 109 -7.33 -23.01 -26.10
C THR A 109 -6.12 -22.91 -25.16
N ARG A 110 -6.38 -23.07 -23.86
CA ARG A 110 -5.33 -23.01 -22.83
C ARG A 110 -4.39 -24.21 -22.87
N ARG A 111 -3.11 -23.94 -22.65
CA ARG A 111 -2.07 -24.95 -22.71
C ARG A 111 -1.95 -25.72 -21.40
N LEU A 112 -1.47 -26.95 -21.49
CA LEU A 112 -1.33 -27.83 -20.33
C LEU A 112 -0.52 -27.20 -19.20
N CYS A 113 0.63 -26.64 -19.53
CA CYS A 113 1.50 -26.00 -18.55
C CYS A 113 0.90 -24.74 -17.92
N ASP A 114 -0.25 -24.29 -18.45
CA ASP A 114 -0.91 -23.07 -17.96
C ASP A 114 -2.04 -23.34 -16.96
N LEU A 115 -2.74 -24.44 -17.14
CA LEU A 115 -3.69 -24.90 -16.14
C LEU A 115 -2.84 -25.08 -14.90
N ARG A 116 -3.25 -24.53 -13.77
CA ARG A 116 -2.39 -24.61 -12.59
C ARG A 116 -2.54 -25.94 -11.86
N LEU A 117 -2.50 -27.05 -12.59
CA LEU A 117 -2.76 -28.39 -12.03
C LEU A 117 -1.95 -28.72 -10.79
N PHE A 118 -2.57 -29.49 -9.90
CA PHE A 118 -1.91 -30.03 -8.73
C PHE A 118 -1.16 -31.28 -9.13
N GLN A 119 -1.81 -32.10 -9.96
CA GLN A 119 -1.25 -33.37 -10.44
C GLN A 119 -1.55 -33.50 -11.92
N PRO A 120 -0.68 -34.23 -12.67
CA PRO A 120 -0.94 -34.43 -14.09
C PRO A 120 -2.11 -35.39 -14.36
N PHE A 121 -3.33 -34.92 -14.15
CA PHE A 121 -4.53 -35.68 -14.54
C PHE A 121 -5.70 -34.78 -14.92
N LEU A 122 -6.55 -35.32 -15.79
CA LEU A 122 -7.77 -34.65 -16.18
C LEU A 122 -8.95 -35.60 -15.96
N LYS A 123 -10.14 -35.04 -15.81
CA LYS A 123 -11.34 -35.84 -15.71
C LYS A 123 -12.32 -35.37 -16.78
N VAL A 124 -13.02 -36.33 -17.39
CA VAL A 124 -13.93 -36.03 -18.48
C VAL A 124 -15.39 -36.06 -18.00
N ILE A 125 -16.02 -34.89 -18.09
CA ILE A 125 -17.41 -34.73 -17.66
C ILE A 125 -18.26 -34.03 -18.71
N GLU A 126 -19.57 -34.15 -18.54
CA GLU A 126 -20.53 -33.43 -19.35
C GLU A 126 -20.84 -32.12 -18.61
N PRO A 127 -20.76 -30.98 -19.32
CA PRO A 127 -21.01 -29.66 -18.72
C PRO A 127 -22.34 -29.57 -17.97
N VAL A 128 -22.28 -29.80 -16.67
CA VAL A 128 -23.42 -29.61 -15.77
C VAL A 128 -23.51 -28.11 -15.44
N GLY A 129 -24.39 -27.78 -14.50
CA GLY A 129 -24.66 -26.38 -14.13
C GLY A 129 -24.80 -25.50 -15.36
N ASN A 130 -25.13 -26.15 -16.48
CA ASN A 130 -25.02 -25.62 -17.85
C ASN A 130 -25.14 -24.10 -18.06
N ARG A 131 -24.76 -23.32 -17.04
CA ARG A 131 -24.59 -21.87 -17.19
C ARG A 131 -23.13 -21.53 -17.48
N GLU A 132 -22.68 -21.99 -18.64
CA GLU A 132 -21.46 -21.52 -19.23
C GLU A 132 -21.65 -20.01 -19.32
N GLU A 133 -20.91 -19.28 -18.49
CA GLU A 133 -20.96 -17.81 -18.41
C GLU A 133 -20.77 -17.35 -16.98
N LYS A 134 -21.70 -17.72 -16.11
CA LYS A 134 -21.53 -17.50 -14.68
C LYS A 134 -20.29 -18.23 -14.22
N ILE A 135 -20.18 -19.50 -14.63
CA ILE A 135 -19.03 -20.31 -14.28
C ILE A 135 -17.78 -19.71 -14.94
N LEU A 136 -17.92 -19.25 -16.18
CA LEU A 136 -16.82 -18.64 -16.94
C LEU A 136 -16.20 -17.40 -16.33
N ASN A 137 -17.01 -16.53 -15.73
CA ASN A 137 -16.50 -15.50 -14.82
C ASN A 137 -15.62 -16.06 -13.68
N ARG A 138 -15.02 -17.24 -13.91
CA ARG A 138 -13.88 -17.84 -13.13
C ARG A 138 -12.62 -17.05 -13.45
N GLU A 139 -12.78 -16.20 -14.45
CA GLU A 139 -11.82 -15.17 -14.79
C GLU A 139 -11.56 -14.25 -13.59
N ILE A 140 -12.60 -14.02 -12.77
CA ILE A 140 -12.46 -13.27 -11.51
C ILE A 140 -11.52 -14.00 -10.54
N GLY A 141 -11.73 -15.30 -10.36
CA GLY A 141 -10.87 -16.09 -9.51
C GLY A 141 -9.40 -15.88 -9.84
N PHE A 142 -9.11 -15.94 -11.13
CA PHE A 142 -7.74 -15.84 -11.63
C PHE A 142 -7.13 -14.46 -11.37
N ALA A 143 -7.82 -13.40 -11.79
CA ALA A 143 -7.38 -12.04 -11.52
C ALA A 143 -7.10 -11.78 -10.03
N ILE A 144 -8.03 -12.20 -9.17
CA ILE A 144 -7.93 -12.01 -7.72
C ILE A 144 -6.83 -12.82 -7.05
N GLY A 145 -6.56 -14.01 -7.58
CA GLY A 145 -5.54 -14.88 -7.01
C GLY A 145 -6.10 -15.71 -5.87
N MET A 146 -7.37 -16.06 -6.01
CA MET A 146 -8.12 -16.79 -5.01
C MET A 146 -9.44 -17.27 -5.62
N PRO A 147 -9.82 -18.54 -5.35
CA PRO A 147 -11.07 -19.06 -5.91
C PRO A 147 -12.30 -18.44 -5.26
N VAL A 148 -13.00 -17.61 -6.04
CA VAL A 148 -14.31 -17.09 -5.65
C VAL A 148 -15.15 -18.32 -5.37
N CYS A 149 -15.74 -18.37 -4.19
CA CYS A 149 -16.44 -19.57 -3.70
C CYS A 149 -15.80 -20.06 -2.41
N GLU A 150 -14.54 -19.71 -2.18
CA GLU A 150 -14.02 -19.72 -0.84
C GLU A 150 -14.86 -18.74 -0.04
N PHE A 151 -15.44 -17.76 -0.74
CA PHE A 151 -16.37 -16.79 -0.16
C PHE A 151 -17.74 -17.42 0.08
N ASP A 152 -18.15 -18.26 -0.87
CA ASP A 152 -19.48 -18.86 -0.91
C ASP A 152 -19.90 -19.58 0.37
N MET A 153 -18.94 -20.04 1.17
CA MET A 153 -19.29 -20.66 2.44
C MET A 153 -18.40 -20.16 3.57
N VAL A 154 -18.39 -18.84 3.77
CA VAL A 154 -17.62 -18.24 4.84
C VAL A 154 -18.40 -18.28 6.16
N LYS A 155 -19.70 -18.00 6.08
CA LYS A 155 -20.63 -18.08 7.23
C LYS A 155 -20.82 -16.76 7.97
N ASP A 156 -19.70 -16.06 8.22
CA ASP A 156 -19.75 -14.69 8.76
C ASP A 156 -20.76 -13.85 7.99
N PRO A 157 -21.81 -13.39 8.68
CA PRO A 157 -22.88 -12.65 8.00
C PRO A 157 -22.40 -11.30 7.48
N GLU A 158 -21.38 -10.72 8.11
CA GLU A 158 -20.84 -9.46 7.63
C GLU A 158 -20.30 -9.62 6.20
N VAL A 159 -19.60 -10.72 5.98
CA VAL A 159 -19.02 -11.01 4.69
C VAL A 159 -20.11 -11.14 3.66
N GLN A 160 -21.07 -12.02 3.93
CA GLN A 160 -22.13 -12.33 2.99
C GLN A 160 -23.00 -11.11 2.68
N ASP A 161 -23.13 -10.21 3.66
CA ASP A 161 -23.81 -8.93 3.46
C ASP A 161 -23.01 -7.98 2.60
N PHE A 162 -21.70 -7.90 2.85
CA PHE A 162 -20.84 -7.09 1.98
C PHE A 162 -20.97 -7.47 0.50
N ARG A 163 -20.94 -8.77 0.21
CA ARG A 163 -21.03 -9.22 -1.17
C ARG A 163 -22.34 -8.75 -1.79
N ARG A 164 -23.42 -8.86 -1.03
CA ARG A 164 -24.75 -8.45 -1.50
C ARG A 164 -24.89 -6.94 -1.60
N ASN A 165 -24.60 -6.24 -0.51
CA ASN A 165 -24.87 -4.80 -0.41
C ASN A 165 -24.00 -3.87 -1.26
N ILE A 166 -22.84 -4.37 -1.70
CA ILE A 166 -21.90 -3.55 -2.48
C ILE A 166 -22.22 -3.59 -3.97
N LEU A 167 -23.12 -4.49 -4.36
CA LEU A 167 -23.56 -4.62 -5.75
C LEU A 167 -24.33 -3.41 -6.22
N ASN A 168 -24.97 -2.70 -5.28
CA ASN A 168 -25.64 -1.44 -5.57
C ASN A 168 -24.66 -0.49 -6.25
N VAL A 169 -23.46 -0.40 -5.66
CA VAL A 169 -22.41 0.50 -6.15
C VAL A 169 -22.02 0.14 -7.59
N CYS A 170 -21.90 -1.15 -7.85
CA CYS A 170 -21.65 -1.66 -9.19
C CYS A 170 -22.73 -1.21 -10.16
N LYS A 171 -23.99 -1.44 -9.80
CA LYS A 171 -25.14 -1.06 -10.61
C LYS A 171 -25.14 0.42 -10.98
N GLU A 172 -24.88 1.28 -10.00
CA GLU A 172 -24.86 2.71 -10.21
C GLU A 172 -23.74 3.10 -11.16
N ALA A 173 -22.56 2.55 -10.92
CA ALA A 173 -21.40 2.83 -11.75
C ALA A 173 -21.65 2.38 -13.19
N VAL A 174 -22.12 1.15 -13.37
CA VAL A 174 -22.39 0.60 -14.70
C VAL A 174 -23.46 1.39 -15.44
N ASP A 175 -24.49 1.83 -14.73
CA ASP A 175 -25.50 2.71 -15.29
C ASP A 175 -24.92 4.06 -15.69
N LEU A 176 -24.16 4.66 -14.78
CA LEU A 176 -23.52 5.95 -15.02
C LEU A 176 -22.48 5.84 -16.15
N ARG A 177 -22.34 4.65 -16.71
CA ARG A 177 -21.46 4.43 -17.86
C ARG A 177 -22.23 4.38 -19.19
N ASP A 178 -23.47 3.90 -19.16
CA ASP A 178 -24.33 3.90 -20.34
C ASP A 178 -25.26 5.13 -20.38
N LEU A 179 -25.04 6.08 -19.49
CA LEU A 179 -25.79 7.34 -19.52
C LEU A 179 -25.18 8.20 -20.62
N ASN A 180 -25.71 8.05 -21.83
CA ASN A 180 -25.08 8.59 -23.06
C ASN A 180 -24.18 7.56 -23.74
N SER A 181 -24.79 6.40 -24.02
CA SER A 181 -24.16 5.22 -24.64
C SER A 181 -22.71 5.39 -25.10
N PRO A 182 -22.47 5.94 -26.33
CA PRO A 182 -21.11 5.74 -26.87
C PRO A 182 -20.03 6.59 -26.18
N HIS A 183 -20.31 7.84 -25.87
CA HIS A 183 -19.29 8.77 -25.37
C HIS A 183 -18.86 8.51 -23.92
N SER A 184 -19.84 8.28 -23.05
CA SER A 184 -19.55 8.02 -21.64
C SER A 184 -18.80 6.69 -21.41
N ARG A 185 -18.98 5.74 -22.32
CA ARG A 185 -18.21 4.48 -22.27
C ARG A 185 -16.78 4.70 -22.73
N ALA A 186 -16.59 5.62 -23.68
CA ALA A 186 -15.26 6.02 -24.12
C ALA A 186 -14.52 6.72 -22.99
N MET A 187 -15.21 7.65 -22.34
CA MET A 187 -14.68 8.44 -21.22
C MET A 187 -14.18 7.56 -20.06
N TYR A 188 -14.90 6.47 -19.81
CA TYR A 188 -14.51 5.53 -18.77
C TYR A 188 -13.21 4.81 -19.16
N VAL A 189 -13.18 4.27 -20.38
CA VAL A 189 -12.06 3.47 -20.87
C VAL A 189 -10.84 4.32 -21.20
N TYR A 190 -11.07 5.50 -21.77
CA TYR A 190 -9.99 6.45 -22.03
C TYR A 190 -10.27 7.80 -21.38
N PRO A 191 -9.99 7.91 -20.07
CA PRO A 191 -10.31 9.14 -19.37
C PRO A 191 -9.27 10.21 -19.71
N PRO A 192 -9.70 11.48 -19.77
CA PRO A 192 -8.74 12.54 -20.03
C PRO A 192 -7.62 12.54 -18.99
N ASN A 193 -6.39 12.48 -19.45
CA ASN A 193 -5.24 12.53 -18.58
C ASN A 193 -4.80 13.97 -18.43
N VAL A 194 -5.36 14.60 -17.41
CA VAL A 194 -5.42 16.05 -17.36
C VAL A 194 -4.97 16.57 -16.00
N GLU A 195 -4.36 17.75 -15.98
CA GLU A 195 -3.96 18.41 -14.73
C GLU A 195 -5.20 18.90 -13.97
N SER A 196 -5.03 19.24 -12.71
CA SER A 196 -6.17 19.68 -11.89
C SER A 196 -6.52 21.16 -12.13
N SER A 197 -5.55 21.95 -12.57
CA SER A 197 -5.80 23.37 -12.87
C SER A 197 -5.54 23.76 -14.32
N PRO A 198 -6.43 24.56 -14.92
CA PRO A 198 -6.20 25.09 -16.25
C PRO A 198 -5.12 26.16 -16.29
N GLU A 199 -5.05 26.97 -15.23
CA GLU A 199 -4.15 28.13 -15.17
C GLU A 199 -2.68 27.70 -15.27
N LEU A 200 -1.92 28.43 -16.08
CA LEU A 200 -0.59 28.01 -16.47
C LEU A 200 0.49 28.87 -15.82
N PRO A 201 1.25 28.30 -14.85
CA PRO A 201 2.47 28.87 -14.24
C PRO A 201 3.35 29.65 -15.21
N LYS A 202 3.88 30.78 -14.73
CA LYS A 202 4.60 31.76 -15.55
C LYS A 202 5.64 31.13 -16.45
N HIS A 203 6.55 30.35 -15.87
CA HIS A 203 7.69 29.81 -16.59
C HIS A 203 7.31 28.84 -17.70
N ILE A 204 6.13 28.26 -17.59
CA ILE A 204 5.64 27.34 -18.62
C ILE A 204 4.96 28.13 -19.73
N TYR A 205 4.08 29.07 -19.35
CA TYR A 205 3.47 30.03 -20.28
C TYR A 205 4.52 30.75 -21.14
N ASN A 206 5.56 31.25 -20.47
CA ASN A 206 6.66 31.96 -21.13
C ASN A 206 7.42 31.14 -22.17
N LYS A 207 7.35 29.82 -22.09
CA LYS A 207 7.92 28.97 -23.13
C LYS A 207 7.15 29.07 -24.45
N LEU A 208 5.92 29.57 -24.38
CA LEU A 208 5.15 29.89 -25.57
C LEU A 208 5.50 31.32 -26.03
N ASP A 209 5.46 32.25 -25.07
CA ASP A 209 5.74 33.69 -25.28
C ASP A 209 4.91 34.41 -26.37
N LYS A 210 3.77 33.80 -26.72
CA LYS A 210 2.71 34.43 -27.51
C LYS A 210 1.38 33.95 -26.93
N GLY A 211 1.47 32.93 -26.08
CA GLY A 211 0.30 32.26 -25.52
C GLY A 211 -0.20 31.19 -26.47
N GLN A 212 0.68 30.70 -27.34
CA GLN A 212 0.30 29.70 -28.33
C GLN A 212 1.38 28.72 -28.79
N ILE A 213 0.92 27.59 -29.33
CA ILE A 213 1.73 26.39 -29.48
C ILE A 213 1.68 25.83 -30.91
N ILE A 214 2.77 25.19 -31.33
CA ILE A 214 2.82 24.50 -32.60
C ILE A 214 2.60 23.01 -32.38
N VAL A 215 1.57 22.49 -33.03
CA VAL A 215 1.20 21.09 -32.89
C VAL A 215 1.18 20.44 -34.28
N VAL A 216 1.58 19.17 -34.34
CA VAL A 216 1.53 18.39 -35.57
C VAL A 216 0.40 17.38 -35.46
N ILE A 217 -0.43 17.31 -36.50
CA ILE A 217 -1.63 16.47 -36.53
C ILE A 217 -1.54 15.43 -37.65
N TRP A 218 -1.62 14.15 -37.28
CA TRP A 218 -1.40 13.05 -38.22
C TRP A 218 -2.67 12.28 -38.59
N VAL A 219 -2.77 11.91 -39.87
CA VAL A 219 -3.89 11.15 -40.39
C VAL A 219 -3.36 9.96 -41.19
N ILE A 220 -3.93 8.79 -40.93
CA ILE A 220 -3.62 7.59 -41.70
C ILE A 220 -4.56 7.50 -42.90
N VAL A 221 -3.98 7.61 -44.10
CA VAL A 221 -4.73 7.76 -45.35
C VAL A 221 -4.93 6.42 -46.09
N SER A 222 -5.96 6.39 -46.95
CA SER A 222 -6.41 5.20 -47.70
C SER A 222 -5.39 4.03 -47.80
N PRO A 223 -5.86 2.79 -47.49
CA PRO A 223 -5.16 1.60 -46.95
C PRO A 223 -3.62 1.59 -46.95
N ASN A 224 -3.01 2.46 -47.76
CA ASN A 224 -1.55 2.53 -47.93
C ASN A 224 -0.76 2.84 -46.66
N ASN A 225 -1.46 2.90 -45.52
CA ASN A 225 -0.89 3.36 -44.23
C ASN A 225 0.06 4.57 -44.40
N ASP A 226 -0.20 5.34 -45.45
CA ASP A 226 0.55 6.57 -45.73
C ASP A 226 0.12 7.63 -44.73
N LYS A 227 1.07 8.48 -44.37
CA LYS A 227 0.86 9.38 -43.24
C LYS A 227 1.05 10.84 -43.64
N GLN A 228 -0.04 11.51 -43.96
CA GLN A 228 -0.02 12.96 -44.10
C GLN A 228 -0.06 13.64 -42.74
N LYS A 229 0.57 14.82 -42.66
CA LYS A 229 0.57 15.61 -41.43
C LYS A 229 0.12 17.04 -41.69
N TYR A 230 -0.29 17.72 -40.63
CA TYR A 230 -0.69 19.11 -40.70
C TYR A 230 -0.15 19.84 -39.50
N THR A 231 0.63 20.89 -39.77
CA THR A 231 1.15 21.73 -38.69
C THR A 231 0.21 22.90 -38.46
N LEU A 232 -0.25 23.02 -37.22
CA LEU A 232 -1.14 24.11 -36.83
C LEU A 232 -0.49 24.91 -35.73
N LYS A 233 -0.80 26.20 -35.71
CA LYS A 233 -0.34 27.06 -34.65
C LYS A 233 -1.59 27.59 -33.96
N ILE A 234 -1.71 27.26 -32.69
CA ILE A 234 -2.98 27.36 -32.00
C ILE A 234 -2.75 27.93 -30.60
N ASN A 235 -3.77 28.60 -30.06
CA ASN A 235 -3.78 29.06 -28.67
C ASN A 235 -3.72 27.89 -27.72
N HIS A 236 -2.77 27.93 -26.79
CA HIS A 236 -2.57 26.85 -25.83
C HIS A 236 -3.85 26.43 -25.11
N ASP A 237 -4.81 27.33 -25.00
CA ASP A 237 -6.04 27.04 -24.27
C ASP A 237 -7.23 26.62 -25.15
N CYS A 238 -6.95 26.21 -26.37
CA CYS A 238 -7.96 25.64 -27.28
C CYS A 238 -8.45 24.28 -26.81
N VAL A 239 -9.77 24.08 -26.86
CA VAL A 239 -10.34 22.76 -26.62
C VAL A 239 -10.04 21.84 -27.82
N PRO A 240 -10.07 20.51 -27.63
CA PRO A 240 -9.78 19.61 -28.76
C PRO A 240 -10.66 19.84 -29.97
N GLU A 241 -11.94 20.14 -29.72
CA GLU A 241 -12.87 20.52 -30.78
C GLU A 241 -12.30 21.62 -31.71
N GLN A 242 -11.59 22.59 -31.14
CA GLN A 242 -11.09 23.74 -31.90
C GLN A 242 -9.78 23.50 -32.64
N VAL A 243 -8.98 22.56 -32.14
CA VAL A 243 -7.81 22.07 -32.86
C VAL A 243 -8.28 21.31 -34.10
N ILE A 244 -9.28 20.45 -33.92
CA ILE A 244 -9.88 19.73 -35.04
C ILE A 244 -10.47 20.71 -36.06
N ALA A 245 -11.12 21.75 -35.55
CA ALA A 245 -11.72 22.80 -36.38
C ALA A 245 -10.65 23.51 -37.21
N GLU A 246 -9.50 23.76 -36.60
CA GLU A 246 -8.39 24.36 -37.31
C GLU A 246 -7.76 23.41 -38.33
N ALA A 247 -7.91 22.10 -38.09
CA ALA A 247 -7.40 21.08 -38.98
C ALA A 247 -8.30 20.96 -40.21
N ILE A 248 -9.60 21.14 -39.99
CA ILE A 248 -10.55 21.16 -41.09
C ILE A 248 -10.27 22.38 -41.94
N ARG A 249 -10.21 23.56 -41.33
CA ARG A 249 -9.90 24.80 -42.03
C ARG A 249 -8.64 24.71 -42.88
N LYS A 250 -7.59 24.09 -42.37
CA LYS A 250 -6.39 23.91 -43.17
C LYS A 250 -6.64 23.07 -44.42
N LYS A 251 -7.19 21.86 -44.25
CA LYS A 251 -7.42 20.93 -45.35
C LYS A 251 -8.35 21.54 -46.39
N THR A 252 -9.39 22.19 -45.90
CA THR A 252 -10.43 22.79 -46.70
C THR A 252 -9.96 23.99 -47.53
N ARG A 253 -8.92 24.68 -47.05
CA ARG A 253 -8.30 25.76 -47.82
C ARG A 253 -7.97 25.30 -49.24
N SER A 254 -7.31 24.16 -49.37
CA SER A 254 -6.85 23.65 -50.66
C SER A 254 -7.97 23.43 -51.67
N MET A 255 -9.16 23.09 -51.17
CA MET A 255 -10.32 22.78 -52.02
C MET A 255 -11.05 24.03 -52.49
N LEU A 256 -10.48 25.18 -52.17
CA LEU A 256 -11.16 26.46 -52.30
C LEU A 256 -12.46 26.44 -51.49
N LEU A 257 -13.60 26.27 -52.14
CA LEU A 257 -14.93 26.32 -51.50
C LEU A 257 -15.29 27.72 -50.98
N SER A 258 -16.57 28.03 -51.06
CA SER A 258 -17.08 29.32 -50.61
C SER A 258 -17.11 29.37 -49.10
N SER A 259 -16.93 30.56 -48.54
CA SER A 259 -17.27 30.78 -47.14
C SER A 259 -18.77 30.48 -47.05
N GLU A 260 -19.26 30.24 -45.84
CA GLU A 260 -20.61 29.70 -45.62
C GLU A 260 -20.62 28.17 -45.84
N GLN A 261 -20.07 27.69 -46.96
CA GLN A 261 -19.79 26.26 -47.10
C GLN A 261 -18.63 25.88 -46.20
N LEU A 262 -17.60 26.72 -46.20
CA LEU A 262 -16.47 26.65 -45.27
C LEU A 262 -17.00 26.62 -43.83
N LYS A 263 -17.90 27.56 -43.53
CA LYS A 263 -18.48 27.73 -42.19
C LYS A 263 -19.41 26.56 -41.80
N LEU A 264 -20.15 26.04 -42.78
CA LEU A 264 -21.06 24.92 -42.56
C LEU A 264 -20.26 23.64 -42.33
N CYS A 265 -19.13 23.56 -43.03
CA CYS A 265 -18.26 22.40 -42.96
C CYS A 265 -17.67 22.21 -41.56
N VAL A 266 -17.01 23.24 -41.04
CA VAL A 266 -16.45 23.20 -39.69
C VAL A 266 -17.54 22.86 -38.69
N LEU A 267 -18.63 23.63 -38.72
CA LEU A 267 -19.76 23.48 -37.79
C LEU A 267 -20.31 22.06 -37.72
N GLU A 268 -20.26 21.33 -38.83
CA GLU A 268 -20.90 20.03 -38.89
C GLU A 268 -19.94 18.84 -38.87
N TYR A 269 -18.64 19.11 -38.71
CA TYR A 269 -17.66 18.02 -38.67
C TYR A 269 -16.67 18.06 -37.51
N GLN A 270 -16.57 19.21 -36.83
CA GLN A 270 -15.83 19.32 -35.55
C GLN A 270 -16.05 18.10 -34.66
N GLY A 271 -17.31 17.85 -34.33
CA GLY A 271 -17.66 16.83 -33.37
C GLY A 271 -17.72 15.44 -33.97
N LYS A 272 -17.12 15.28 -35.15
CA LYS A 272 -17.12 14.00 -35.84
C LYS A 272 -15.76 13.32 -35.84
N TYR A 273 -14.76 14.01 -35.29
CA TYR A 273 -13.41 13.50 -35.21
C TYR A 273 -12.88 13.54 -33.79
N ILE A 274 -11.80 12.82 -33.56
CA ILE A 274 -11.26 12.61 -32.22
C ILE A 274 -9.73 12.69 -32.26
N LEU A 275 -9.14 13.26 -31.22
CA LEU A 275 -7.69 13.37 -31.11
C LEU A 275 -7.09 12.32 -30.18
N LYS A 276 -5.98 11.74 -30.63
CA LYS A 276 -5.24 10.70 -29.92
C LYS A 276 -3.79 11.15 -29.86
N VAL A 277 -3.10 10.81 -28.78
CA VAL A 277 -1.65 11.00 -28.74
C VAL A 277 -1.03 9.90 -29.59
N CYS A 278 -0.02 10.25 -30.38
CA CYS A 278 0.68 9.29 -31.23
C CYS A 278 1.57 8.39 -30.40
N GLY A 279 1.35 7.09 -30.51
CA GLY A 279 2.23 6.10 -29.87
C GLY A 279 1.85 5.60 -28.48
N CYS A 280 0.66 5.97 -28.01
CA CYS A 280 0.11 5.42 -26.78
C CYS A 280 -1.39 5.65 -26.77
N ASP A 281 -2.10 4.90 -25.95
CA ASP A 281 -3.55 4.94 -25.96
C ASP A 281 -4.15 6.04 -25.10
N GLU A 282 -3.80 7.28 -25.39
CA GLU A 282 -4.39 8.42 -24.70
C GLU A 282 -5.19 9.30 -25.64
N TYR A 283 -6.35 9.74 -25.18
CA TYR A 283 -7.28 10.49 -26.00
C TYR A 283 -7.64 11.84 -25.38
N PHE A 284 -8.16 12.74 -26.22
CA PHE A 284 -8.55 14.06 -25.78
C PHE A 284 -10.07 14.16 -25.83
N LEU A 285 -10.75 13.28 -25.11
CA LEU A 285 -12.18 13.12 -25.28
C LEU A 285 -13.02 14.20 -24.59
N GLU A 286 -12.38 15.12 -23.87
CA GLU A 286 -13.10 16.18 -23.16
C GLU A 286 -12.67 17.59 -23.50
N LYS A 287 -13.59 18.53 -23.28
CA LYS A 287 -13.39 19.94 -23.61
C LYS A 287 -12.52 20.71 -22.62
N TYR A 288 -11.47 20.08 -22.10
CA TYR A 288 -10.46 20.79 -21.34
C TYR A 288 -9.57 21.54 -22.32
N PRO A 289 -9.08 22.74 -21.95
CA PRO A 289 -8.10 23.40 -22.83
C PRO A 289 -6.93 22.46 -23.10
N LEU A 290 -6.35 22.57 -24.30
CA LEU A 290 -5.30 21.67 -24.75
C LEU A 290 -4.17 21.53 -23.74
N SER A 291 -3.72 22.66 -23.18
CA SER A 291 -2.54 22.66 -22.32
C SER A 291 -2.82 22.14 -20.91
N GLN A 292 -4.08 21.85 -20.61
CA GLN A 292 -4.40 21.20 -19.35
C GLN A 292 -4.15 19.69 -19.41
N TYR A 293 -4.02 19.14 -20.63
CA TYR A 293 -3.63 17.75 -20.81
C TYR A 293 -2.15 17.56 -20.47
N LYS A 294 -1.89 16.66 -19.52
CA LYS A 294 -0.53 16.32 -19.08
C LYS A 294 0.47 16.11 -20.23
N TYR A 295 0.00 15.56 -21.35
CA TYR A 295 0.89 15.35 -22.49
C TYR A 295 1.32 16.67 -23.13
N ILE A 296 0.37 17.59 -23.31
CA ILE A 296 0.71 18.86 -23.92
C ILE A 296 1.64 19.64 -22.98
N ARG A 297 1.27 19.71 -21.71
CA ARG A 297 2.11 20.42 -20.75
C ARG A 297 3.52 19.83 -20.71
N SER A 298 3.60 18.50 -20.72
CA SER A 298 4.88 17.81 -20.78
C SER A 298 5.67 18.17 -22.05
N CYS A 299 4.97 18.28 -23.19
CA CYS A 299 5.59 18.67 -24.46
C CYS A 299 6.23 20.06 -24.38
N ILE A 300 5.48 20.99 -23.83
CA ILE A 300 6.00 22.33 -23.60
C ILE A 300 7.29 22.21 -22.79
N MET A 301 7.22 21.52 -21.65
CA MET A 301 8.36 21.30 -20.78
C MET A 301 9.58 20.82 -21.55
N LEU A 302 9.42 19.68 -22.21
CA LEU A 302 10.52 19.00 -22.89
C LEU A 302 11.05 19.73 -24.13
N GLY A 303 10.32 20.76 -24.58
CA GLY A 303 10.62 21.42 -25.85
C GLY A 303 10.36 20.46 -27.00
N ARG A 304 9.27 19.71 -26.90
CA ARG A 304 8.83 18.84 -27.97
C ARG A 304 7.61 19.43 -28.65
N MET A 305 7.39 18.97 -29.87
CA MET A 305 6.19 19.31 -30.62
C MET A 305 5.12 18.24 -30.35
N PRO A 306 3.96 18.65 -29.83
CA PRO A 306 2.85 17.73 -29.67
C PRO A 306 2.49 17.03 -30.99
N ASN A 307 2.60 15.70 -31.00
CA ASN A 307 2.13 14.91 -32.13
C ASN A 307 0.81 14.25 -31.80
N LEU A 308 -0.24 14.63 -32.50
CA LEU A 308 -1.57 14.09 -32.24
C LEU A 308 -2.06 13.36 -33.47
N MET A 309 -2.87 12.34 -33.26
CA MET A 309 -3.48 11.64 -34.38
C MET A 309 -4.96 11.97 -34.46
N LEU A 310 -5.40 12.31 -35.67
CA LEU A 310 -6.79 12.65 -35.96
C LEU A 310 -7.49 11.40 -36.44
N MET A 311 -8.72 11.21 -35.99
CA MET A 311 -9.35 9.91 -36.08
C MET A 311 -10.85 10.14 -36.02
N ALA A 312 -11.60 9.37 -36.80
CA ALA A 312 -13.06 9.44 -36.74
C ALA A 312 -13.58 8.85 -35.43
N LYS A 313 -14.58 9.51 -34.83
CA LYS A 313 -15.21 9.00 -33.61
C LYS A 313 -15.72 7.58 -33.79
N GLU A 314 -16.41 7.35 -34.90
CA GLU A 314 -16.95 6.04 -35.25
C GLU A 314 -15.91 4.93 -35.14
N SER A 315 -14.68 5.22 -35.55
CA SER A 315 -13.64 4.20 -35.54
C SER A 315 -13.16 3.84 -34.13
N LEU A 316 -13.18 4.80 -33.21
CA LEU A 316 -12.92 4.53 -31.79
C LEU A 316 -14.14 3.86 -31.17
N TYR A 317 -15.31 4.47 -31.38
CA TYR A 317 -16.57 4.02 -30.79
C TYR A 317 -16.97 2.61 -31.21
N SER A 318 -16.70 2.25 -32.46
CA SER A 318 -17.04 0.93 -32.99
C SER A 318 -16.23 -0.17 -32.33
N GLN A 319 -15.09 0.18 -31.78
CA GLN A 319 -14.17 -0.81 -31.24
C GLN A 319 -14.10 -0.76 -29.72
N LEU A 320 -15.22 -0.42 -29.11
CA LEU A 320 -15.33 -0.48 -27.65
C LEU A 320 -16.38 -1.51 -27.28
N PRO A 321 -16.02 -2.80 -27.33
CA PRO A 321 -17.03 -3.79 -26.96
C PRO A 321 -17.28 -3.65 -25.46
N MET A 322 -18.56 -3.56 -25.09
CA MET A 322 -19.01 -3.45 -23.69
C MET A 322 -20.51 -3.75 -23.66
N ASP A 323 -20.98 -4.26 -22.52
CA ASP A 323 -22.41 -4.33 -22.19
C ASP A 323 -22.67 -5.13 -20.92
N CYS A 324 -21.97 -6.25 -20.77
CA CYS A 324 -22.40 -7.28 -19.86
C CYS A 324 -22.05 -7.02 -18.40
N PHE A 325 -23.04 -6.53 -17.66
CA PHE A 325 -23.04 -6.63 -16.21
C PHE A 325 -24.26 -7.42 -15.78
N THR A 326 -24.01 -8.53 -15.09
CA THR A 326 -25.08 -9.35 -14.58
C THR A 326 -24.97 -9.42 -13.06
N MET A 327 -26.11 -9.29 -12.39
CA MET A 327 -26.21 -9.56 -10.96
C MET A 327 -25.88 -11.04 -10.74
N PRO A 328 -24.91 -11.32 -9.85
CA PRO A 328 -24.44 -12.69 -9.58
C PRO A 328 -25.44 -13.59 -8.84
N SER A 329 -25.01 -14.83 -8.60
CA SER A 329 -25.80 -15.86 -7.92
C SER A 329 -26.26 -15.44 -6.53
N TYR A 330 -25.33 -14.85 -5.76
CA TYR A 330 -25.63 -14.41 -4.41
C TYR A 330 -26.48 -13.13 -4.37
N SER A 331 -27.72 -13.25 -4.85
CA SER A 331 -28.67 -12.13 -4.82
C SER A 331 -30.07 -12.64 -4.46
N ARG A 332 -30.29 -12.88 -3.16
CA ARG A 332 -31.59 -13.35 -2.66
C ARG A 332 -32.57 -12.20 -2.46
N GLU A 344 -37.38 -7.56 13.99
CA GLU A 344 -37.83 -6.96 15.24
C GLU A 344 -37.64 -7.91 16.43
N THR A 345 -36.62 -7.61 17.24
CA THR A 345 -36.31 -8.37 18.44
C THR A 345 -36.20 -7.42 19.64
N SER A 346 -35.62 -7.89 20.75
CA SER A 346 -35.81 -7.28 22.07
C SER A 346 -35.07 -5.94 22.35
N THR A 347 -34.06 -5.63 21.54
CA THR A 347 -33.31 -4.34 21.55
C THR A 347 -33.52 -3.32 22.71
N LYS A 348 -32.54 -3.25 23.60
CA LYS A 348 -32.34 -2.13 24.52
C LYS A 348 -31.36 -1.13 23.90
N SER A 349 -31.45 0.13 24.30
CA SER A 349 -30.45 1.12 23.89
C SER A 349 -29.23 1.06 24.78
N LEU A 350 -28.05 1.24 24.18
CA LEU A 350 -26.79 1.23 24.92
C LEU A 350 -26.87 2.11 26.15
N TRP A 351 -27.45 3.30 26.03
CA TRP A 351 -27.38 4.17 27.19
C TRP A 351 -28.49 4.12 28.23
N VAL A 352 -28.97 2.89 28.41
CA VAL A 352 -29.96 2.54 29.39
C VAL A 352 -29.30 1.51 30.30
N ILE A 353 -28.23 0.91 29.81
CA ILE A 353 -27.50 -0.07 30.60
C ILE A 353 -26.75 0.65 31.71
N ASN A 354 -27.11 0.31 32.94
CA ASN A 354 -26.74 1.07 34.11
C ASN A 354 -25.48 0.57 34.83
N SER A 355 -24.74 -0.31 34.19
CA SER A 355 -23.57 -0.92 34.84
C SER A 355 -22.25 -0.47 34.23
N ALA A 356 -21.17 -0.72 34.98
CA ALA A 356 -19.82 -0.56 34.46
C ALA A 356 -19.47 -1.73 33.54
N LEU A 357 -18.60 -1.48 32.57
CA LEU A 357 -18.20 -2.51 31.63
C LEU A 357 -17.28 -3.55 32.27
N ARG A 358 -17.60 -4.81 32.07
CA ARG A 358 -16.70 -5.88 32.47
C ARG A 358 -16.62 -6.95 31.39
N ILE A 359 -15.49 -7.64 31.34
CA ILE A 359 -15.29 -8.71 30.37
C ILE A 359 -14.68 -9.93 31.06
N LYS A 360 -15.28 -11.10 30.83
CA LYS A 360 -14.81 -12.32 31.46
C LYS A 360 -13.74 -13.01 30.61
N ILE A 361 -12.58 -13.24 31.22
CA ILE A 361 -11.50 -13.98 30.58
C ILE A 361 -11.50 -15.43 31.06
N LEU A 362 -11.94 -16.33 30.19
CA LEU A 362 -12.04 -17.72 30.57
C LEU A 362 -10.68 -18.42 30.58
N CYS A 363 -10.22 -18.83 29.39
CA CYS A 363 -9.03 -19.66 29.25
C CYS A 363 -8.49 -19.63 27.82
N ALA A 364 -7.21 -19.98 27.68
CA ALA A 364 -6.57 -20.13 26.38
C ALA A 364 -6.28 -21.60 26.14
N THR A 365 -6.24 -22.01 24.87
CA THR A 365 -5.94 -23.41 24.52
C THR A 365 -4.49 -23.76 24.85
N TYR A 366 -3.57 -22.86 24.49
CA TYR A 366 -2.15 -23.02 24.78
C TYR A 366 -1.39 -21.77 24.38
N VAL A 367 -0.18 -21.64 24.91
CA VAL A 367 0.78 -20.68 24.40
C VAL A 367 2.17 -21.35 24.31
N ASN A 368 2.98 -20.89 23.37
CA ASN A 368 4.25 -21.55 23.08
C ASN A 368 5.46 -21.00 23.87
N VAL A 369 5.58 -21.44 25.10
CA VAL A 369 6.77 -21.19 25.92
C VAL A 369 7.13 -22.51 26.60
N ASN A 370 8.42 -22.73 26.87
CA ASN A 370 8.83 -23.98 27.50
C ASN A 370 8.45 -24.09 28.99
N ILE A 371 8.95 -23.14 29.78
CA ILE A 371 8.83 -23.09 31.25
C ILE A 371 10.23 -22.93 31.87
N ARG A 372 11.22 -22.68 31.00
CA ARG A 372 12.59 -22.32 31.38
C ARG A 372 12.61 -21.52 32.68
N ASP A 373 11.87 -20.42 32.68
CA ASP A 373 11.41 -19.81 33.91
C ASP A 373 9.99 -19.31 33.74
N ILE A 374 9.12 -19.80 34.61
CA ILE A 374 7.70 -19.47 34.61
C ILE A 374 7.49 -17.99 34.96
N ASP A 375 7.97 -17.12 34.08
CA ASP A 375 7.70 -15.68 34.17
C ASP A 375 6.18 -15.48 34.06
N LYS A 376 5.48 -16.62 34.01
CA LYS A 376 4.02 -16.75 34.05
C LYS A 376 3.30 -16.13 32.86
N ILE A 377 2.06 -16.55 32.64
CA ILE A 377 1.21 -15.94 31.62
C ILE A 377 -0.01 -15.26 32.24
N TYR A 378 -0.36 -14.11 31.68
CA TYR A 378 -1.56 -13.39 32.07
C TYR A 378 -2.11 -12.71 30.85
N VAL A 379 -3.43 -12.57 30.80
CA VAL A 379 -4.07 -11.83 29.73
C VAL A 379 -4.13 -10.36 30.11
N ARG A 380 -3.57 -9.53 29.24
CA ARG A 380 -3.69 -8.08 29.38
C ARG A 380 -4.79 -7.58 28.45
N THR A 381 -5.63 -6.67 28.96
CA THR A 381 -6.74 -6.13 28.18
C THR A 381 -6.77 -4.61 28.24
N GLY A 382 -7.35 -4.00 27.21
CA GLY A 382 -7.55 -2.56 27.16
C GLY A 382 -8.76 -2.21 26.34
N ILE A 383 -9.48 -1.17 26.76
CA ILE A 383 -10.56 -0.63 25.94
C ILE A 383 -10.02 0.58 25.16
N TYR A 384 -10.18 0.55 23.84
CA TYR A 384 -9.46 1.48 22.96
C TYR A 384 -10.29 2.21 21.92
N HIS A 385 -9.78 3.37 21.54
CA HIS A 385 -10.27 4.19 20.46
C HIS A 385 -9.05 4.56 19.58
N GLY A 386 -8.14 3.61 19.38
CA GLY A 386 -6.76 3.92 18.93
C GLY A 386 -5.92 4.55 20.05
N GLY A 387 -6.54 5.44 20.84
CA GLY A 387 -5.89 6.11 21.98
C GLY A 387 -6.26 5.61 23.37
N GLU A 388 -7.40 4.92 23.49
CA GLU A 388 -7.89 4.25 24.74
C GLU A 388 -8.67 5.05 25.80
N PRO A 389 -10.01 4.85 25.84
CA PRO A 389 -10.99 5.38 26.79
C PRO A 389 -10.84 5.02 28.28
N LEU A 390 -9.82 4.25 28.68
CA LEU A 390 -9.62 3.97 30.10
C LEU A 390 -8.30 3.27 30.46
N CYS A 391 -8.04 3.21 31.76
CA CYS A 391 -6.92 2.46 32.31
C CYS A 391 -7.12 0.97 32.09
N ASP A 392 -6.18 0.34 31.38
CA ASP A 392 -6.31 -1.07 31.04
C ASP A 392 -5.78 -2.00 32.13
N ASN A 393 -6.31 -3.21 32.20
CA ASN A 393 -5.95 -4.10 33.29
C ASN A 393 -5.65 -5.55 32.92
N VAL A 394 -4.80 -6.15 33.74
CA VAL A 394 -4.38 -7.52 33.62
C VAL A 394 -5.20 -8.38 34.56
N ASN A 395 -5.31 -9.67 34.25
CA ASN A 395 -5.84 -10.62 35.23
C ASN A 395 -4.69 -11.11 36.09
N THR A 396 -4.98 -11.83 37.16
CA THR A 396 -3.92 -12.33 38.04
C THR A 396 -2.99 -13.22 37.22
N GLN A 397 -1.69 -13.15 37.52
CA GLN A 397 -0.69 -14.02 36.89
C GLN A 397 -0.98 -15.46 37.28
N ARG A 398 -2.25 -15.83 37.20
CA ARG A 398 -2.73 -17.17 37.55
C ARG A 398 -2.37 -18.12 36.42
N VAL A 399 -1.27 -18.85 36.66
CA VAL A 399 -0.65 -19.62 35.61
C VAL A 399 0.46 -20.53 36.12
N PRO A 400 0.19 -21.84 36.18
CA PRO A 400 1.16 -22.68 35.51
C PRO A 400 0.89 -22.48 34.00
N CYS A 401 1.93 -22.37 33.19
CA CYS A 401 1.77 -22.21 31.74
C CYS A 401 1.13 -23.46 31.16
N SER A 402 1.38 -24.58 31.83
CA SER A 402 0.69 -25.85 31.59
C SER A 402 -0.81 -25.65 31.38
N ASN A 403 -1.46 -24.93 32.29
CA ASN A 403 -2.89 -24.61 32.12
C ASN A 403 -3.26 -23.13 32.13
N PRO A 404 -3.47 -22.56 30.94
CA PRO A 404 -3.93 -21.20 30.82
C PRO A 404 -5.41 -21.09 31.18
N ARG A 405 -5.69 -20.75 32.43
CA ARG A 405 -7.06 -20.61 32.92
C ARG A 405 -7.15 -19.52 33.98
N TRP A 406 -8.12 -18.63 33.81
CA TRP A 406 -8.32 -17.51 34.71
C TRP A 406 -9.75 -17.49 35.25
N ASN A 407 -10.70 -17.66 34.33
CA ASN A 407 -12.14 -17.65 34.64
C ASN A 407 -12.68 -16.43 35.39
N GLU A 408 -11.98 -15.30 35.30
CA GLU A 408 -12.35 -14.11 36.05
C GLU A 408 -12.93 -12.97 35.22
N TRP A 409 -13.84 -12.21 35.84
CA TRP A 409 -14.36 -11.00 35.27
C TRP A 409 -13.39 -9.87 35.54
N LEU A 410 -13.01 -9.15 34.50
CA LEU A 410 -12.18 -7.96 34.65
C LEU A 410 -13.09 -6.74 34.65
N ASN A 411 -12.80 -5.80 35.54
CA ASN A 411 -13.62 -4.62 35.70
C ASN A 411 -12.92 -3.37 35.17
N TYR A 412 -13.59 -2.69 34.25
CA TYR A 412 -13.06 -1.50 33.62
C TYR A 412 -13.73 -0.29 34.22
N ASP A 413 -12.97 0.79 34.36
CA ASP A 413 -13.57 2.01 34.86
C ASP A 413 -13.99 2.91 33.69
N ILE A 414 -15.08 2.48 33.07
CA ILE A 414 -15.82 3.24 32.10
C ILE A 414 -17.27 2.76 32.17
N TYR A 415 -18.16 3.73 32.27
CA TYR A 415 -19.58 3.47 32.28
C TYR A 415 -19.98 3.02 30.86
N ILE A 416 -20.73 1.92 30.76
CA ILE A 416 -21.15 1.37 29.46
C ILE A 416 -21.77 2.39 28.49
N PRO A 417 -22.72 3.22 28.96
CA PRO A 417 -23.22 4.32 28.14
C PRO A 417 -22.16 5.28 27.61
N ASP A 418 -21.01 5.37 28.26
CA ASP A 418 -19.96 6.25 27.77
C ASP A 418 -19.19 5.66 26.60
N LEU A 419 -19.43 4.39 26.29
CA LEU A 419 -18.73 3.70 25.21
C LEU A 419 -19.01 4.33 23.87
N PRO A 420 -17.95 4.86 23.21
CA PRO A 420 -18.05 5.44 21.88
C PRO A 420 -18.26 4.36 20.80
N ARG A 421 -18.94 4.73 19.72
CA ARG A 421 -19.29 3.81 18.66
C ARG A 421 -18.14 2.93 18.16
N ALA A 422 -16.95 3.50 17.99
CA ALA A 422 -15.80 2.75 17.52
C ALA A 422 -14.97 2.13 18.66
N ALA A 423 -15.60 1.92 19.81
CA ALA A 423 -14.91 1.32 20.95
C ALA A 423 -14.46 -0.09 20.61
N ARG A 424 -13.24 -0.45 21.00
CA ARG A 424 -12.85 -1.86 20.89
C ARG A 424 -11.98 -2.37 22.03
N LEU A 425 -11.98 -3.69 22.16
CA LEU A 425 -11.17 -4.39 23.16
C LEU A 425 -9.92 -4.93 22.49
N CYS A 426 -8.76 -4.60 23.05
CA CYS A 426 -7.48 -5.06 22.54
C CYS A 426 -6.79 -5.88 23.62
N LEU A 427 -6.51 -7.15 23.35
CA LEU A 427 -5.94 -8.03 24.37
C LEU A 427 -4.71 -8.82 23.93
N SER A 428 -3.97 -9.33 24.91
CA SER A 428 -2.81 -10.17 24.66
C SER A 428 -2.45 -11.08 25.83
N ILE A 429 -1.62 -12.08 25.55
CA ILE A 429 -0.96 -12.90 26.57
C ILE A 429 0.53 -12.65 26.37
N CYS A 430 1.29 -12.34 27.42
CA CYS A 430 2.67 -11.81 27.19
C CYS A 430 3.80 -12.10 28.20
N SER A 431 4.73 -11.12 28.31
CA SER A 431 5.74 -11.01 29.39
C SER A 431 6.68 -9.79 29.26
N VAL A 432 7.12 -9.26 30.41
CA VAL A 432 8.10 -8.15 30.48
C VAL A 432 9.35 -8.47 31.34
N LYS A 433 9.11 -8.97 32.55
CA LYS A 433 10.14 -9.22 33.59
C LYS A 433 10.17 -8.18 34.72
N GLY A 434 10.39 -8.65 35.94
CA GLY A 434 10.47 -7.79 37.12
C GLY A 434 11.90 -7.71 37.65
N ARG A 435 12.36 -6.49 37.89
CA ARG A 435 13.75 -6.23 38.27
C ARG A 435 14.10 -6.80 39.64
N LYS A 436 13.69 -6.09 40.69
CA LYS A 436 13.98 -6.45 42.10
C LYS A 436 15.45 -6.79 42.33
N PRO A 444 4.03 -9.20 23.66
CA PRO A 444 4.72 -10.48 23.65
C PRO A 444 3.77 -11.67 23.63
N LEU A 445 4.19 -12.76 22.99
CA LEU A 445 3.41 -14.01 22.86
C LEU A 445 2.33 -14.03 21.75
N ALA A 446 1.16 -13.44 22.03
CA ALA A 446 0.01 -13.52 21.12
C ALA A 446 -1.05 -12.46 21.44
N TRP A 447 -1.56 -11.81 20.39
CA TRP A 447 -2.49 -10.66 20.53
C TRP A 447 -3.76 -10.79 19.68
N GLY A 448 -4.71 -9.90 19.93
CA GLY A 448 -6.00 -9.93 19.27
C GLY A 448 -6.85 -8.74 19.64
N ASN A 449 -7.67 -8.29 18.69
CA ASN A 449 -8.53 -7.14 18.87
C ASN A 449 -9.97 -7.47 18.52
N ILE A 450 -10.92 -6.87 19.24
CA ILE A 450 -12.32 -7.14 19.02
C ILE A 450 -13.12 -5.83 19.04
N ASN A 451 -13.93 -5.62 18.01
CA ASN A 451 -14.85 -4.51 17.99
C ASN A 451 -15.94 -4.77 18.99
N LEU A 452 -16.13 -3.84 19.93
CA LEU A 452 -17.21 -3.96 20.92
C LEU A 452 -18.59 -3.82 20.28
N PHE A 453 -18.63 -3.30 19.06
CA PHE A 453 -19.89 -3.23 18.33
C PHE A 453 -19.78 -3.92 16.97
N ASP A 454 -20.90 -4.46 16.49
CA ASP A 454 -21.01 -5.02 15.15
C ASP A 454 -21.14 -3.99 14.09
N TYR A 455 -21.19 -4.50 12.86
CA TYR A 455 -21.50 -3.72 11.72
C TYR A 455 -23.00 -3.42 11.70
N THR A 456 -23.71 -3.89 12.72
CA THR A 456 -25.15 -3.66 12.87
C THR A 456 -25.47 -2.83 14.11
N ASP A 457 -24.42 -2.38 14.79
CA ASP A 457 -24.48 -1.53 15.99
C ASP A 457 -24.84 -2.31 17.24
N THR A 458 -24.66 -3.62 17.19
CA THR A 458 -24.94 -4.43 18.35
C THR A 458 -23.75 -4.49 19.26
N LEU A 459 -23.98 -4.26 20.54
CA LEU A 459 -22.95 -4.40 21.56
C LEU A 459 -22.75 -5.89 21.77
N VAL A 460 -21.50 -6.36 21.76
CA VAL A 460 -21.25 -7.81 21.84
C VAL A 460 -21.63 -8.40 23.18
N SER A 461 -22.31 -9.56 23.13
CA SER A 461 -22.64 -10.30 24.34
C SER A 461 -22.49 -11.82 24.17
N GLY A 462 -22.23 -12.50 25.29
CA GLY A 462 -22.17 -13.95 25.30
C GLY A 462 -20.78 -14.54 25.15
N LYS A 463 -20.74 -15.85 24.94
CA LYS A 463 -19.51 -16.62 24.78
C LYS A 463 -18.90 -16.22 23.45
N MET A 464 -17.57 -16.06 23.43
CA MET A 464 -16.87 -15.67 22.22
C MET A 464 -15.47 -16.25 22.23
N ALA A 465 -15.10 -16.88 21.13
CA ALA A 465 -13.75 -17.44 20.98
C ALA A 465 -12.93 -16.63 19.99
N LEU A 466 -11.66 -16.41 20.32
CA LEU A 466 -10.81 -15.56 19.49
C LEU A 466 -9.48 -16.23 19.24
N ASN A 467 -9.15 -16.44 17.97
CA ASN A 467 -7.84 -16.98 17.59
C ASN A 467 -6.82 -15.85 17.50
N LEU A 468 -5.69 -16.02 18.17
CA LEU A 468 -4.74 -14.91 18.31
C LEU A 468 -3.72 -14.84 17.18
N TRP A 469 -3.07 -13.69 17.07
CA TRP A 469 -2.11 -13.40 16.02
C TRP A 469 -0.69 -13.39 16.59
N PRO A 470 0.28 -13.90 15.82
CA PRO A 470 1.70 -13.78 16.13
C PRO A 470 2.15 -12.32 16.20
N VAL A 471 2.96 -12.01 17.21
CA VAL A 471 3.47 -10.66 17.45
C VAL A 471 4.35 -10.20 16.27
N PRO A 472 4.14 -8.95 15.80
CA PRO A 472 4.97 -8.33 14.74
C PRO A 472 6.45 -8.24 15.13
N HIS A 473 7.32 -8.38 14.12
CA HIS A 473 8.78 -8.43 14.31
C HIS A 473 9.33 -7.36 15.26
N GLY A 474 9.10 -6.11 14.92
CA GLY A 474 9.68 -5.01 15.67
C GLY A 474 8.72 -4.48 16.70
N LEU A 475 8.27 -5.35 17.60
CA LEU A 475 7.27 -4.94 18.59
C LEU A 475 7.39 -5.67 19.92
N GLU A 476 7.21 -4.90 20.99
CA GLU A 476 7.19 -5.42 22.34
C GLU A 476 6.43 -4.41 23.18
N ASP A 477 5.12 -4.37 22.99
CA ASP A 477 4.28 -3.35 23.59
C ASP A 477 3.12 -3.93 24.39
N LEU A 478 3.12 -5.24 24.59
CA LEU A 478 2.06 -5.93 25.37
C LEU A 478 0.70 -5.93 24.67
N LEU A 479 0.29 -4.77 24.17
CA LEU A 479 -0.90 -4.69 23.33
C LEU A 479 -0.52 -4.12 21.98
N ASN A 480 -1.29 -4.50 20.96
CA ASN A 480 -1.12 -3.95 19.61
C ASN A 480 -2.44 -3.43 19.06
N PRO A 481 -2.85 -2.22 19.50
CA PRO A 481 -4.15 -1.70 19.08
C PRO A 481 -4.20 -1.24 17.61
N ILE A 482 -3.05 -1.02 16.99
CA ILE A 482 -3.05 -0.59 15.57
C ILE A 482 -3.19 -1.79 14.61
N GLY A 483 -3.17 -3.00 15.16
CA GLY A 483 -3.33 -4.23 14.39
C GLY A 483 -4.77 -4.46 13.99
N VAL A 484 -5.00 -5.45 13.14
CA VAL A 484 -6.34 -5.73 12.61
C VAL A 484 -7.32 -6.15 13.68
N THR A 485 -8.59 -6.21 13.28
CA THR A 485 -9.66 -6.63 14.17
C THR A 485 -10.16 -8.01 13.76
N GLY A 486 -10.55 -8.83 14.74
CA GLY A 486 -11.19 -10.10 14.45
C GLY A 486 -10.27 -11.30 14.54
N SER A 487 -10.88 -12.47 14.73
CA SER A 487 -10.19 -13.74 14.89
C SER A 487 -9.24 -14.05 13.73
N ASN A 488 -8.06 -14.57 14.08
CA ASN A 488 -7.11 -15.12 13.10
C ASN A 488 -7.78 -16.24 12.31
N PRO A 489 -7.72 -16.18 10.96
CA PRO A 489 -8.30 -17.22 10.11
C PRO A 489 -7.70 -18.59 10.37
N ASN A 490 -6.43 -18.60 10.78
CA ASN A 490 -5.69 -19.82 11.04
C ASN A 490 -6.05 -20.37 12.43
N LYS A 491 -6.73 -21.51 12.42
CA LYS A 491 -7.26 -22.10 13.66
C LYS A 491 -6.22 -22.87 14.45
N GLU A 492 -5.07 -23.14 13.83
CA GLU A 492 -3.96 -23.85 14.47
C GLU A 492 -3.09 -22.88 15.28
N THR A 493 -3.74 -22.11 16.15
CA THR A 493 -3.11 -21.02 16.88
C THR A 493 -3.68 -20.94 18.30
N PRO A 494 -2.95 -20.29 19.23
CA PRO A 494 -3.53 -19.99 20.55
C PRO A 494 -4.92 -19.35 20.41
N CYS A 495 -5.84 -19.77 21.28
CA CYS A 495 -7.25 -19.40 21.15
C CYS A 495 -7.88 -19.06 22.49
N LEU A 496 -8.14 -17.77 22.69
CA LEU A 496 -8.69 -17.23 23.91
C LEU A 496 -10.21 -17.29 23.91
N GLU A 497 -10.78 -17.61 25.07
CA GLU A 497 -12.22 -17.63 25.24
C GLU A 497 -12.69 -16.53 26.19
N LEU A 498 -13.68 -15.74 25.74
CA LEU A 498 -14.19 -14.63 26.52
C LEU A 498 -15.69 -14.70 26.68
N GLU A 499 -16.18 -14.19 27.80
CA GLU A 499 -17.61 -14.03 28.04
C GLU A 499 -17.89 -12.54 28.15
N PHE A 500 -18.81 -12.08 27.33
CA PHE A 500 -19.27 -10.70 27.39
C PHE A 500 -20.59 -10.69 28.14
N ASP A 501 -20.85 -9.59 28.85
CA ASP A 501 -22.10 -9.44 29.59
C ASP A 501 -23.34 -9.62 28.73
N TRP A 502 -24.34 -10.26 29.30
CA TRP A 502 -25.64 -10.36 28.66
C TRP A 502 -26.63 -9.62 29.53
N PHE A 503 -27.23 -8.58 28.97
CA PHE A 503 -28.30 -7.85 29.64
C PHE A 503 -29.60 -8.44 29.09
N SER A 504 -30.75 -8.02 29.60
CA SER A 504 -32.00 -8.70 29.25
C SER A 504 -32.13 -9.08 27.77
N SER A 505 -31.58 -8.24 26.87
CA SER A 505 -31.70 -8.48 25.43
C SER A 505 -30.50 -8.00 24.60
N VAL A 506 -30.70 -7.93 23.29
CA VAL A 506 -29.79 -7.27 22.35
C VAL A 506 -29.63 -5.79 22.74
N VAL A 507 -28.38 -5.37 22.95
CA VAL A 507 -28.06 -3.97 23.21
C VAL A 507 -27.59 -3.30 21.91
N LYS A 508 -28.18 -2.15 21.58
CA LYS A 508 -27.82 -1.41 20.38
C LYS A 508 -27.35 0.01 20.69
N PHE A 509 -26.39 0.47 19.89
CA PHE A 509 -25.97 1.87 19.90
C PHE A 509 -27.14 2.73 19.45
N PRO A 510 -27.39 3.86 20.16
CA PRO A 510 -28.54 4.72 19.85
C PRO A 510 -28.41 5.37 18.48
N ASP A 511 -29.54 5.77 17.90
CA ASP A 511 -29.53 6.41 16.61
C ASP A 511 -29.05 7.84 16.75
N MET A 512 -28.57 8.39 15.64
CA MET A 512 -28.23 9.79 15.54
C MET A 512 -29.44 10.60 15.96
N SER A 513 -30.61 10.13 15.54
CA SER A 513 -31.88 10.79 15.82
C SER A 513 -32.31 10.62 17.27
N VAL A 514 -31.33 10.65 18.18
CA VAL A 514 -31.52 10.50 19.64
C VAL A 514 -30.28 11.09 20.32
N ILE A 515 -29.12 10.81 19.71
CA ILE A 515 -27.86 11.45 20.09
C ILE A 515 -27.98 12.97 19.93
N GLU A 516 -28.54 13.39 18.80
CA GLU A 516 -28.80 14.81 18.53
C GLU A 516 -29.61 15.46 19.65
N GLU A 517 -30.70 14.81 20.06
CA GLU A 517 -31.56 15.33 21.13
C GLU A 517 -30.76 15.55 22.41
N HIS A 518 -29.91 14.58 22.75
CA HIS A 518 -29.11 14.63 23.97
C HIS A 518 -28.06 15.74 23.92
N ALA A 519 -27.50 16.00 22.75
CA ALA A 519 -26.54 17.08 22.59
C ALA A 519 -27.21 18.43 22.89
N ASN A 520 -28.35 18.68 22.23
CA ASN A 520 -29.12 19.91 22.44
C ASN A 520 -29.53 20.10 23.88
N TRP A 521 -29.89 19.01 24.55
CA TRP A 521 -30.24 19.10 25.96
C TRP A 521 -29.05 19.59 26.77
N SER A 522 -27.90 18.93 26.65
CA SER A 522 -26.73 19.30 27.46
C SER A 522 -26.13 20.66 27.10
N VAL A 523 -26.32 21.12 25.86
CA VAL A 523 -25.92 22.47 25.48
C VAL A 523 -26.78 23.52 26.21
N SER A 524 -28.03 23.16 26.50
CA SER A 524 -28.98 24.03 27.21
C SER A 524 -28.65 24.12 28.69
N ARG A 525 -28.04 23.06 29.22
CA ARG A 525 -27.59 23.05 30.61
C ARG A 525 -26.43 23.98 30.87
N GLU A 526 -25.59 24.17 29.84
CA GLU A 526 -24.33 24.94 29.95
C GLU A 526 -24.53 26.35 30.49
N ALA A 527 -25.43 27.10 29.87
CA ALA A 527 -25.70 28.50 30.21
C ALA A 527 -26.39 28.69 31.56
N GLY A 528 -26.95 27.62 32.11
CA GLY A 528 -27.60 27.65 33.43
C GLY A 528 -26.60 27.49 34.56
N PHE A 529 -25.38 27.06 34.22
CA PHE A 529 -24.29 26.93 35.17
C PHE A 529 -23.85 28.31 35.65
N SER A 530 -23.38 28.37 36.89
CA SER A 530 -22.78 29.59 37.40
C SER A 530 -21.27 29.55 37.19
N TYR A 531 -20.77 30.50 36.39
CA TYR A 531 -19.32 30.69 36.11
C TYR A 531 -18.50 29.42 35.71
N SER A 532 -18.51 28.40 36.57
CA SER A 532 -17.65 27.19 36.47
C SER A 532 -16.15 27.49 36.68
N HIS A 533 -15.50 26.60 37.43
CA HIS A 533 -14.07 26.70 37.73
C HIS A 533 -13.28 25.58 37.05
N ALA A 534 -13.87 24.95 36.04
CA ALA A 534 -13.27 23.79 35.33
C ALA A 534 -12.94 24.11 33.87
N GLY A 535 -11.69 23.84 33.50
CA GLY A 535 -11.12 24.18 32.19
C GLY A 535 -11.96 24.00 30.94
N LEU A 536 -12.75 22.93 30.89
CA LEU A 536 -13.63 22.65 29.73
C LEU A 536 -14.89 23.52 29.84
N SER A 537 -14.67 24.81 30.07
CA SER A 537 -15.68 25.73 30.60
C SER A 537 -16.79 26.19 29.64
N ASN A 538 -16.46 27.21 28.84
CA ASN A 538 -17.44 28.22 28.38
C ASN A 538 -18.32 27.90 27.17
N ARG A 539 -18.82 28.97 26.54
CA ARG A 539 -19.84 28.96 25.45
C ARG A 539 -20.07 27.62 24.76
N ARG A 547 -19.40 35.90 24.31
CA ARG A 547 -18.51 37.04 24.15
C ARG A 547 -17.28 36.65 23.32
N GLU A 548 -16.28 36.05 23.97
CA GLU A 548 -15.05 35.56 23.33
C GLU A 548 -14.06 36.69 22.96
N ASN A 549 -12.93 36.71 23.65
CA ASN A 549 -11.93 37.79 23.54
C ASN A 549 -11.14 37.79 22.22
N ASP A 550 -10.31 38.81 22.03
CA ASP A 550 -9.49 38.91 20.81
C ASP A 550 -8.13 38.23 20.92
N LYS A 551 -7.81 37.79 22.13
CA LYS A 551 -6.63 36.97 22.38
C LYS A 551 -6.75 35.60 21.66
N GLU A 552 -7.93 35.32 21.09
CA GLU A 552 -8.16 34.09 20.32
C GLU A 552 -7.40 34.03 18.99
N GLN A 553 -6.49 34.96 18.78
CA GLN A 553 -5.43 34.81 17.78
C GLN A 553 -4.59 33.59 18.17
N LEU A 554 -4.77 33.14 19.41
CA LEU A 554 -4.15 31.91 19.91
C LEU A 554 -4.71 30.65 19.25
N LYS A 555 -5.73 30.82 18.42
CA LYS A 555 -6.26 29.70 17.65
C LYS A 555 -5.65 29.59 16.26
N ALA A 556 -4.67 30.45 15.96
CA ALA A 556 -3.71 30.21 14.89
C ALA A 556 -2.79 29.08 15.35
N ILE A 557 -3.41 27.96 15.70
CA ILE A 557 -2.73 26.70 15.92
C ILE A 557 -3.38 25.68 15.01
N SER A 558 -4.21 26.19 14.11
CA SER A 558 -4.61 25.49 12.89
C SER A 558 -3.40 25.40 11.99
N THR A 559 -2.48 26.34 12.16
CA THR A 559 -1.28 26.42 11.35
C THR A 559 -0.29 25.29 11.68
N ARG A 560 -0.42 24.74 12.88
CA ARG A 560 0.49 23.71 13.37
C ARG A 560 0.27 22.34 12.75
N ASP A 561 1.37 21.62 12.54
CA ASP A 561 1.34 20.35 11.84
C ASP A 561 0.56 19.27 12.61
N PRO A 562 0.04 18.26 11.90
CA PRO A 562 -0.71 17.17 12.52
C PRO A 562 -0.05 16.42 13.69
N LEU A 563 1.27 16.59 13.88
CA LEU A 563 1.93 15.93 15.00
C LEU A 563 2.63 16.92 15.94
N SER A 564 2.21 18.17 15.85
CA SER A 564 2.70 19.23 16.72
C SER A 564 2.43 18.89 18.18
N GLU A 565 1.34 18.16 18.41
CA GLU A 565 0.83 17.83 19.74
C GLU A 565 0.49 18.95 20.72
N ILE A 566 -0.52 18.64 21.53
CA ILE A 566 -1.39 19.59 22.17
C ILE A 566 -1.39 19.37 23.68
N THR A 567 -1.03 20.41 24.42
CA THR A 567 -1.08 20.39 25.87
C THR A 567 -2.51 20.25 26.33
N GLU A 568 -2.68 19.78 27.56
CA GLU A 568 -4.02 19.64 28.15
C GLU A 568 -4.73 20.98 28.24
N GLN A 569 -3.98 22.04 28.55
CA GLN A 569 -4.50 23.40 28.52
C GLN A 569 -5.16 23.70 27.19
N GLU A 570 -4.49 23.28 26.12
CA GLU A 570 -4.96 23.55 24.78
C GLU A 570 -6.15 22.67 24.41
N LYS A 571 -6.11 21.41 24.83
CA LYS A 571 -7.28 20.54 24.69
C LYS A 571 -8.51 21.14 25.37
N ASP A 572 -8.35 21.67 26.57
CA ASP A 572 -9.46 22.32 27.29
C ASP A 572 -9.85 23.65 26.67
N PHE A 573 -8.85 24.40 26.21
CA PHE A 573 -9.10 25.67 25.55
C PHE A 573 -9.99 25.46 24.31
N LEU A 574 -9.53 24.59 23.41
CA LEU A 574 -10.24 24.23 22.17
C LEU A 574 -11.69 23.82 22.37
N TRP A 575 -11.90 22.84 23.27
CA TRP A 575 -13.24 22.37 23.57
C TRP A 575 -14.17 23.48 24.07
N SER A 576 -13.62 24.38 24.90
CA SER A 576 -14.37 25.54 25.41
C SER A 576 -14.85 26.46 24.30
N HIS A 577 -14.12 26.49 23.20
CA HIS A 577 -14.40 27.41 22.11
C HIS A 577 -14.84 26.71 20.83
N ARG A 578 -15.30 25.48 20.98
CA ARG A 578 -15.73 24.66 19.84
C ARG A 578 -16.71 25.37 18.90
N HIS A 579 -17.47 26.29 19.44
CA HIS A 579 -18.47 27.00 18.65
C HIS A 579 -17.90 28.10 17.78
N TYR A 580 -16.76 28.66 18.20
CA TYR A 580 -16.08 29.69 17.40
C TYR A 580 -15.22 29.03 16.32
N CYS A 581 -14.99 27.74 16.47
CA CYS A 581 -14.15 27.02 15.53
C CYS A 581 -14.82 26.82 14.20
N VAL A 582 -16.15 26.70 14.21
CA VAL A 582 -16.93 26.61 12.98
C VAL A 582 -16.63 27.79 12.02
N THR A 583 -15.72 28.67 12.44
CA THR A 583 -15.32 29.82 11.62
C THR A 583 -13.85 29.70 11.17
N ILE A 584 -13.13 28.76 11.77
CA ILE A 584 -11.80 28.33 11.33
C ILE A 584 -11.88 26.81 11.04
N PRO A 585 -12.39 26.42 9.87
CA PRO A 585 -12.74 25.01 9.65
C PRO A 585 -11.58 24.02 9.80
N GLU A 586 -10.37 24.47 9.45
CA GLU A 586 -9.20 23.59 9.43
C GLU A 586 -8.66 23.15 10.80
N ILE A 587 -9.21 23.65 11.90
CA ILE A 587 -8.84 23.13 13.23
C ILE A 587 -9.52 21.81 13.59
N LEU A 588 -10.50 21.42 12.79
CA LEU A 588 -11.27 20.22 13.10
C LEU A 588 -10.46 19.03 13.66
N PRO A 589 -9.37 18.61 12.97
CA PRO A 589 -8.54 17.52 13.51
C PRO A 589 -8.01 17.77 14.92
N LYS A 590 -7.62 19.00 15.22
CA LYS A 590 -7.10 19.34 16.55
C LYS A 590 -8.20 19.26 17.61
N LEU A 591 -9.33 19.88 17.31
CA LEU A 591 -10.53 19.83 18.15
C LEU A 591 -10.95 18.39 18.40
N LEU A 592 -10.88 17.56 17.36
CA LEU A 592 -11.23 16.17 17.51
C LEU A 592 -10.32 15.46 18.50
N LEU A 593 -9.05 15.85 18.55
CA LEU A 593 -8.13 15.28 19.52
C LEU A 593 -8.31 15.87 20.91
N SER A 594 -9.16 16.88 21.02
CA SER A 594 -9.44 17.48 22.33
C SER A 594 -10.65 16.84 23.02
N VAL A 595 -11.58 16.33 22.21
CA VAL A 595 -12.79 15.66 22.69
C VAL A 595 -12.42 14.51 23.62
N LYS A 596 -13.19 14.35 24.70
CA LYS A 596 -13.04 13.15 25.53
C LYS A 596 -13.94 12.04 25.00
N TRP A 597 -13.37 11.12 24.23
CA TRP A 597 -14.13 10.07 23.57
C TRP A 597 -14.80 9.09 24.55
N ASN A 598 -14.32 9.07 25.78
CA ASN A 598 -14.97 8.28 26.81
C ASN A 598 -16.02 9.06 27.57
N SER A 599 -16.63 10.04 26.91
CA SER A 599 -17.68 10.87 27.51
C SER A 599 -18.83 11.08 26.54
N ARG A 600 -19.94 10.35 26.75
CA ARG A 600 -21.11 10.47 25.88
C ARG A 600 -21.62 11.90 25.71
N ASP A 601 -21.57 12.70 26.78
CA ASP A 601 -22.02 14.09 26.76
C ASP A 601 -21.23 14.91 25.73
N GLU A 602 -19.91 14.80 25.74
CA GLU A 602 -19.08 15.53 24.78
C GLU A 602 -19.20 14.98 23.37
N VAL A 603 -19.17 13.66 23.25
CA VAL A 603 -19.16 13.01 21.93
C VAL A 603 -20.43 13.34 21.16
N ALA A 604 -21.57 13.36 21.85
CA ALA A 604 -22.84 13.74 21.25
C ALA A 604 -22.78 15.15 20.67
N GLN A 605 -22.18 16.07 21.42
CA GLN A 605 -22.01 17.45 20.95
C GLN A 605 -21.09 17.52 19.74
N MET A 606 -20.03 16.69 19.74
CA MET A 606 -19.08 16.64 18.63
C MET A 606 -19.78 16.22 17.34
N TYR A 607 -20.62 15.18 17.43
CA TYR A 607 -21.42 14.74 16.30
C TYR A 607 -22.25 15.88 15.73
N CYS A 608 -22.85 16.68 16.61
CA CYS A 608 -23.58 17.87 16.19
C CYS A 608 -22.76 18.86 15.40
N LEU A 609 -21.61 19.23 15.94
CA LEU A 609 -20.70 20.15 15.26
C LEU A 609 -20.23 19.57 13.93
N VAL A 610 -19.79 18.32 13.95
CA VAL A 610 -19.35 17.64 12.74
C VAL A 610 -20.45 17.59 11.69
N LYS A 611 -21.69 17.46 12.13
CA LYS A 611 -22.79 17.25 11.21
C LYS A 611 -22.94 18.40 10.20
N ASP A 612 -22.77 19.64 10.66
CA ASP A 612 -22.79 20.76 9.72
C ASP A 612 -21.53 21.64 9.81
N TRP A 613 -20.39 20.97 9.73
CA TRP A 613 -19.10 21.61 9.70
C TRP A 613 -18.84 22.06 8.27
N PRO A 614 -18.29 23.27 8.10
CA PRO A 614 -17.85 23.72 6.78
C PRO A 614 -16.92 22.69 6.16
N PRO A 615 -16.91 22.57 4.82
CA PRO A 615 -16.05 21.55 4.22
C PRO A 615 -14.58 21.99 4.26
N ILE A 616 -13.68 21.02 4.24
CA ILE A 616 -12.23 21.29 4.22
C ILE A 616 -11.59 20.70 2.96
N LYS A 617 -10.45 21.26 2.57
CA LYS A 617 -9.74 20.80 1.39
C LYS A 617 -9.37 19.33 1.54
N PRO A 618 -9.50 18.55 0.45
CA PRO A 618 -9.33 17.11 0.44
C PRO A 618 -8.03 16.69 1.12
N GLU A 619 -6.98 17.49 0.94
CA GLU A 619 -5.72 17.23 1.60
C GLU A 619 -5.92 17.06 3.10
N GLN A 620 -6.64 18.00 3.73
CA GLN A 620 -6.89 17.95 5.17
C GLN A 620 -7.86 16.84 5.59
N ALA A 621 -8.79 16.50 4.72
CA ALA A 621 -9.76 15.44 4.97
C ALA A 621 -9.10 14.06 5.09
N MET A 622 -7.98 13.88 4.40
CA MET A 622 -7.27 12.61 4.41
C MET A 622 -6.63 12.31 5.74
N GLU A 623 -6.11 13.35 6.38
CA GLU A 623 -5.69 13.29 7.77
C GLU A 623 -6.77 12.56 8.60
N LEU A 624 -8.04 12.87 8.33
CA LEU A 624 -9.13 12.33 9.14
C LEU A 624 -9.46 10.87 8.87
N LEU A 625 -8.74 10.23 7.95
CA LEU A 625 -8.96 8.81 7.66
C LEU A 625 -7.85 7.89 8.16
N ASP A 626 -6.83 8.46 8.80
CA ASP A 626 -5.78 7.65 9.41
C ASP A 626 -6.25 7.03 10.72
N CYS A 627 -5.34 6.39 11.46
CA CYS A 627 -5.68 5.65 12.67
C CYS A 627 -6.10 6.51 13.87
N ASN A 628 -5.75 7.80 13.87
CA ASN A 628 -6.14 8.69 14.96
C ASN A 628 -7.60 9.13 14.96
N TYR A 629 -8.37 8.68 13.97
CA TYR A 629 -9.75 9.12 13.86
C TYR A 629 -10.66 7.96 13.51
N PRO A 630 -10.89 7.04 14.47
CA PRO A 630 -11.69 5.84 14.18
C PRO A 630 -13.19 6.09 14.10
N ASP A 631 -13.67 7.18 14.67
CA ASP A 631 -15.09 7.41 14.75
C ASP A 631 -15.71 7.62 13.37
N PRO A 632 -16.74 6.81 13.03
CA PRO A 632 -17.46 6.77 11.75
C PRO A 632 -18.12 8.08 11.32
N MET A 633 -18.46 8.92 12.30
CA MET A 633 -19.06 10.21 11.98
C MET A 633 -17.97 11.10 11.40
N VAL A 634 -16.80 11.08 12.03
CA VAL A 634 -15.65 11.84 11.59
C VAL A 634 -15.21 11.43 10.18
N ARG A 635 -15.16 10.13 9.95
CA ARG A 635 -14.74 9.59 8.67
C ARG A 635 -15.76 9.84 7.58
N GLY A 636 -17.03 9.96 7.95
CA GLY A 636 -18.11 10.18 7.00
C GLY A 636 -17.98 11.58 6.45
N PHE A 637 -17.67 12.50 7.35
CA PHE A 637 -17.38 13.87 6.97
C PHE A 637 -16.21 13.92 6.00
N ALA A 638 -15.17 13.15 6.28
CA ALA A 638 -13.96 13.11 5.44
C ALA A 638 -14.26 12.64 4.04
N VAL A 639 -15.02 11.54 3.95
CA VAL A 639 -15.38 10.95 2.66
C VAL A 639 -16.24 11.93 1.87
N ARG A 640 -17.06 12.71 2.56
CA ARG A 640 -17.87 13.74 1.89
C ARG A 640 -17.07 14.90 1.28
N CYS A 641 -15.98 15.29 1.92
CA CYS A 641 -15.07 16.25 1.31
C CYS A 641 -14.53 15.69 0.00
N LEU A 642 -14.02 14.47 0.06
CA LEU A 642 -13.49 13.77 -1.12
C LEU A 642 -14.49 13.71 -2.28
N GLU A 643 -15.74 13.35 -1.97
CA GLU A 643 -16.77 13.18 -3.00
C GLU A 643 -17.05 14.50 -3.68
N LYS A 644 -16.64 15.59 -3.04
CA LYS A 644 -16.93 16.95 -3.51
C LYS A 644 -15.75 17.65 -4.16
N TYR A 645 -14.55 17.43 -3.62
CA TYR A 645 -13.40 18.25 -4.00
C TYR A 645 -12.17 17.53 -4.58
N LEU A 646 -12.11 16.20 -4.45
CA LEU A 646 -11.03 15.44 -5.07
C LEU A 646 -11.25 15.29 -6.57
N THR A 647 -10.33 15.84 -7.34
CA THR A 647 -10.26 15.55 -8.76
C THR A 647 -9.81 14.09 -8.95
N ASP A 648 -10.12 13.52 -10.10
CA ASP A 648 -9.62 12.20 -10.45
C ASP A 648 -8.09 12.17 -10.53
N ASP A 649 -7.51 13.30 -10.96
CA ASP A 649 -6.07 13.53 -10.96
C ASP A 649 -5.46 13.30 -9.56
N LYS A 650 -5.96 14.04 -8.58
CA LYS A 650 -5.47 13.93 -7.20
C LYS A 650 -5.79 12.57 -6.55
N LEU A 651 -6.95 12.01 -6.85
CA LEU A 651 -7.28 10.68 -6.37
C LEU A 651 -6.22 9.70 -6.86
N SER A 652 -5.88 9.79 -8.15
CA SER A 652 -4.81 8.98 -8.69
C SER A 652 -3.51 9.21 -7.96
N GLN A 653 -3.18 10.47 -7.70
CA GLN A 653 -1.96 10.80 -6.98
C GLN A 653 -1.88 10.19 -5.56
N TYR A 654 -2.99 10.15 -4.83
CA TYR A 654 -2.96 9.69 -3.43
C TYR A 654 -3.60 8.33 -3.24
N LEU A 655 -3.84 7.61 -4.33
CA LEU A 655 -4.53 6.31 -4.26
C LEU A 655 -3.85 5.32 -3.32
N ILE A 656 -2.52 5.25 -3.40
CA ILE A 656 -1.73 4.40 -2.52
C ILE A 656 -2.13 4.60 -1.05
N GLN A 657 -2.28 5.85 -0.65
CA GLN A 657 -2.65 6.14 0.71
C GLN A 657 -4.11 5.77 1.01
N LEU A 658 -5.01 6.10 0.09
CA LEU A 658 -6.42 5.80 0.28
C LEU A 658 -6.71 4.29 0.32
N VAL A 659 -5.88 3.50 -0.35
CA VAL A 659 -6.06 2.06 -0.30
C VAL A 659 -5.61 1.56 1.07
N GLN A 660 -4.48 2.09 1.54
CA GLN A 660 -3.94 1.67 2.83
C GLN A 660 -4.92 1.94 3.95
N VAL A 661 -5.51 3.13 3.88
CA VAL A 661 -6.43 3.64 4.87
C VAL A 661 -7.73 2.79 4.99
N LEU A 662 -8.03 2.01 3.96
CA LEU A 662 -9.13 1.03 4.04
C LEU A 662 -8.95 0.02 5.16
N LYS A 663 -7.72 -0.18 5.62
CA LYS A 663 -7.46 -1.15 6.67
C LYS A 663 -7.89 -0.67 8.04
N TYR A 664 -7.92 0.64 8.25
CA TYR A 664 -8.34 1.21 9.53
C TYR A 664 -9.85 1.26 9.70
N GLU A 665 -10.58 0.92 8.64
CA GLU A 665 -12.02 0.94 8.72
C GLU A 665 -12.48 -0.27 9.55
N GLN A 666 -13.43 -0.09 10.45
CA GLN A 666 -13.89 -1.18 11.33
C GLN A 666 -14.63 -2.29 10.62
N TYR A 667 -15.42 -1.91 9.62
CA TYR A 667 -16.36 -2.81 8.98
C TYR A 667 -16.11 -2.89 7.48
N LEU A 668 -16.47 -4.02 6.88
CA LEU A 668 -16.21 -4.25 5.46
C LEU A 668 -16.97 -3.24 4.61
N ASP A 669 -18.24 -3.05 4.95
CA ASP A 669 -19.09 -2.08 4.29
C ASP A 669 -18.94 -0.73 4.98
N ASN A 670 -18.44 0.26 4.26
CA ASN A 670 -18.30 1.62 4.78
C ASN A 670 -18.31 2.61 3.65
N LEU A 671 -18.31 3.90 3.97
CA LEU A 671 -18.48 4.93 2.96
C LEU A 671 -17.22 5.16 2.13
N LEU A 672 -16.06 4.76 2.66
CA LEU A 672 -14.82 4.89 1.91
C LEU A 672 -14.66 3.83 0.81
N VAL A 673 -14.99 2.56 1.09
CA VAL A 673 -14.99 1.55 0.00
C VAL A 673 -15.99 1.90 -1.06
N ARG A 674 -17.16 2.38 -0.64
CA ARG A 674 -18.17 2.80 -1.60
C ARG A 674 -17.64 3.90 -2.54
N PHE A 675 -16.98 4.89 -1.95
CA PHE A 675 -16.38 5.98 -2.69
C PHE A 675 -15.31 5.52 -3.68
N LEU A 676 -14.32 4.79 -3.18
CA LEU A 676 -13.22 4.34 -4.02
C LEU A 676 -13.74 3.40 -5.10
N LEU A 677 -14.47 2.37 -4.70
CA LEU A 677 -14.97 1.40 -5.66
C LEU A 677 -15.75 2.09 -6.76
N LYS A 678 -16.56 3.07 -6.40
CA LYS A 678 -17.31 3.81 -7.41
C LYS A 678 -16.39 4.54 -8.37
N LYS A 679 -15.36 5.22 -7.85
CA LYS A 679 -14.43 5.93 -8.73
C LYS A 679 -13.65 4.94 -9.61
N ALA A 680 -13.24 3.82 -9.03
CA ALA A 680 -12.57 2.76 -9.76
C ALA A 680 -13.41 2.25 -10.93
N LEU A 681 -14.72 2.21 -10.74
CA LEU A 681 -15.63 1.72 -11.78
C LEU A 681 -16.15 2.83 -12.69
N THR A 682 -15.70 4.05 -12.42
CA THR A 682 -16.06 5.24 -13.20
C THR A 682 -14.90 5.64 -14.13
N ASN A 683 -13.68 5.28 -13.72
CA ASN A 683 -12.46 5.71 -14.37
C ASN A 683 -11.46 4.56 -14.44
N GLN A 684 -11.26 4.02 -15.64
CA GLN A 684 -10.45 2.80 -15.82
C GLN A 684 -9.00 2.99 -15.43
N ARG A 685 -8.48 4.20 -15.60
CA ARG A 685 -7.14 4.52 -15.14
C ARG A 685 -7.08 4.37 -13.62
N ILE A 686 -8.03 4.99 -12.92
CA ILE A 686 -8.13 4.79 -11.47
C ILE A 686 -8.29 3.31 -11.16
N GLY A 687 -9.25 2.68 -11.83
CA GLY A 687 -9.52 1.25 -11.66
C GLY A 687 -8.30 0.34 -11.78
N HIS A 688 -7.46 0.59 -12.78
CA HIS A 688 -6.24 -0.19 -12.99
C HIS A 688 -5.35 -0.27 -11.75
N PHE A 689 -4.97 0.89 -11.21
CA PHE A 689 -4.08 0.90 -10.04
C PHE A 689 -4.78 0.48 -8.74
N PHE A 690 -6.09 0.74 -8.66
CA PHE A 690 -6.93 0.22 -7.58
C PHE A 690 -6.75 -1.30 -7.56
N PHE A 691 -6.85 -1.93 -8.72
CA PHE A 691 -6.60 -3.35 -8.84
C PHE A 691 -5.22 -3.78 -8.31
N TRP A 692 -4.15 -3.22 -8.87
CA TRP A 692 -2.80 -3.62 -8.51
C TRP A 692 -2.43 -3.32 -7.07
N HIS A 693 -2.91 -2.21 -6.52
CA HIS A 693 -2.62 -1.91 -5.12
C HIS A 693 -3.28 -2.91 -4.18
N LEU A 694 -4.49 -3.34 -4.54
CA LEU A 694 -5.20 -4.36 -3.78
C LEU A 694 -4.60 -5.74 -3.99
N LYS A 695 -4.31 -6.07 -5.25
CA LYS A 695 -3.71 -7.37 -5.59
C LYS A 695 -2.39 -7.56 -4.90
N SER A 696 -1.59 -6.50 -4.80
CA SER A 696 -0.22 -6.63 -4.32
C SER A 696 -0.16 -7.03 -2.85
N GLU A 697 -1.30 -6.99 -2.16
CA GLU A 697 -1.34 -7.32 -0.74
C GLU A 697 -2.15 -8.57 -0.40
N MET A 698 -2.63 -9.28 -1.42
CA MET A 698 -3.42 -10.48 -1.26
C MET A 698 -2.75 -11.61 -0.48
N HIS A 699 -1.43 -11.68 -0.54
CA HIS A 699 -0.69 -12.69 0.22
C HIS A 699 -0.82 -12.49 1.73
N ASN A 700 -1.13 -11.27 2.13
CA ASN A 700 -1.17 -10.88 3.54
C ASN A 700 -2.50 -11.27 4.19
N LYS A 701 -2.46 -12.27 5.04
CA LYS A 701 -3.68 -12.89 5.59
C LYS A 701 -4.56 -11.97 6.43
N THR A 702 -3.96 -10.95 7.05
CA THR A 702 -4.71 -10.00 7.85
C THR A 702 -5.59 -9.11 6.97
N VAL A 703 -5.51 -9.30 5.66
CA VAL A 703 -6.09 -8.33 4.71
C VAL A 703 -6.70 -9.03 3.48
N SER A 704 -6.29 -10.26 3.23
CA SER A 704 -6.84 -11.11 2.16
C SER A 704 -8.34 -10.99 1.95
N GLN A 705 -9.11 -11.25 3.01
CA GLN A 705 -10.56 -11.30 2.87
C GLN A 705 -11.15 -9.95 2.49
N ARG A 706 -10.72 -8.89 3.18
CA ARG A 706 -11.23 -7.56 2.91
C ARG A 706 -10.91 -7.12 1.46
N PHE A 707 -9.68 -7.40 1.03
CA PHE A 707 -9.22 -6.99 -0.29
C PHE A 707 -9.76 -7.90 -1.37
N GLY A 708 -9.82 -9.19 -1.09
CA GLY A 708 -10.40 -10.17 -2.01
C GLY A 708 -11.86 -9.88 -2.29
N LEU A 709 -12.61 -9.59 -1.22
CA LEU A 709 -14.01 -9.23 -1.35
C LEU A 709 -14.16 -8.02 -2.23
N LEU A 710 -13.37 -6.98 -1.94
CA LEU A 710 -13.37 -5.75 -2.71
C LEU A 710 -13.00 -6.02 -4.17
N LEU A 711 -11.89 -6.73 -4.37
CA LEU A 711 -11.47 -7.10 -5.71
C LEU A 711 -12.55 -7.86 -6.46
N GLU A 712 -13.25 -8.75 -5.76
CA GLU A 712 -14.34 -9.51 -6.36
C GLU A 712 -15.43 -8.61 -6.91
N SER A 713 -15.90 -7.66 -6.10
CA SER A 713 -16.94 -6.77 -6.58
C SER A 713 -16.41 -5.92 -7.75
N TYR A 714 -15.18 -5.41 -7.64
CA TYR A 714 -14.58 -4.64 -8.73
C TYR A 714 -14.52 -5.44 -10.03
N CYS A 715 -14.02 -6.67 -9.95
CA CYS A 715 -13.79 -7.48 -11.15
C CYS A 715 -15.08 -7.85 -11.83
N ARG A 716 -16.11 -7.99 -11.02
CA ARG A 716 -17.43 -8.40 -11.48
C ARG A 716 -18.09 -7.26 -12.26
N ALA A 717 -17.64 -6.04 -12.01
CA ALA A 717 -18.31 -4.87 -12.56
C ALA A 717 -17.43 -4.00 -13.47
N CYS A 718 -16.16 -4.35 -13.59
CA CYS A 718 -15.24 -3.51 -14.35
C CYS A 718 -15.45 -3.57 -15.86
N GLY A 719 -16.07 -4.66 -16.33
CA GLY A 719 -16.39 -4.82 -17.74
C GLY A 719 -15.27 -5.55 -18.46
N MET A 720 -14.95 -5.10 -19.66
CA MET A 720 -13.98 -5.76 -20.53
C MET A 720 -12.52 -5.65 -20.09
N TYR A 721 -12.25 -4.80 -19.11
CA TYR A 721 -10.86 -4.63 -18.66
C TYR A 721 -10.36 -5.87 -17.91
N LEU A 722 -11.30 -6.63 -17.33
CA LEU A 722 -10.98 -7.87 -16.65
C LEU A 722 -10.17 -8.79 -17.57
N LYS A 723 -10.55 -8.82 -18.85
CA LYS A 723 -9.86 -9.60 -19.85
C LYS A 723 -8.40 -9.12 -19.98
N HIS A 724 -8.21 -7.80 -20.04
CA HIS A 724 -6.88 -7.21 -20.11
C HIS A 724 -6.08 -7.39 -18.84
N LEU A 725 -6.77 -7.43 -17.71
CA LEU A 725 -6.15 -7.65 -16.41
C LEU A 725 -5.65 -9.08 -16.29
N ASN A 726 -6.49 -10.03 -16.69
CA ASN A 726 -6.12 -11.44 -16.74
C ASN A 726 -4.88 -11.66 -17.61
N ARG A 727 -4.75 -10.91 -18.69
CA ARG A 727 -3.57 -11.04 -19.51
C ARG A 727 -2.34 -10.54 -18.75
N GLN A 728 -2.52 -9.48 -17.99
CA GLN A 728 -1.43 -8.93 -17.18
C GLN A 728 -1.02 -9.86 -16.06
N VAL A 729 -2.00 -10.54 -15.45
CA VAL A 729 -1.72 -11.45 -14.34
C VAL A 729 -0.99 -12.71 -14.85
N GLU A 730 -1.41 -13.25 -16.00
CA GLU A 730 -0.73 -14.37 -16.64
C GLU A 730 0.75 -14.05 -16.85
N ALA A 731 0.99 -12.89 -17.47
CA ALA A 731 2.34 -12.43 -17.77
C ALA A 731 3.19 -12.43 -16.52
N MET A 732 2.69 -11.74 -15.49
CA MET A 732 3.38 -11.62 -14.23
C MET A 732 3.67 -12.97 -13.56
N GLU A 733 2.76 -13.92 -13.72
CA GLU A 733 2.93 -15.23 -13.12
C GLU A 733 4.05 -16.03 -13.78
N LYS A 734 4.17 -15.90 -15.10
CA LYS A 734 5.23 -16.55 -15.82
C LYS A 734 6.58 -15.98 -15.37
N LEU A 735 6.66 -14.64 -15.34
CA LEU A 735 7.85 -13.95 -14.88
C LEU A 735 8.23 -14.37 -13.45
N ILE A 736 7.25 -14.37 -12.54
CA ILE A 736 7.50 -14.82 -11.18
C ILE A 736 8.08 -16.24 -11.18
N ASN A 737 7.41 -17.16 -11.89
CA ASN A 737 7.87 -18.54 -11.98
C ASN A 737 9.27 -18.65 -12.60
N LEU A 738 9.53 -17.84 -13.62
CA LEU A 738 10.82 -17.81 -14.30
C LEU A 738 11.96 -17.43 -13.37
N THR A 739 11.78 -16.32 -12.66
CA THR A 739 12.83 -15.77 -11.83
C THR A 739 12.90 -16.49 -10.50
N ASP A 740 11.93 -17.35 -10.22
CA ASP A 740 12.01 -18.26 -9.08
C ASP A 740 13.03 -19.35 -9.38
N ILE A 741 12.94 -19.94 -10.58
CA ILE A 741 13.88 -20.96 -11.02
C ILE A 741 15.32 -20.42 -10.97
N LEU A 742 15.53 -19.26 -11.59
CA LEU A 742 16.81 -18.54 -11.56
C LEU A 742 17.29 -18.16 -10.16
N LYS A 743 16.38 -18.09 -9.19
CA LYS A 743 16.73 -17.60 -7.85
C LYS A 743 17.04 -18.69 -6.82
N GLN A 744 16.36 -19.83 -6.93
CA GLN A 744 16.59 -20.93 -6.02
C GLN A 744 16.95 -22.14 -6.87
N GLU A 745 15.90 -22.77 -7.41
CA GLU A 745 15.94 -24.10 -8.05
C GLU A 745 17.29 -24.45 -8.65
N LYS A 746 18.26 -24.68 -7.76
CA LYS A 746 19.69 -24.85 -8.08
C LYS A 746 20.18 -24.07 -9.30
N LYS A 747 19.74 -22.82 -9.44
CA LYS A 747 20.31 -21.93 -10.46
C LYS A 747 21.08 -20.79 -9.81
N ASP A 748 22.38 -21.03 -9.62
CA ASP A 748 23.31 -20.02 -9.10
C ASP A 748 24.68 -20.17 -9.76
N GLU A 749 24.64 -20.71 -10.97
CA GLU A 749 25.80 -20.85 -11.83
C GLU A 749 26.18 -19.49 -12.45
N THR A 750 27.24 -19.49 -13.25
CA THR A 750 27.75 -18.27 -13.88
C THR A 750 26.70 -17.60 -14.78
N GLN A 751 26.66 -16.26 -14.72
CA GLN A 751 25.71 -15.42 -15.46
C GLN A 751 25.39 -15.94 -16.86
N LYS A 752 26.42 -16.43 -17.55
CA LYS A 752 26.27 -16.97 -18.89
C LYS A 752 25.33 -18.18 -18.91
N VAL A 753 25.45 -19.04 -17.91
CA VAL A 753 24.60 -20.23 -17.81
C VAL A 753 23.14 -19.81 -17.63
N GLN A 754 22.89 -18.89 -16.71
CA GLN A 754 21.55 -18.38 -16.46
C GLN A 754 20.94 -17.76 -17.72
N MET A 755 21.79 -17.16 -18.56
CA MET A 755 21.36 -16.58 -19.82
C MET A 755 20.95 -17.62 -20.85
N LYS A 756 21.64 -18.76 -20.88
CA LYS A 756 21.24 -19.87 -21.73
C LYS A 756 19.84 -20.36 -21.38
N PHE A 757 19.60 -20.62 -20.10
CA PHE A 757 18.28 -21.02 -19.62
C PHE A 757 17.21 -19.99 -19.99
N LEU A 758 17.50 -18.71 -19.75
CA LEU A 758 16.55 -17.64 -20.04
C LEU A 758 16.15 -17.60 -21.51
N VAL A 759 17.14 -17.68 -22.39
CA VAL A 759 16.92 -17.64 -23.83
C VAL A 759 16.05 -18.82 -24.30
N GLU A 760 16.30 -20.01 -23.74
CA GLU A 760 15.54 -21.21 -24.10
C GLU A 760 14.07 -21.09 -23.70
N GLN A 761 13.83 -20.69 -22.46
CA GLN A 761 12.47 -20.56 -21.90
C GLN A 761 11.60 -19.52 -22.60
N MET A 762 12.19 -18.42 -23.01
CA MET A 762 11.42 -17.33 -23.61
C MET A 762 10.97 -17.64 -25.03
N ARG A 763 11.72 -18.50 -25.71
CA ARG A 763 11.38 -18.96 -27.06
C ARG A 763 10.23 -19.97 -27.08
N ARG A 764 10.01 -20.65 -25.97
CA ARG A 764 8.93 -21.62 -25.87
C ARG A 764 7.58 -20.93 -26.16
N PRO A 765 6.68 -21.61 -26.89
CA PRO A 765 5.42 -20.98 -27.33
C PRO A 765 4.53 -20.45 -26.20
N ASP A 766 4.47 -21.17 -25.08
CA ASP A 766 3.63 -20.76 -23.95
C ASP A 766 4.10 -19.42 -23.37
N PHE A 767 5.41 -19.19 -23.39
CA PHE A 767 5.99 -17.97 -22.88
C PHE A 767 5.78 -16.82 -23.88
N MET A 768 6.04 -17.11 -25.15
CA MET A 768 5.77 -16.16 -26.21
C MET A 768 4.34 -15.64 -26.11
N ASP A 769 3.37 -16.54 -25.95
CA ASP A 769 1.96 -16.16 -25.92
C ASP A 769 1.58 -15.32 -24.68
N ALA A 770 2.19 -15.64 -23.56
CA ALA A 770 1.85 -15.02 -22.29
C ALA A 770 2.47 -13.63 -22.15
N LEU A 771 3.66 -13.45 -22.71
CA LEU A 771 4.44 -12.23 -22.49
C LEU A 771 4.51 -11.29 -23.68
N GLN A 772 3.60 -11.48 -24.63
CA GLN A 772 3.46 -10.58 -25.76
C GLN A 772 2.00 -10.18 -25.88
N GLY A 773 1.74 -8.93 -26.24
CA GLY A 773 0.40 -8.46 -26.56
C GLY A 773 -0.49 -8.20 -25.36
N PHE A 774 0.01 -7.44 -24.39
CA PHE A 774 -0.75 -7.12 -23.19
C PHE A 774 -0.40 -5.71 -22.76
N LEU A 775 -1.21 -5.12 -21.89
CA LEU A 775 -0.98 -3.75 -21.46
C LEU A 775 0.05 -3.66 -20.34
N SER A 776 0.86 -2.61 -20.33
CA SER A 776 1.89 -2.43 -19.31
C SER A 776 1.27 -2.10 -17.97
N PRO A 777 1.54 -2.94 -16.95
CA PRO A 777 0.99 -2.67 -15.64
C PRO A 777 1.53 -1.36 -15.08
N LEU A 778 2.68 -0.91 -15.56
CA LEU A 778 3.21 0.40 -15.14
C LEU A 778 2.34 1.56 -15.62
N ASN A 779 1.79 1.43 -16.82
CA ASN A 779 0.93 2.44 -17.42
C ASN A 779 0.09 1.77 -18.51
N PRO A 780 -1.19 1.49 -18.23
CA PRO A 780 -2.05 0.73 -19.13
C PRO A 780 -2.22 1.36 -20.52
N ALA A 781 -1.83 2.62 -20.68
CA ALA A 781 -1.89 3.28 -21.97
C ALA A 781 -0.78 2.77 -22.91
N HIS A 782 0.25 2.14 -22.32
CA HIS A 782 1.32 1.53 -23.11
C HIS A 782 0.99 0.07 -23.45
N GLN A 783 0.72 -0.17 -24.72
CA GLN A 783 0.64 -1.52 -25.23
C GLN A 783 2.02 -2.14 -25.29
N LEU A 784 2.15 -3.37 -24.78
CA LEU A 784 3.38 -4.12 -24.93
C LEU A 784 3.21 -5.16 -26.02
N GLY A 785 3.92 -4.98 -27.12
CA GLY A 785 3.79 -5.86 -28.26
C GLY A 785 4.68 -7.08 -28.13
N ASN A 786 5.45 -7.31 -29.18
CA ASN A 786 6.39 -8.44 -29.23
C ASN A 786 7.69 -8.15 -28.48
N LEU A 787 8.20 -9.19 -27.83
CA LEU A 787 9.48 -9.10 -27.15
C LEU A 787 10.62 -8.89 -28.16
N ARG A 788 11.62 -8.12 -27.76
CA ARG A 788 12.88 -8.12 -28.49
C ARG A 788 13.84 -8.98 -27.68
N LEU A 789 13.90 -10.26 -28.03
CA LEU A 789 14.66 -11.27 -27.27
C LEU A 789 16.15 -10.93 -27.12
N GLU A 790 16.74 -10.38 -28.18
CA GLU A 790 18.15 -9.99 -28.18
C GLU A 790 18.47 -8.91 -27.16
N GLU A 791 17.49 -8.08 -26.83
CA GLU A 791 17.65 -7.01 -25.85
C GLU A 791 17.27 -7.42 -24.43
N CYS A 792 16.68 -8.59 -24.28
CA CYS A 792 16.27 -9.08 -22.96
C CYS A 792 17.42 -9.73 -22.23
N ARG A 793 17.71 -9.25 -21.02
CA ARG A 793 18.82 -9.80 -20.26
C ARG A 793 18.57 -9.87 -18.77
N ILE A 794 19.28 -10.79 -18.12
CA ILE A 794 19.47 -10.79 -16.69
C ILE A 794 20.63 -9.83 -16.45
N MET A 795 20.41 -8.82 -15.62
CA MET A 795 21.46 -7.88 -15.32
C MET A 795 22.46 -8.54 -14.40
N SER A 796 23.74 -8.19 -14.55
CA SER A 796 24.81 -8.85 -13.81
C SER A 796 25.14 -8.19 -12.48
N SER A 797 24.15 -7.52 -11.88
CA SER A 797 24.25 -6.99 -10.52
C SER A 797 24.27 -8.12 -9.51
N ALA A 798 24.19 -7.77 -8.23
CA ALA A 798 24.05 -8.76 -7.17
C ALA A 798 22.66 -9.40 -7.30
N LYS A 799 21.63 -8.54 -7.37
CA LYS A 799 20.23 -8.95 -7.34
C LYS A 799 19.79 -9.61 -8.65
N ARG A 800 20.58 -9.40 -9.71
CA ARG A 800 20.31 -9.99 -11.03
C ARG A 800 18.85 -9.93 -11.48
N PRO A 801 18.29 -8.71 -11.59
CA PRO A 801 16.90 -8.60 -12.02
C PRO A 801 16.75 -8.80 -13.54
N LEU A 802 15.51 -8.89 -14.02
CA LEU A 802 15.27 -9.00 -15.44
C LEU A 802 15.09 -7.67 -16.11
N TRP A 803 15.75 -7.51 -17.24
CA TRP A 803 15.59 -6.36 -18.11
C TRP A 803 14.83 -6.87 -19.32
N LEU A 804 13.61 -6.40 -19.50
CA LEU A 804 12.79 -6.83 -20.63
C LEU A 804 12.52 -5.68 -21.59
N ASN A 805 12.34 -6.02 -22.86
CA ASN A 805 12.18 -5.05 -23.91
C ASN A 805 11.07 -5.46 -24.87
N TRP A 806 10.02 -4.66 -24.92
CA TRP A 806 8.90 -4.88 -25.86
C TRP A 806 8.91 -3.86 -26.96
N GLU A 807 8.40 -4.24 -28.13
CA GLU A 807 8.09 -3.29 -29.18
C GLU A 807 6.84 -2.54 -28.80
N ASN A 808 6.68 -1.36 -29.38
CA ASN A 808 5.47 -0.58 -29.21
C ASN A 808 4.60 -0.79 -30.45
N PRO A 809 3.50 -1.57 -30.31
CA PRO A 809 2.73 -1.99 -31.49
C PRO A 809 1.87 -0.90 -32.11
N ASP A 810 1.89 0.31 -31.55
CA ASP A 810 1.14 1.43 -32.11
C ASP A 810 1.64 1.82 -33.50
N ILE A 811 0.71 2.23 -34.38
CA ILE A 811 1.04 2.59 -35.77
C ILE A 811 2.07 3.73 -35.85
N MET A 812 1.96 4.67 -34.91
CA MET A 812 2.72 5.92 -34.93
C MET A 812 3.80 5.94 -33.86
N SER A 813 4.27 4.74 -33.50
CA SER A 813 5.14 4.54 -32.36
C SER A 813 6.57 4.97 -32.60
N GLU A 814 7.45 3.98 -32.78
CA GLU A 814 8.91 4.21 -32.88
C GLU A 814 9.22 5.52 -33.60
N LEU A 815 8.74 5.64 -34.84
CA LEU A 815 8.92 6.88 -35.56
C LEU A 815 7.86 7.84 -35.04
N LEU A 816 8.04 8.29 -33.78
CA LEU A 816 7.32 9.41 -33.16
C LEU A 816 7.22 9.36 -31.65
N PHE A 817 7.66 8.26 -31.04
CA PHE A 817 7.47 8.08 -29.60
C PHE A 817 8.51 7.24 -28.85
N GLN A 818 8.52 5.90 -29.06
CA GLN A 818 9.42 5.01 -28.27
C GLN A 818 9.35 3.51 -28.62
N ASN A 819 10.36 2.73 -28.16
CA ASN A 819 10.23 1.30 -27.70
C ASN A 819 10.37 1.11 -26.16
N ASN A 820 9.90 -0.02 -25.63
CA ASN A 820 9.45 -0.10 -24.22
C ASN A 820 10.26 -1.01 -23.26
N GLU A 821 10.94 -0.42 -22.27
CA GLU A 821 11.81 -1.20 -21.37
C GLU A 821 11.41 -1.18 -19.87
N ILE A 822 11.33 -2.38 -19.28
CA ILE A 822 10.90 -2.55 -17.89
C ILE A 822 11.82 -3.54 -17.16
N ILE A 823 12.15 -3.25 -15.91
CA ILE A 823 12.84 -4.20 -15.04
C ILE A 823 11.82 -5.02 -14.27
N PHE A 824 11.98 -6.35 -14.31
CA PHE A 824 11.20 -7.21 -13.44
C PHE A 824 12.00 -7.58 -12.22
N LYS A 825 11.66 -6.99 -11.08
CA LYS A 825 12.32 -7.30 -9.81
C LYS A 825 11.56 -8.31 -8.96
N ASN A 826 12.22 -9.43 -8.65
CA ASN A 826 11.69 -10.47 -7.78
C ASN A 826 12.67 -10.71 -6.65
N GLY A 827 12.26 -10.38 -5.42
CA GLY A 827 13.12 -10.58 -4.26
C GLY A 827 13.18 -9.41 -3.31
N ASP A 828 13.17 -8.19 -3.85
CA ASP A 828 13.24 -7.00 -3.01
C ASP A 828 11.89 -6.30 -2.86
N ASP A 829 11.56 -5.91 -1.63
CA ASP A 829 10.36 -5.11 -1.36
C ASP A 829 10.48 -3.77 -2.07
N LEU A 830 9.50 -3.47 -2.90
CA LEU A 830 9.53 -2.31 -3.79
C LEU A 830 8.59 -1.19 -3.34
N ARG A 831 8.01 -1.36 -2.16
CA ARG A 831 7.04 -0.41 -1.63
C ARG A 831 7.66 0.93 -1.24
N GLN A 832 8.86 0.88 -0.67
CA GLN A 832 9.60 2.09 -0.28
C GLN A 832 9.98 2.94 -1.48
N ASP A 833 10.56 2.31 -2.49
CA ASP A 833 10.80 2.99 -3.74
C ASP A 833 9.53 3.68 -4.23
N MET A 834 8.43 2.93 -4.21
CA MET A 834 7.15 3.40 -4.70
C MET A 834 6.70 4.68 -3.98
N LEU A 835 6.70 4.62 -2.65
CA LEU A 835 6.36 5.76 -1.82
C LEU A 835 7.28 6.96 -2.09
N THR A 836 8.58 6.69 -2.15
CA THR A 836 9.56 7.74 -2.37
C THR A 836 9.27 8.40 -3.71
N LEU A 837 9.04 7.60 -4.75
CA LEU A 837 8.79 8.15 -6.08
C LEU A 837 7.50 8.95 -6.13
N GLN A 838 6.51 8.54 -5.35
CA GLN A 838 5.27 9.32 -5.21
C GLN A 838 5.56 10.69 -4.59
N ILE A 839 6.32 10.69 -3.50
CA ILE A 839 6.63 11.92 -2.78
C ILE A 839 7.44 12.90 -3.62
N ILE A 840 8.37 12.36 -4.39
CA ILE A 840 9.16 13.15 -5.34
C ILE A 840 8.24 13.83 -6.38
N ARG A 841 7.27 13.07 -6.89
CA ARG A 841 6.34 13.62 -7.87
C ARG A 841 5.51 14.74 -7.26
N ILE A 842 5.11 14.56 -5.99
CA ILE A 842 4.34 15.57 -5.29
C ILE A 842 5.20 16.80 -4.99
N MET A 843 6.41 16.56 -4.47
CA MET A 843 7.37 17.66 -4.29
C MET A 843 7.52 18.49 -5.56
N GLU A 844 7.87 17.84 -6.66
CA GLU A 844 7.99 18.51 -7.96
C GLU A 844 6.73 19.32 -8.31
N ASN A 845 5.56 18.79 -7.95
CA ASN A 845 4.30 19.46 -8.25
C ASN A 845 4.19 20.81 -7.54
N ILE A 846 4.44 20.80 -6.23
CA ILE A 846 4.40 21.98 -5.38
C ILE A 846 5.33 23.08 -5.90
N TRP A 847 6.56 22.71 -6.25
CA TRP A 847 7.55 23.66 -6.72
C TRP A 847 7.13 24.23 -8.05
N GLN A 848 6.79 23.33 -8.97
CA GLN A 848 6.42 23.66 -10.33
C GLN A 848 5.19 24.56 -10.38
N ASN A 849 4.30 24.43 -9.40
CA ASN A 849 3.12 25.30 -9.34
C ASN A 849 3.30 26.61 -8.60
N GLN A 850 4.47 26.78 -7.97
CA GLN A 850 4.87 28.03 -7.34
C GLN A 850 5.75 28.83 -8.29
N GLY A 851 5.88 28.36 -9.52
CA GLY A 851 6.81 28.94 -10.48
C GLY A 851 8.28 28.68 -10.16
N LEU A 852 8.54 27.66 -9.36
CA LEU A 852 9.90 27.24 -9.05
C LEU A 852 10.22 26.01 -9.88
N ASP A 853 10.96 26.21 -10.96
CA ASP A 853 11.16 25.19 -11.99
C ASP A 853 12.28 24.19 -11.70
N LEU A 854 12.01 23.19 -10.86
CA LEU A 854 12.98 22.14 -10.58
C LEU A 854 12.44 20.83 -11.12
N ARG A 855 13.22 20.17 -11.96
CA ARG A 855 12.74 18.96 -12.61
C ARG A 855 13.16 17.69 -11.90
N MET A 856 12.17 16.87 -11.54
CA MET A 856 12.45 15.59 -10.92
C MET A 856 12.15 14.50 -11.93
N LEU A 857 12.56 13.29 -11.62
CA LEU A 857 12.28 12.17 -12.50
C LEU A 857 11.67 11.01 -11.71
N PRO A 858 10.34 11.09 -11.47
CA PRO A 858 9.67 10.06 -10.70
C PRO A 858 9.20 9.00 -11.70
N TYR A 859 10.12 8.13 -12.08
CA TYR A 859 9.86 7.03 -13.01
C TYR A 859 8.89 6.02 -12.41
N GLY A 860 8.29 5.20 -13.27
CA GLY A 860 7.32 4.19 -12.85
C GLY A 860 7.88 3.11 -11.94
N CYS A 861 7.09 2.75 -10.94
CA CYS A 861 7.46 1.68 -10.03
C CYS A 861 6.17 1.11 -9.44
N LEU A 862 5.99 -0.20 -9.56
CA LEU A 862 4.75 -0.82 -9.10
C LEU A 862 5.10 -2.10 -8.40
N SER A 863 4.75 -2.17 -7.12
CA SER A 863 4.75 -3.44 -6.43
C SER A 863 3.50 -4.21 -6.86
N ILE A 864 3.68 -5.48 -7.23
CA ILE A 864 2.58 -6.28 -7.77
C ILE A 864 2.31 -7.54 -6.96
N GLY A 865 3.10 -7.75 -5.92
CA GLY A 865 2.92 -8.89 -5.01
C GLY A 865 3.94 -8.85 -3.88
N ASP A 866 4.09 -9.99 -3.21
CA ASP A 866 5.03 -10.12 -2.08
C ASP A 866 6.45 -10.07 -2.60
N CYS A 867 7.05 -8.90 -2.52
CA CYS A 867 8.39 -8.62 -3.05
C CYS A 867 8.53 -8.92 -4.53
N VAL A 868 7.56 -8.47 -5.32
CA VAL A 868 7.62 -8.58 -6.77
C VAL A 868 7.16 -7.25 -7.35
N GLY A 869 7.88 -6.77 -8.35
CA GLY A 869 7.57 -5.45 -8.89
C GLY A 869 8.20 -5.13 -10.22
N LEU A 870 7.74 -4.04 -10.82
CA LEU A 870 8.24 -3.56 -12.09
C LEU A 870 8.84 -2.20 -11.89
N ILE A 871 9.94 -1.92 -12.59
CA ILE A 871 10.54 -0.59 -12.61
C ILE A 871 10.74 -0.10 -14.04
N GLU A 872 10.28 1.12 -14.32
CA GLU A 872 10.50 1.77 -15.60
C GLU A 872 11.98 2.01 -15.85
N VAL A 873 12.42 1.77 -17.08
CA VAL A 873 13.77 2.08 -17.49
C VAL A 873 13.77 3.45 -18.13
N VAL A 874 14.66 4.30 -17.63
CA VAL A 874 14.89 5.61 -18.20
C VAL A 874 16.00 5.56 -19.26
N ARG A 875 15.60 5.69 -20.52
CA ARG A 875 16.51 5.56 -21.65
C ARG A 875 17.50 6.71 -21.76
N ASN A 876 18.61 6.47 -22.46
CA ASN A 876 19.67 7.49 -22.65
C ASN A 876 20.20 8.05 -21.33
N SER A 877 20.39 7.19 -20.34
CA SER A 877 20.90 7.64 -19.06
C SER A 877 21.99 6.71 -18.55
N HIS A 878 22.86 7.24 -17.69
CA HIS A 878 24.04 6.52 -17.19
C HIS A 878 24.29 6.96 -15.78
N THR A 879 24.86 6.08 -14.98
CA THR A 879 25.22 6.43 -13.60
C THR A 879 26.46 7.32 -13.64
N ILE A 880 26.66 8.13 -12.61
CA ILE A 880 27.88 8.93 -12.53
C ILE A 880 29.10 8.05 -12.76
N MET A 881 29.08 6.87 -12.15
CA MET A 881 30.15 5.87 -12.30
C MET A 881 30.37 5.44 -13.74
N GLN A 882 29.30 5.10 -14.44
CA GLN A 882 29.40 4.69 -15.84
C GLN A 882 30.01 5.79 -16.73
N ILE A 883 29.71 7.04 -16.42
CA ILE A 883 30.26 8.19 -17.12
C ILE A 883 31.76 8.29 -16.81
N GLN A 884 32.10 8.29 -15.52
CA GLN A 884 33.50 8.36 -15.08
C GLN A 884 34.38 7.27 -15.69
N CYS A 885 33.82 6.08 -15.87
CA CYS A 885 34.58 4.96 -16.39
C CYS A 885 34.87 5.03 -17.88
N LYS A 886 33.93 5.58 -18.65
CA LYS A 886 34.15 5.83 -20.08
C LYS A 886 35.35 6.74 -20.28
N GLY A 887 35.99 6.60 -21.43
CA GLY A 887 37.23 7.30 -21.78
C GLY A 887 37.54 8.64 -21.12
N GLY A 888 36.53 9.50 -21.01
CA GLY A 888 36.73 10.89 -20.61
C GLY A 888 37.61 11.57 -21.64
N LEU A 889 37.14 11.59 -22.89
CA LEU A 889 37.89 12.08 -24.06
C LEU A 889 39.43 11.99 -23.95
N LYS A 890 39.89 10.84 -23.46
CA LYS A 890 41.30 10.47 -23.45
C LYS A 890 41.39 8.94 -23.62
N GLY A 891 40.76 8.19 -22.72
CA GLY A 891 40.69 6.73 -22.84
C GLY A 891 40.47 5.94 -21.56
N ALA A 892 40.68 4.63 -21.65
CA ALA A 892 40.67 3.70 -20.50
C ALA A 892 39.71 4.07 -19.37
N LEU A 893 40.22 4.10 -18.13
CA LEU A 893 39.45 4.46 -16.94
C LEU A 893 40.11 5.63 -16.22
N GLN A 894 40.52 6.65 -16.97
CA GLN A 894 41.03 7.85 -16.36
C GLN A 894 39.95 8.89 -16.30
N PHE A 895 39.60 9.31 -15.09
CA PHE A 895 38.62 10.37 -14.94
C PHE A 895 39.11 11.66 -14.29
N ASN A 896 38.79 11.88 -13.01
CA ASN A 896 38.92 13.20 -12.39
C ASN A 896 37.62 13.99 -12.35
N SER A 897 37.51 14.92 -11.41
CA SER A 897 36.29 15.65 -11.10
C SER A 897 35.62 16.42 -12.26
N HIS A 898 36.38 16.69 -13.32
CA HIS A 898 35.86 17.44 -14.45
C HIS A 898 35.24 16.54 -15.53
N THR A 899 35.34 15.23 -15.34
CA THR A 899 34.89 14.27 -16.34
C THR A 899 33.39 14.36 -16.56
N LEU A 900 32.65 14.48 -15.46
CA LEU A 900 31.20 14.61 -15.54
C LEU A 900 30.85 15.82 -16.41
N HIS A 901 31.44 16.97 -16.10
CA HIS A 901 31.19 18.18 -16.87
C HIS A 901 31.63 18.06 -18.33
N GLN A 902 32.75 17.39 -18.53
CA GLN A 902 33.32 17.19 -19.87
C GLN A 902 32.38 16.33 -20.71
N TRP A 903 31.84 15.27 -20.11
CA TRP A 903 30.90 14.37 -20.76
C TRP A 903 29.64 15.11 -21.21
N LEU A 904 29.13 15.99 -20.35
CA LEU A 904 27.96 16.81 -20.66
C LEU A 904 28.24 17.89 -21.69
N LYS A 905 29.49 18.34 -21.77
CA LYS A 905 29.88 19.39 -22.72
C LYS A 905 29.94 18.82 -24.13
N ASP A 906 30.55 17.64 -24.25
CA ASP A 906 30.28 16.73 -25.35
C ASP A 906 28.80 16.37 -25.17
N LYS A 907 28.12 15.91 -26.21
CA LYS A 907 26.67 15.61 -26.07
C LYS A 907 25.77 16.85 -26.18
N ASN A 908 26.18 17.95 -25.54
CA ASN A 908 25.47 19.22 -25.69
C ASN A 908 26.39 20.33 -26.24
N LYS A 909 27.01 20.04 -27.38
CA LYS A 909 27.99 20.93 -27.97
C LYS A 909 27.43 22.33 -28.17
N GLY A 910 28.20 23.31 -27.66
CA GLY A 910 27.93 24.75 -27.66
C GLY A 910 26.67 25.33 -28.28
N GLU A 911 25.97 26.14 -27.49
CA GLU A 911 24.73 26.88 -27.86
C GLU A 911 23.47 26.21 -27.27
N ILE A 912 23.46 24.88 -27.28
CA ILE A 912 22.48 24.06 -26.56
C ILE A 912 23.01 23.86 -25.13
N TYR A 913 24.32 24.00 -25.01
CA TYR A 913 25.06 23.87 -23.77
C TYR A 913 24.42 24.55 -22.53
N ASP A 914 24.06 25.82 -22.65
CA ASP A 914 23.53 26.58 -21.53
C ASP A 914 22.34 25.89 -20.89
N ALA A 915 21.45 25.41 -21.74
CA ALA A 915 20.32 24.62 -21.32
C ALA A 915 20.80 23.45 -20.47
N ALA A 916 21.68 22.61 -21.01
CA ALA A 916 22.13 21.42 -20.31
C ALA A 916 22.55 21.74 -18.87
N ILE A 917 23.31 22.83 -18.71
CA ILE A 917 23.84 23.23 -17.42
C ILE A 917 22.71 23.67 -16.50
N ASP A 918 21.69 24.28 -17.09
CA ASP A 918 20.57 24.80 -16.35
C ASP A 918 19.71 23.63 -15.90
N LEU A 919 19.54 22.64 -16.78
CA LEU A 919 18.73 21.47 -16.46
C LEU A 919 19.42 20.67 -15.37
N PHE A 920 20.73 20.50 -15.50
CA PHE A 920 21.49 19.81 -14.47
C PHE A 920 21.36 20.54 -13.14
N THR A 921 21.61 21.84 -13.15
CA THR A 921 21.56 22.66 -11.95
C THR A 921 20.19 22.56 -11.28
N ARG A 922 19.16 22.64 -12.11
CA ARG A 922 17.80 22.55 -11.65
C ARG A 922 17.48 21.21 -10.99
N SER A 923 17.74 20.11 -11.72
CA SER A 923 17.39 18.78 -11.23
C SER A 923 18.23 18.44 -10.01
N CYS A 924 19.50 18.81 -10.08
CA CYS A 924 20.41 18.56 -8.98
C CYS A 924 19.90 19.20 -7.69
N ALA A 925 19.43 20.44 -7.78
CA ALA A 925 18.88 21.16 -6.65
C ALA A 925 17.73 20.39 -6.03
N GLY A 926 16.82 19.95 -6.90
CA GLY A 926 15.63 19.25 -6.48
C GLY A 926 16.00 18.05 -5.63
N TYR A 927 16.88 17.20 -6.14
CA TYR A 927 17.24 15.97 -5.45
C TYR A 927 18.06 16.23 -4.21
N CYS A 928 18.82 17.32 -4.22
CA CYS A 928 19.58 17.71 -3.05
C CYS A 928 18.71 18.02 -1.86
N VAL A 929 17.56 18.64 -2.12
CA VAL A 929 16.61 19.00 -1.07
C VAL A 929 15.68 17.85 -0.68
N ALA A 930 15.17 17.11 -1.66
CA ALA A 930 14.25 15.99 -1.40
C ALA A 930 14.96 14.91 -0.60
N THR A 931 16.16 14.57 -1.04
CA THR A 931 17.04 13.62 -0.38
C THR A 931 17.23 13.95 1.11
N PHE A 932 17.57 15.21 1.40
CA PHE A 932 17.81 15.67 2.75
C PHE A 932 16.53 15.58 3.58
N ILE A 933 15.44 16.14 3.06
CA ILE A 933 14.17 16.13 3.77
C ILE A 933 13.76 14.71 4.11
N LEU A 934 13.94 13.79 3.17
CA LEU A 934 13.43 12.44 3.35
C LEU A 934 14.41 11.54 4.07
N GLY A 935 15.64 12.03 4.23
CA GLY A 935 16.69 11.27 4.91
C GLY A 935 17.16 10.07 4.10
N ILE A 936 17.07 10.16 2.79
CA ILE A 936 17.61 9.15 1.89
C ILE A 936 19.12 9.28 1.89
N GLY A 937 19.77 8.36 2.60
CA GLY A 937 21.22 8.42 2.77
C GLY A 937 21.91 7.35 1.97
N ASP A 938 23.21 7.22 2.20
CA ASP A 938 24.02 6.21 1.50
C ASP A 938 23.80 6.31 -0.02
N ARG A 939 23.94 7.54 -0.51
CA ARG A 939 23.98 7.86 -1.92
C ARG A 939 25.40 7.64 -2.42
N HIS A 940 25.57 7.57 -3.73
CA HIS A 940 26.88 7.38 -4.35
C HIS A 940 26.76 7.34 -5.86
N ASN A 941 27.91 7.22 -6.54
CA ASN A 941 27.98 7.40 -7.98
C ASN A 941 27.30 6.32 -8.81
N SER A 942 26.85 5.25 -8.16
CA SER A 942 26.04 4.21 -8.81
C SER A 942 24.54 4.37 -8.54
N ASN A 943 24.21 5.32 -7.66
CA ASN A 943 22.85 5.63 -7.20
C ASN A 943 22.27 6.77 -8.01
N ILE A 944 23.17 7.52 -8.62
CA ILE A 944 22.79 8.75 -9.26
C ILE A 944 23.11 8.62 -10.74
N MET A 945 22.12 8.95 -11.55
CA MET A 945 22.27 8.91 -13.00
C MET A 945 22.12 10.30 -13.59
N VAL A 946 22.61 10.45 -14.81
CA VAL A 946 22.49 11.69 -15.55
C VAL A 946 22.04 11.28 -16.94
N LYS A 947 21.22 12.11 -17.57
CA LYS A 947 20.83 11.86 -18.94
C LYS A 947 21.65 12.71 -19.89
N ASP A 948 21.68 12.30 -21.16
CA ASP A 948 22.40 13.02 -22.23
C ASP A 948 22.07 14.51 -22.28
N ASP A 949 20.88 14.89 -21.82
CA ASP A 949 20.43 16.29 -21.84
C ASP A 949 20.79 17.09 -20.58
N GLY A 950 21.40 16.43 -19.61
CA GLY A 950 21.86 17.11 -18.40
C GLY A 950 21.05 16.84 -17.15
N GLN A 951 19.94 16.12 -17.29
CA GLN A 951 19.05 15.86 -16.15
C GLN A 951 19.64 14.83 -15.19
N LEU A 952 19.55 15.12 -13.89
CA LEU A 952 20.06 14.25 -12.83
C LEU A 952 18.91 13.64 -12.01
N PHE A 953 19.18 12.46 -11.44
CA PHE A 953 18.28 11.62 -10.61
C PHE A 953 19.17 10.39 -10.50
N HIS A 954 19.32 9.62 -9.43
CA HIS A 954 18.48 9.28 -8.27
C HIS A 954 17.57 8.08 -8.45
N ILE A 955 18.17 6.91 -8.27
CA ILE A 955 17.51 5.64 -8.40
C ILE A 955 17.68 4.79 -7.14
N ASP A 956 17.04 3.62 -7.14
CA ASP A 956 17.26 2.57 -6.14
C ASP A 956 17.27 3.06 -4.69
N PHE A 957 16.08 3.39 -4.19
CA PHE A 957 15.98 4.08 -2.91
C PHE A 957 16.07 3.17 -1.69
N GLY A 958 15.16 2.21 -1.57
CA GLY A 958 15.21 1.24 -0.48
C GLY A 958 14.97 1.86 0.90
N HIS A 959 16.01 2.45 1.47
CA HIS A 959 15.95 3.03 2.83
C HIS A 959 15.28 4.42 2.90
N PHE A 960 14.61 4.68 4.02
CA PHE A 960 13.81 5.91 4.17
C PHE A 960 14.42 7.00 5.02
N LEU A 961 13.85 7.17 6.20
CA LEU A 961 14.12 8.28 7.09
C LEU A 961 15.17 7.79 8.05
N ASP A 962 16.43 8.09 7.73
CA ASP A 962 17.57 7.43 8.35
C ASP A 962 17.47 5.93 8.07
N HIS A 963 17.18 5.15 9.11
CA HIS A 963 16.96 3.71 9.01
C HIS A 963 17.89 3.00 8.03
N PRO A 976 22.57 13.73 7.05
CA PRO A 976 22.82 13.52 5.62
C PRO A 976 22.85 14.81 4.79
N PHE A 977 23.71 14.85 3.77
CA PHE A 977 23.70 15.88 2.69
C PHE A 977 24.88 15.69 1.73
N VAL A 978 24.59 15.41 0.45
CA VAL A 978 25.62 15.04 -0.53
C VAL A 978 26.45 16.18 -1.13
N LEU A 979 26.04 16.65 -2.30
CA LEU A 979 26.81 17.59 -3.12
C LEU A 979 28.26 17.17 -3.35
N THR A 980 28.48 16.36 -4.39
CA THR A 980 29.83 15.96 -4.75
C THR A 980 30.51 17.09 -5.52
N GLN A 981 31.84 17.08 -5.54
CA GLN A 981 32.57 18.11 -6.27
C GLN A 981 32.30 18.04 -7.77
N ASP A 982 32.06 16.84 -8.27
CA ASP A 982 31.67 16.63 -9.66
C ASP A 982 30.48 17.52 -10.02
N PHE A 983 29.46 17.49 -9.17
CA PHE A 983 28.25 18.25 -9.41
C PHE A 983 28.54 19.72 -9.31
N LEU A 984 29.33 20.09 -8.31
CA LEU A 984 29.77 21.48 -8.14
C LEU A 984 30.45 21.99 -9.39
N ILE A 985 31.25 21.15 -10.04
CA ILE A 985 31.95 21.57 -11.24
C ILE A 985 31.00 21.70 -12.43
N VAL A 986 29.98 20.86 -12.50
CA VAL A 986 28.99 20.95 -13.60
C VAL A 986 28.18 22.24 -13.51
N ILE A 987 27.64 22.52 -12.32
CA ILE A 987 27.17 23.86 -11.97
C ILE A 987 28.44 24.68 -12.00
N SER A 988 28.39 25.91 -12.50
CA SER A 988 29.63 26.62 -12.90
C SER A 988 30.21 25.92 -14.11
N LYS A 989 31.51 26.08 -14.32
CA LYS A 989 32.27 25.29 -15.28
C LYS A 989 33.72 25.32 -14.81
N GLY A 990 34.06 26.42 -14.12
CA GLY A 990 35.43 26.74 -13.72
C GLY A 990 36.11 25.72 -12.84
N ALA A 991 37.41 25.94 -12.61
CA ALA A 991 38.27 25.02 -11.86
C ALA A 991 37.89 24.93 -10.37
N GLN A 992 38.87 24.55 -9.53
CA GLN A 992 38.64 24.37 -8.09
C GLN A 992 37.74 25.44 -7.45
N GLU A 993 37.75 26.63 -8.05
CA GLU A 993 36.88 27.73 -7.61
C GLU A 993 35.49 27.60 -8.20
N CYS A 994 34.55 27.12 -7.38
CA CYS A 994 33.15 26.94 -7.80
C CYS A 994 32.24 26.84 -6.59
N THR A 995 32.75 27.23 -5.43
CA THR A 995 31.96 27.36 -4.21
C THR A 995 31.71 28.85 -3.94
N LYS A 996 32.20 29.70 -4.84
CA LYS A 996 32.00 31.14 -4.73
C LYS A 996 31.64 31.79 -6.07
N THR A 997 31.22 30.96 -7.03
CA THR A 997 30.74 31.45 -8.32
C THR A 997 29.33 32.02 -8.19
N ARG A 998 28.88 32.77 -9.19
CA ARG A 998 27.51 33.32 -9.22
C ARG A 998 26.51 32.20 -9.45
N GLU A 999 26.95 31.20 -10.22
CA GLU A 999 26.13 30.05 -10.58
C GLU A 999 25.81 29.25 -9.32
N PHE A 1000 26.80 29.15 -8.43
CA PHE A 1000 26.63 28.43 -7.17
C PHE A 1000 25.63 29.13 -6.24
N GLU A 1001 25.65 30.46 -6.26
CA GLU A 1001 24.72 31.24 -5.45
C GLU A 1001 23.29 31.10 -5.93
N ARG A 1002 23.09 31.16 -7.25
CA ARG A 1002 21.78 30.91 -7.83
C ARG A 1002 21.30 29.50 -7.46
N PHE A 1003 22.24 28.55 -7.50
CA PHE A 1003 21.95 27.17 -7.12
C PHE A 1003 21.50 27.06 -5.67
N GLN A 1004 22.21 27.75 -4.77
CA GLN A 1004 21.85 27.76 -3.36
C GLN A 1004 20.49 28.42 -3.12
N GLU A 1005 20.17 29.41 -3.95
CA GLU A 1005 18.86 30.07 -3.89
C GLU A 1005 17.71 29.12 -4.23
N MET A 1006 17.87 28.32 -5.28
CA MET A 1006 16.86 27.33 -5.66
C MET A 1006 16.65 26.37 -4.50
N CYS A 1007 17.76 25.98 -3.86
CA CYS A 1007 17.72 25.09 -2.70
C CYS A 1007 16.96 25.70 -1.52
N TYR A 1008 17.26 26.96 -1.19
CA TYR A 1008 16.55 27.65 -0.10
C TYR A 1008 15.06 27.76 -0.43
N LYS A 1009 14.75 28.26 -1.63
CA LYS A 1009 13.37 28.45 -2.07
C LYS A 1009 12.60 27.13 -2.09
N ALA A 1010 13.25 26.07 -2.52
CA ALA A 1010 12.62 24.76 -2.61
C ALA A 1010 12.39 24.10 -1.25
N TYR A 1011 13.35 24.26 -0.35
CA TYR A 1011 13.24 23.75 1.00
C TYR A 1011 12.05 24.37 1.69
N LEU A 1012 11.92 25.70 1.56
CA LEU A 1012 10.84 26.44 2.20
C LEU A 1012 9.46 26.10 1.64
N ALA A 1013 9.40 25.79 0.35
CA ALA A 1013 8.16 25.42 -0.30
C ALA A 1013 7.62 24.11 0.30
N ILE A 1014 8.48 23.10 0.39
CA ILE A 1014 8.10 21.84 0.99
C ILE A 1014 7.73 22.07 2.44
N ARG A 1015 8.51 22.90 3.14
CA ARG A 1015 8.22 23.26 4.53
C ARG A 1015 6.80 23.84 4.69
N GLN A 1016 6.41 24.72 3.77
CA GLN A 1016 5.07 25.33 3.77
C GLN A 1016 3.97 24.31 3.58
N HIS A 1017 4.31 23.19 2.94
CA HIS A 1017 3.35 22.13 2.67
C HIS A 1017 3.61 20.91 3.54
N ALA A 1018 4.49 21.03 4.54
CA ALA A 1018 4.53 20.01 5.58
C ALA A 1018 3.12 19.99 6.10
N ASN A 1019 2.56 18.80 6.28
CA ASN A 1019 1.12 18.62 6.59
C ASN A 1019 0.60 17.65 5.58
N LEU A 1020 0.75 17.99 4.31
CA LEU A 1020 0.51 17.03 3.25
C LEU A 1020 1.40 15.82 3.53
N PHE A 1021 2.71 16.07 3.61
CA PHE A 1021 3.70 15.00 3.80
C PHE A 1021 3.55 14.27 5.12
N ILE A 1022 3.34 15.00 6.21
CA ILE A 1022 3.06 14.36 7.48
C ILE A 1022 1.88 13.40 7.33
N ASN A 1023 0.76 13.91 6.82
CA ASN A 1023 -0.43 13.08 6.60
C ASN A 1023 -0.23 11.91 5.63
N LEU A 1024 0.57 12.12 4.58
CA LEU A 1024 0.83 11.07 3.60
C LEU A 1024 1.59 9.92 4.22
N PHE A 1025 2.67 10.25 4.92
CA PHE A 1025 3.36 9.26 5.70
C PHE A 1025 2.48 8.63 6.78
N SER A 1026 1.63 9.44 7.42
CA SER A 1026 0.72 8.97 8.49
C SER A 1026 -0.24 7.88 8.05
N MET A 1027 -0.81 8.04 6.86
CA MET A 1027 -1.76 7.11 6.28
C MET A 1027 -1.08 5.78 5.93
N MET A 1028 0.23 5.81 5.83
CA MET A 1028 1.01 4.70 5.32
C MET A 1028 1.52 3.82 6.45
N LEU A 1029 1.10 4.14 7.67
CA LEU A 1029 1.56 3.47 8.87
C LEU A 1029 0.93 2.09 8.95
N GLY A 1030 -0.16 1.88 8.22
CA GLY A 1030 -0.91 0.63 8.26
C GLY A 1030 -0.24 -0.59 7.67
N SER A 1031 0.49 -0.38 6.58
CA SER A 1031 1.18 -1.48 5.90
C SER A 1031 2.38 -1.99 6.69
N GLY A 1032 3.15 -2.88 6.09
CA GLY A 1032 4.23 -3.53 6.80
C GLY A 1032 5.60 -2.96 6.54
N MET A 1033 5.67 -1.70 6.14
CA MET A 1033 6.97 -1.07 5.92
C MET A 1033 7.75 -0.99 7.22
N PRO A 1034 8.96 -1.58 7.24
CA PRO A 1034 9.79 -1.54 8.44
C PRO A 1034 10.07 -0.11 8.92
N GLU A 1035 10.23 0.83 7.99
CA GLU A 1035 10.54 2.21 8.34
C GLU A 1035 9.32 3.02 8.77
N LEU A 1036 8.14 2.42 8.76
CA LEU A 1036 6.93 3.14 9.13
C LEU A 1036 6.02 2.33 10.04
N GLN A 1037 6.52 1.98 11.22
CA GLN A 1037 5.76 1.17 12.16
C GLN A 1037 4.94 2.04 13.11
N SER A 1038 5.44 3.24 13.39
CA SER A 1038 4.78 4.16 14.33
C SER A 1038 5.07 5.63 14.02
N PHE A 1039 4.33 6.53 14.67
CA PHE A 1039 4.46 7.97 14.47
C PHE A 1039 5.86 8.52 14.72
N ASP A 1040 6.58 7.88 15.63
CA ASP A 1040 7.94 8.27 15.98
C ASP A 1040 8.90 8.14 14.80
N ASP A 1041 8.52 7.34 13.80
CA ASP A 1041 9.31 7.22 12.58
C ASP A 1041 9.16 8.48 11.68
N ILE A 1042 7.94 9.04 11.68
CA ILE A 1042 7.63 10.26 10.92
C ILE A 1042 8.33 11.48 11.53
N ALA A 1043 8.65 11.40 12.82
CA ALA A 1043 9.32 12.49 13.52
C ALA A 1043 10.53 13.01 12.75
N TYR A 1044 11.14 12.14 11.95
CA TYR A 1044 12.34 12.49 11.22
C TYR A 1044 12.16 13.72 10.33
N ILE A 1045 11.11 13.73 9.49
CA ILE A 1045 10.87 14.88 8.63
C ILE A 1045 10.41 16.09 9.44
N ARG A 1046 9.78 15.84 10.59
CA ARG A 1046 9.43 16.89 11.53
C ARG A 1046 10.66 17.64 12.02
N LYS A 1047 11.82 16.97 12.02
CA LYS A 1047 13.07 17.62 12.40
C LYS A 1047 13.80 18.19 11.19
N THR A 1048 13.81 17.43 10.10
CA THR A 1048 14.50 17.82 8.87
C THR A 1048 13.97 19.15 8.36
N LEU A 1049 12.65 19.23 8.19
CA LEU A 1049 11.97 20.51 8.13
C LEU A 1049 11.95 20.96 9.58
N ALA A 1050 12.21 22.24 9.86
CA ALA A 1050 12.35 22.63 11.27
C ALA A 1050 11.09 22.34 12.10
N LEU A 1051 9.96 22.89 11.66
CA LEU A 1051 8.63 22.62 12.27
C LEU A 1051 8.37 23.19 13.68
N ASP A 1052 9.22 22.83 14.64
CA ASP A 1052 9.15 23.43 15.97
C ASP A 1052 10.00 24.70 16.07
N LYS A 1053 10.28 25.30 14.92
CA LYS A 1053 11.02 26.56 14.84
C LYS A 1053 10.31 27.55 13.90
N THR A 1054 10.92 28.70 13.65
CA THR A 1054 10.36 29.71 12.77
C THR A 1054 10.78 29.36 11.37
N GLU A 1055 10.11 29.94 10.37
CA GLU A 1055 10.62 29.90 9.01
C GLU A 1055 12.05 30.43 9.00
N GLN A 1056 12.29 31.49 9.76
CA GLN A 1056 13.60 32.13 9.79
C GLN A 1056 14.67 31.25 10.41
N GLU A 1057 14.32 30.55 11.49
CA GLU A 1057 15.23 29.59 12.13
C GLU A 1057 15.47 28.37 11.25
N ALA A 1058 14.44 27.99 10.51
CA ALA A 1058 14.51 26.84 9.60
C ALA A 1058 15.50 27.13 8.48
N LEU A 1059 15.23 28.17 7.71
CA LEU A 1059 16.09 28.58 6.60
C LEU A 1059 17.54 28.57 7.06
N GLU A 1060 17.78 29.14 8.24
CA GLU A 1060 19.11 29.20 8.83
C GLU A 1060 19.65 27.81 9.15
N TYR A 1061 18.80 26.95 9.71
CA TYR A 1061 19.17 25.57 10.00
C TYR A 1061 19.59 24.85 8.72
N PHE A 1062 18.78 25.01 7.66
CA PHE A 1062 19.04 24.38 6.37
C PHE A 1062 20.29 24.93 5.70
N MET A 1063 20.44 26.24 5.73
CA MET A 1063 21.65 26.91 5.24
C MET A 1063 22.89 26.28 5.86
N LYS A 1064 22.85 26.13 7.19
CA LYS A 1064 23.94 25.55 7.95
C LYS A 1064 24.23 24.12 7.45
N GLN A 1065 23.21 23.28 7.40
CA GLN A 1065 23.33 21.91 6.90
C GLN A 1065 24.05 21.88 5.56
N MET A 1066 23.83 22.91 4.76
CA MET A 1066 24.28 22.95 3.39
C MET A 1066 25.68 23.54 3.22
N ASN A 1067 25.99 24.60 3.97
CA ASN A 1067 27.30 25.24 3.83
C ASN A 1067 28.40 24.43 4.50
N ASP A 1068 28.00 23.44 5.28
CA ASP A 1068 28.89 22.37 5.69
C ASP A 1068 29.03 21.47 4.47
N ALA A 1069 28.16 20.47 4.39
CA ALA A 1069 28.04 19.58 3.24
C ALA A 1069 29.28 18.74 2.95
N ARG A 1070 30.46 19.37 2.92
CA ARG A 1070 31.71 18.73 2.50
C ARG A 1070 31.53 18.26 1.05
N HIS A 1071 32.59 18.33 0.26
CA HIS A 1071 32.40 18.04 -1.17
C HIS A 1071 33.29 16.93 -1.71
N GLY A 1072 34.30 17.29 -2.51
CA GLY A 1072 35.22 16.30 -3.08
C GLY A 1072 34.57 15.19 -3.90
N GLY A 1073 35.35 14.14 -4.15
CA GLY A 1073 34.91 13.02 -4.95
C GLY A 1073 36.11 12.17 -5.30
N TRP A 1074 35.85 10.94 -5.73
CA TRP A 1074 36.89 9.97 -6.02
C TRP A 1074 37.28 10.03 -7.48
N THR A 1075 38.59 10.03 -7.75
CA THR A 1075 39.10 10.39 -9.07
C THR A 1075 40.47 9.80 -9.43
N THR A 1076 40.47 8.54 -9.89
CA THR A 1076 41.65 7.87 -10.47
C THR A 1076 42.90 7.87 -9.60
N LYS A 1077 43.30 9.07 -9.14
CA LYS A 1077 44.36 9.30 -8.14
C LYS A 1077 44.76 8.01 -7.45
N MET A 1078 43.81 7.50 -6.66
CA MET A 1078 43.83 6.14 -6.14
C MET A 1078 42.51 5.81 -5.43
N ASP A 1079 42.27 4.51 -5.34
CA ASP A 1079 41.13 3.90 -4.67
C ASP A 1079 39.78 4.59 -4.85
N TRP A 1080 39.36 4.64 -6.11
CA TRP A 1080 38.00 4.97 -6.44
C TRP A 1080 37.14 3.71 -6.39
N ILE A 1081 37.80 2.57 -6.19
CA ILE A 1081 37.13 1.29 -6.10
C ILE A 1081 36.70 1.00 -4.66
N PHE A 1082 37.69 0.92 -3.76
CA PHE A 1082 37.43 0.52 -2.37
C PHE A 1082 37.29 1.70 -1.41
N HIS A 1083 37.81 2.86 -1.79
CA HIS A 1083 37.67 4.10 -1.01
C HIS A 1083 38.62 4.21 0.18
N THR A 1084 39.85 3.73 0.00
CA THR A 1084 40.89 3.81 1.01
C THR A 1084 41.52 5.21 1.07
N ILE A 1085 42.03 5.56 2.25
CA ILE A 1085 43.04 6.63 2.48
C ILE A 1085 43.08 7.05 3.95
N MET B 5 22.65 23.98 40.55
CA MET B 5 21.70 23.16 41.37
C MET B 5 20.22 23.59 41.15
N SER B 6 19.40 23.42 42.18
CA SER B 6 17.95 23.63 42.11
C SER B 6 17.33 22.84 40.95
N LEU B 7 16.69 23.51 39.99
CA LEU B 7 15.98 22.85 38.90
C LEU B 7 16.86 21.96 38.03
N GLN B 8 18.07 22.44 37.71
CA GLN B 8 18.91 21.78 36.72
C GLN B 8 19.28 20.35 37.09
N ASN B 9 19.31 20.05 38.38
CA ASN B 9 19.62 18.71 38.84
C ASN B 9 18.62 18.15 39.85
N ALA B 10 17.34 18.27 39.51
CA ALA B 10 16.29 17.53 40.19
C ALA B 10 16.17 16.18 39.48
N GLU B 11 15.73 15.16 40.22
CA GLU B 11 15.56 13.81 39.70
C GLU B 11 14.74 13.82 38.41
N TRP B 12 13.62 14.55 38.47
CA TRP B 12 12.59 14.52 37.45
C TRP B 12 12.79 15.52 36.31
N TYR B 13 13.85 16.33 36.38
CA TYR B 13 14.19 17.22 35.29
C TYR B 13 15.14 16.54 34.33
N TRP B 14 14.66 16.28 33.11
CA TRP B 14 15.48 15.66 32.08
C TRP B 14 15.86 16.65 30.98
N GLY B 15 15.03 17.69 30.81
CA GLY B 15 15.32 18.80 29.91
C GLY B 15 15.56 18.44 28.46
N ASP B 16 16.82 18.08 28.18
CA ASP B 16 17.33 17.66 26.85
C ASP B 16 16.38 16.83 25.97
N ILE B 17 15.76 15.81 26.56
CA ILE B 17 15.01 14.76 25.85
C ILE B 17 13.83 15.22 24.99
N SER B 18 13.44 14.38 24.03
CA SER B 18 12.36 14.68 23.09
C SER B 18 11.03 14.01 23.47
N ARG B 19 10.02 14.20 22.63
CA ARG B 19 8.68 13.66 22.84
C ARG B 19 8.65 12.12 22.86
N GLU B 20 9.37 11.51 21.93
CA GLU B 20 9.48 10.05 21.82
C GLU B 20 10.14 9.43 23.05
N GLU B 21 11.20 10.09 23.53
CA GLU B 21 12.02 9.60 24.65
C GLU B 21 11.22 9.47 25.95
N VAL B 22 10.24 10.37 26.12
CA VAL B 22 9.35 10.35 27.27
C VAL B 22 8.39 9.16 27.21
N ASN B 23 7.79 8.96 26.04
CA ASN B 23 6.81 7.88 25.85
C ASN B 23 7.32 6.48 26.20
N GLU B 24 8.61 6.23 25.95
CA GLU B 24 9.26 4.98 26.32
C GLU B 24 9.45 4.88 27.82
N LYS B 25 9.70 6.02 28.46
CA LYS B 25 9.91 6.07 29.90
C LYS B 25 8.60 5.98 30.70
N LEU B 26 7.47 6.25 30.04
CA LEU B 26 6.17 6.23 30.69
C LEU B 26 5.29 5.06 30.26
N ARG B 27 5.90 4.08 29.58
CA ARG B 27 5.17 2.92 29.09
C ARG B 27 4.73 1.98 30.22
N ASP B 28 3.41 1.70 30.25
CA ASP B 28 2.76 0.83 31.24
C ASP B 28 2.98 1.23 32.70
N THR B 29 3.36 2.48 32.91
CA THR B 29 3.66 3.00 34.24
C THR B 29 2.40 3.45 34.95
N ALA B 30 2.39 3.28 36.27
CA ALA B 30 1.23 3.62 37.10
C ALA B 30 0.90 5.11 37.07
N ASP B 31 -0.37 5.42 37.33
CA ASP B 31 -0.85 6.80 37.41
C ASP B 31 -0.06 7.57 38.45
N GLY B 32 0.36 8.78 38.08
CA GLY B 32 1.15 9.64 38.95
C GLY B 32 2.61 9.73 38.59
N THR B 33 3.01 9.04 37.52
CA THR B 33 4.39 9.11 37.01
C THR B 33 4.59 10.37 36.15
N PHE B 34 5.70 11.05 36.37
CA PHE B 34 5.91 12.34 35.74
C PHE B 34 7.37 12.66 35.50
N LEU B 35 7.60 13.54 34.52
CA LEU B 35 8.88 14.22 34.38
C LEU B 35 8.68 15.62 33.83
N VAL B 36 9.68 16.47 34.05
CA VAL B 36 9.71 17.80 33.44
C VAL B 36 10.80 17.85 32.37
N ARG B 37 10.49 18.54 31.28
CA ARG B 37 11.30 18.54 30.08
C ARG B 37 11.33 19.96 29.55
N ASP B 38 12.32 20.26 28.71
CA ASP B 38 12.32 21.51 27.97
C ASP B 38 11.17 21.50 26.97
N ALA B 39 10.52 22.65 26.79
CA ALA B 39 9.50 22.79 25.76
C ALA B 39 10.15 22.79 24.36
N SER B 40 9.38 22.36 23.37
CA SER B 40 9.85 22.28 21.99
C SER B 40 10.01 23.66 21.32
N THR B 41 9.25 24.65 21.80
CA THR B 41 9.51 26.05 21.48
C THR B 41 9.99 26.79 22.75
N LYS B 42 11.30 26.97 22.87
CA LYS B 42 11.93 27.60 24.03
C LYS B 42 12.29 29.07 23.73
N GLY B 45 5.41 28.94 27.93
CA GLY B 45 6.56 29.00 28.84
C GLY B 45 7.81 28.34 28.26
N ASP B 46 8.66 27.82 29.13
CA ASP B 46 9.89 27.17 28.71
C ASP B 46 9.86 25.66 28.94
N TYR B 47 8.97 25.20 29.83
CA TYR B 47 9.02 23.82 30.32
C TYR B 47 7.71 23.04 30.13
N THR B 48 7.83 21.71 30.12
CA THR B 48 6.67 20.84 29.93
C THR B 48 6.62 19.76 31.00
N LEU B 49 5.46 19.62 31.64
CA LEU B 49 5.21 18.50 32.52
C LEU B 49 4.51 17.39 31.76
N THR B 50 4.98 16.16 31.94
CA THR B 50 4.37 15.01 31.31
C THR B 50 3.91 14.03 32.38
N LEU B 51 2.60 13.99 32.61
CA LEU B 51 2.00 13.24 33.70
C LEU B 51 1.14 12.07 33.18
N ARG B 52 1.30 10.91 33.81
CA ARG B 52 0.54 9.71 33.48
C ARG B 52 -0.80 9.65 34.22
N LYS B 53 -1.90 9.62 33.45
CA LYS B 53 -3.22 9.34 34.01
C LYS B 53 -4.10 8.55 33.03
N GLY B 54 -4.81 7.55 33.56
CA GLY B 54 -5.75 6.76 32.78
C GLY B 54 -5.14 6.06 31.59
N GLY B 55 -3.84 5.77 31.69
CA GLY B 55 -3.11 5.09 30.63
C GLY B 55 -2.53 5.99 29.57
N ASN B 56 -2.74 7.30 29.73
CA ASN B 56 -2.24 8.30 28.78
C ASN B 56 -1.15 9.19 29.38
N ASN B 57 -0.42 9.86 28.49
CA ASN B 57 0.64 10.78 28.89
C ASN B 57 0.22 12.23 28.63
N LYS B 58 -0.15 12.94 29.70
CA LYS B 58 -0.66 14.31 29.62
C LYS B 58 0.46 15.37 29.56
N LEU B 59 0.48 16.12 28.46
CA LEU B 59 1.40 17.26 28.33
C LEU B 59 0.76 18.50 28.97
N ILE B 60 1.34 18.97 30.05
CA ILE B 60 0.89 20.21 30.68
C ILE B 60 1.98 21.26 30.59
N LYS B 61 1.65 22.42 30.03
CA LYS B 61 2.59 23.51 29.94
C LYS B 61 2.85 24.17 31.30
N ILE B 62 4.11 24.59 31.48
CA ILE B 62 4.48 25.47 32.58
C ILE B 62 4.83 26.82 31.97
N PHE B 63 4.02 27.83 32.29
CA PHE B 63 4.18 29.16 31.72
C PHE B 63 5.09 30.04 32.57
N HIS B 64 6.08 30.65 31.93
CA HIS B 64 7.04 31.51 32.60
C HIS B 64 6.82 32.96 32.16
N ARG B 65 6.00 33.69 32.93
CA ARG B 65 5.74 35.11 32.66
C ARG B 65 6.16 36.01 33.82
N ASP B 66 7.18 36.83 33.59
CA ASP B 66 7.67 37.84 34.54
C ASP B 66 8.31 37.24 35.80
N GLY B 67 8.94 36.08 35.64
CA GLY B 67 9.60 35.39 36.76
C GLY B 67 8.63 34.67 37.68
N LYS B 68 7.52 34.18 37.10
CA LYS B 68 6.53 33.40 37.84
C LYS B 68 5.96 32.23 37.03
N TYR B 69 5.83 31.08 37.70
CA TYR B 69 5.42 29.84 37.04
C TYR B 69 4.03 29.36 37.45
N GLY B 70 3.45 28.53 36.59
CA GLY B 70 2.13 27.96 36.83
C GLY B 70 1.56 27.33 35.55
N PHE B 71 0.33 26.86 35.64
CA PHE B 71 -0.35 26.29 34.47
C PHE B 71 -1.29 27.28 33.82
N SER B 72 -1.87 28.18 34.62
CA SER B 72 -2.77 29.24 34.12
C SER B 72 -2.55 30.57 34.86
N ASP B 73 -3.18 31.63 34.35
CA ASP B 73 -2.82 33.04 34.66
C ASP B 73 -2.65 33.51 36.12
N PRO B 74 -3.40 32.93 37.08
CA PRO B 74 -2.92 33.18 38.45
C PRO B 74 -1.65 32.35 38.76
N LEU B 75 -0.50 32.82 38.25
CA LEU B 75 0.79 32.14 38.43
C LEU B 75 1.38 32.40 39.82
N THR B 76 1.04 31.54 40.78
CA THR B 76 1.43 31.73 42.19
C THR B 76 2.90 31.42 42.49
N PHE B 77 3.43 30.39 41.85
CA PHE B 77 4.78 29.88 42.13
C PHE B 77 5.87 30.67 41.42
N SER B 78 7.10 30.54 41.89
CA SER B 78 8.20 31.32 41.34
C SER B 78 9.56 30.62 41.24
N SER B 79 9.56 29.29 41.04
CA SER B 79 10.85 28.57 40.86
C SER B 79 10.80 27.22 40.12
N VAL B 80 9.61 26.82 39.65
CA VAL B 80 9.41 25.49 39.02
C VAL B 80 9.51 24.34 40.02
N VAL B 81 10.59 24.32 40.80
CA VAL B 81 10.75 23.35 41.87
C VAL B 81 9.69 23.60 42.94
N GLU B 82 9.39 24.88 43.16
CA GLU B 82 8.29 25.27 44.05
C GLU B 82 6.95 24.75 43.51
N LEU B 83 6.75 24.88 42.21
CA LEU B 83 5.54 24.42 41.53
C LEU B 83 5.37 22.91 41.63
N ILE B 84 6.39 22.17 41.20
CA ILE B 84 6.34 20.72 41.11
C ILE B 84 6.20 20.06 42.47
N ASN B 85 6.97 20.54 43.46
CA ASN B 85 6.91 20.02 44.82
C ASN B 85 5.55 20.25 45.48
N HIS B 86 4.92 21.38 45.16
CA HIS B 86 3.57 21.68 45.66
C HIS B 86 2.63 20.51 45.34
N TYR B 87 2.60 20.13 44.07
CA TYR B 87 1.71 19.06 43.61
C TYR B 87 2.26 17.65 43.84
N ARG B 88 3.37 17.53 44.57
CA ARG B 88 3.83 16.24 45.08
C ARG B 88 3.03 15.92 46.35
N ASN B 89 2.77 16.96 47.14
CA ASN B 89 2.02 16.83 48.37
C ASN B 89 0.53 17.09 48.16
N GLU B 90 0.22 18.13 47.39
CA GLU B 90 -1.17 18.51 47.11
C GLU B 90 -1.67 17.80 45.85
N SER B 91 -2.97 17.53 45.80
CA SER B 91 -3.59 16.97 44.61
C SER B 91 -3.70 18.02 43.51
N LEU B 92 -3.63 17.57 42.26
CA LEU B 92 -3.75 18.47 41.12
C LEU B 92 -5.18 18.93 40.86
N ALA B 93 -6.12 18.44 41.66
CA ALA B 93 -7.55 18.75 41.49
C ALA B 93 -7.88 20.23 41.58
N GLN B 94 -7.01 21.01 42.23
CA GLN B 94 -7.16 22.47 42.31
C GLN B 94 -6.69 23.17 41.02
N TYR B 95 -6.07 22.41 40.12
CA TYR B 95 -6.00 22.78 38.71
C TYR B 95 -6.82 21.73 37.94
N ASN B 96 -8.00 22.12 37.48
CA ASN B 96 -8.93 21.20 36.77
C ASN B 96 -9.28 19.89 37.50
N PRO B 97 -10.41 19.90 38.25
CA PRO B 97 -11.02 18.79 39.01
C PRO B 97 -10.89 17.36 38.44
N LYS B 98 -10.89 17.21 37.11
CA LYS B 98 -10.75 15.89 36.48
C LYS B 98 -9.39 15.23 36.70
N LEU B 99 -8.38 16.04 37.03
CA LEU B 99 -7.05 15.54 37.36
C LEU B 99 -6.84 15.40 38.86
N ASP B 100 -7.59 14.48 39.46
CA ASP B 100 -7.57 14.24 40.91
C ASP B 100 -6.26 13.61 41.39
N VAL B 101 -5.40 13.25 40.43
CA VAL B 101 -4.15 12.56 40.72
C VAL B 101 -3.09 13.48 41.35
N LYS B 102 -2.13 12.90 42.07
CA LYS B 102 -0.94 13.61 42.56
C LYS B 102 0.28 13.23 41.74
N LEU B 103 1.28 14.12 41.70
CA LEU B 103 2.58 13.81 41.11
C LEU B 103 3.33 12.87 42.05
N LEU B 104 3.08 11.58 41.91
CA LEU B 104 3.53 10.59 42.89
C LEU B 104 4.90 9.96 42.59
N TYR B 105 5.21 9.76 41.32
CA TYR B 105 6.43 9.03 40.94
C TYR B 105 7.33 9.77 39.95
N PRO B 106 8.47 10.31 40.44
CA PRO B 106 9.45 10.91 39.54
C PRO B 106 10.10 9.86 38.64
N VAL B 107 10.70 10.28 37.54
CA VAL B 107 11.41 9.35 36.66
C VAL B 107 12.84 9.12 37.16
N SER B 108 13.47 10.19 37.65
CA SER B 108 14.85 10.18 38.19
C SER B 108 15.92 9.91 37.15
N LYS B 109 16.75 10.93 36.88
CA LYS B 109 17.85 10.80 35.94
C LYS B 109 19.06 10.11 36.56
N TYR B 110 18.84 9.51 37.72
CA TYR B 110 19.79 8.58 38.32
C TYR B 110 19.09 7.22 38.35
N GLN B 111 19.62 6.28 37.57
CA GLN B 111 19.05 4.95 37.48
C GLN B 111 20.14 3.89 37.72
N GLN B 112 21.16 3.89 36.86
CA GLN B 112 22.34 3.05 37.05
C GLN B 112 23.67 3.75 36.75
N GLN B 114 27.08 6.37 36.01
CA GLN B 114 28.13 6.46 34.98
C GLN B 114 27.90 7.50 33.87
N VAL B 115 28.60 8.63 33.98
CA VAL B 115 28.50 9.73 33.02
C VAL B 115 28.96 9.32 31.60
N VAL B 116 28.02 8.81 30.81
CA VAL B 116 28.28 8.40 29.42
C VAL B 116 27.61 9.37 28.42
N LYS B 117 27.92 9.21 27.12
CA LYS B 117 27.39 10.05 26.03
C LYS B 117 27.98 11.48 26.04
N GLU B 118 29.25 11.59 25.64
CA GLU B 118 29.98 12.86 25.68
C GLU B 118 31.26 12.90 24.84
N ASP B 119 31.92 11.75 24.67
CA ASP B 119 33.25 11.68 24.04
C ASP B 119 33.39 10.63 22.93
N GLU B 122 33.14 4.91 18.10
CA GLU B 122 32.50 3.58 18.31
C GLU B 122 32.98 2.76 19.51
N ALA B 123 33.63 1.63 19.24
CA ALA B 123 34.12 0.71 20.27
C ALA B 123 35.11 1.40 21.24
N VAL B 124 35.61 2.57 20.83
CA VAL B 124 36.56 3.38 21.60
C VAL B 124 36.00 3.80 22.96
N GLY B 125 34.91 4.59 22.95
CA GLY B 125 34.29 5.07 24.18
C GLY B 125 33.50 3.99 24.90
N LYS B 126 34.12 2.83 25.09
CA LYS B 126 33.46 1.69 25.72
C LYS B 126 34.30 1.09 26.85
N HIS B 129 32.37 -2.65 27.15
CA HIS B 129 32.20 -3.12 25.77
C HIS B 129 31.62 -4.54 25.75
N GLU B 130 31.60 -5.17 26.92
CA GLU B 130 31.21 -6.58 27.09
C GLU B 130 29.83 -6.91 26.54
N TYR B 131 28.76 -6.59 27.28
CA TYR B 131 27.42 -6.92 26.80
C TYR B 131 26.70 -5.87 25.93
N ASN B 132 27.48 -5.05 25.24
CA ASN B 132 26.99 -4.37 24.05
C ASN B 132 27.09 -5.34 22.89
N THR B 133 28.17 -6.13 22.90
CA THR B 133 28.45 -7.13 21.87
C THR B 133 27.53 -8.34 22.01
N GLN B 134 27.14 -8.65 23.25
CA GLN B 134 26.17 -9.72 23.53
C GLN B 134 24.82 -9.46 22.88
N PHE B 135 24.44 -8.18 22.85
CA PHE B 135 23.22 -7.74 22.18
C PHE B 135 23.25 -8.15 20.71
N GLN B 136 24.28 -7.70 19.98
CA GLN B 136 24.49 -8.10 18.58
C GLN B 136 24.26 -9.59 18.37
N GLU B 137 24.81 -10.41 19.27
CA GLU B 137 24.68 -11.86 19.18
C GLU B 137 23.24 -12.35 19.39
N LYS B 138 22.58 -11.84 20.42
CA LYS B 138 21.19 -12.21 20.68
C LYS B 138 20.27 -11.61 19.62
N SER B 139 20.62 -10.42 19.15
CA SER B 139 19.87 -9.74 18.10
C SER B 139 20.08 -10.41 16.74
N ARG B 140 21.29 -10.93 16.52
CA ARG B 140 21.60 -11.69 15.30
C ARG B 140 20.83 -13.01 15.29
N GLU B 141 20.68 -13.60 16.47
CA GLU B 141 19.98 -14.88 16.59
C GLU B 141 18.47 -14.70 16.48
N TYR B 142 17.98 -13.60 17.03
CA TYR B 142 16.57 -13.22 16.93
C TYR B 142 16.18 -13.04 15.47
N ASP B 143 17.04 -12.34 14.72
CA ASP B 143 16.88 -12.24 13.27
C ASP B 143 16.80 -13.62 12.64
N ARG B 144 17.83 -14.45 12.88
CA ARG B 144 17.89 -15.81 12.34
C ARG B 144 16.61 -16.59 12.60
N LEU B 145 16.19 -16.65 13.86
CA LEU B 145 14.99 -17.39 14.25
C LEU B 145 13.72 -16.83 13.61
N TYR B 146 13.54 -15.52 13.68
CA TYR B 146 12.34 -14.89 13.11
C TYR B 146 12.19 -15.16 11.61
N GLU B 147 13.33 -15.23 10.92
CA GLU B 147 13.32 -15.58 9.50
C GLU B 147 12.88 -17.03 9.29
N GLU B 148 13.59 -17.96 9.92
CA GLU B 148 13.26 -19.38 9.89
C GLU B 148 11.81 -19.60 10.28
N TYR B 149 11.36 -18.78 11.23
CA TYR B 149 10.00 -18.80 11.77
C TYR B 149 8.95 -18.48 10.71
N THR B 150 9.15 -17.40 9.96
CA THR B 150 8.19 -16.98 8.91
C THR B 150 8.22 -17.90 7.69
N ARG B 151 9.39 -18.46 7.40
CA ARG B 151 9.55 -19.40 6.30
C ARG B 151 8.76 -20.66 6.59
N THR B 152 8.96 -21.20 7.79
CA THR B 152 8.24 -22.38 8.28
C THR B 152 6.72 -22.16 8.24
N SER B 153 6.29 -21.05 8.82
CA SER B 153 4.89 -20.63 8.81
C SER B 153 4.28 -20.74 7.42
N GLN B 154 4.96 -20.21 6.42
CA GLN B 154 4.45 -20.21 5.05
C GLN B 154 4.61 -21.56 4.38
N GLU B 155 5.72 -22.23 4.68
CA GLU B 155 5.92 -23.62 4.29
C GLU B 155 4.69 -24.42 4.73
N ILE B 156 4.41 -24.36 6.04
CA ILE B 156 3.26 -25.03 6.66
C ILE B 156 1.95 -24.79 5.91
N GLN B 157 1.65 -23.52 5.63
CA GLN B 157 0.42 -23.17 4.93
C GLN B 157 0.33 -23.85 3.57
N MET B 158 1.44 -23.89 2.85
CA MET B 158 1.53 -24.55 1.55
C MET B 158 1.13 -26.01 1.65
N LYS B 159 1.67 -26.70 2.65
CA LYS B 159 1.34 -28.09 2.89
C LYS B 159 -0.16 -28.24 3.17
N ARG B 160 -0.71 -27.35 3.97
CA ARG B 160 -2.14 -27.42 4.32
C ARG B 160 -3.04 -27.35 3.10
N THR B 161 -2.71 -26.47 2.15
CA THR B 161 -3.49 -26.39 0.93
C THR B 161 -3.18 -27.59 0.01
N ALA B 162 -1.99 -28.15 0.15
CA ALA B 162 -1.64 -29.38 -0.58
C ALA B 162 -2.46 -30.57 -0.06
N ILE B 163 -2.64 -30.65 1.25
CA ILE B 163 -3.46 -31.70 1.84
C ILE B 163 -4.90 -31.57 1.33
N GLU B 164 -5.37 -30.33 1.22
CA GLU B 164 -6.71 -30.06 0.70
C GLU B 164 -6.83 -30.49 -0.77
N ALA B 165 -5.76 -30.27 -1.54
CA ALA B 165 -5.70 -30.67 -2.93
C ALA B 165 -5.76 -32.19 -3.07
N PHE B 166 -4.95 -32.91 -2.28
CA PHE B 166 -5.02 -34.38 -2.19
C PHE B 166 -6.43 -34.91 -1.89
N ASN B 167 -7.11 -34.33 -0.89
CA ASN B 167 -8.48 -34.73 -0.52
C ASN B 167 -9.44 -34.67 -1.69
N GLU B 168 -9.30 -33.63 -2.51
CA GLU B 168 -10.14 -33.45 -3.67
C GLU B 168 -9.74 -34.43 -4.77
N THR B 169 -8.44 -34.68 -4.88
CA THR B 169 -7.91 -35.65 -5.85
C THR B 169 -8.46 -37.05 -5.55
N ILE B 170 -8.26 -37.49 -4.32
CA ILE B 170 -8.77 -38.78 -3.88
C ILE B 170 -10.28 -38.86 -4.07
N LYS B 171 -11.00 -37.86 -3.60
CA LYS B 171 -12.44 -37.79 -3.82
C LYS B 171 -12.77 -38.04 -5.30
N ILE B 172 -11.99 -37.45 -6.22
CA ILE B 172 -12.25 -37.63 -7.65
C ILE B 172 -11.94 -39.05 -8.13
N PHE B 173 -10.91 -39.66 -7.58
CA PHE B 173 -10.54 -41.03 -7.97
C PHE B 173 -11.48 -42.06 -7.37
N GLU B 174 -12.02 -41.76 -6.19
CA GLU B 174 -13.02 -42.60 -5.53
C GLU B 174 -14.27 -42.63 -6.39
N GLU B 175 -14.64 -41.47 -6.93
CA GLU B 175 -15.79 -41.33 -7.83
C GLU B 175 -15.63 -42.15 -9.10
N GLN B 176 -14.38 -42.34 -9.52
CA GLN B 176 -14.08 -43.07 -10.75
C GLN B 176 -14.39 -44.57 -10.64
N CYS B 177 -14.25 -45.13 -9.44
CA CYS B 177 -14.65 -46.52 -9.17
C CYS B 177 -16.17 -46.63 -9.13
N GLN B 178 -16.79 -45.75 -8.36
CA GLN B 178 -18.25 -45.57 -8.37
C GLN B 178 -18.77 -45.27 -9.77
N THR B 179 -17.89 -44.87 -10.68
CA THR B 179 -18.27 -44.69 -12.07
C THR B 179 -18.15 -46.01 -12.82
N GLN B 180 -17.04 -46.71 -12.67
CA GLN B 180 -16.83 -47.91 -13.48
C GLN B 180 -17.48 -49.19 -12.93
N GLU B 181 -18.04 -49.11 -11.73
CA GLU B 181 -18.86 -50.21 -11.20
C GLU B 181 -20.33 -50.06 -11.62
N ARG B 182 -20.73 -48.84 -11.93
CA ARG B 182 -22.03 -48.56 -12.56
C ARG B 182 -22.07 -49.06 -14.00
N TYR B 183 -20.94 -48.91 -14.71
CA TYR B 183 -20.88 -49.23 -16.14
C TYR B 183 -20.37 -50.65 -16.41
N SER B 184 -19.50 -51.16 -15.55
CA SER B 184 -18.98 -52.52 -15.68
C SER B 184 -20.00 -53.58 -15.24
N LYS B 185 -20.70 -53.33 -14.14
CA LYS B 185 -21.68 -54.27 -13.58
C LYS B 185 -22.75 -54.69 -14.59
N GLU B 186 -23.16 -53.77 -15.46
CA GLU B 186 -24.15 -54.08 -16.50
C GLU B 186 -23.51 -54.43 -17.85
N TYR B 187 -22.21 -54.74 -17.80
CA TYR B 187 -21.48 -55.24 -18.97
C TYR B 187 -20.75 -56.53 -18.60
N ILE B 188 -20.33 -56.66 -17.34
CA ILE B 188 -19.75 -57.91 -16.83
C ILE B 188 -20.79 -59.03 -16.90
N GLU B 189 -22.06 -58.66 -16.70
CA GLU B 189 -23.16 -59.61 -16.75
C GLU B 189 -23.71 -59.74 -18.17
N LYS B 190 -23.40 -58.77 -19.02
CA LYS B 190 -23.74 -58.84 -20.45
C LYS B 190 -22.72 -59.65 -21.26
N PHE B 191 -21.45 -59.62 -20.83
CA PHE B 191 -20.36 -60.37 -21.48
C PHE B 191 -20.33 -61.86 -21.08
N LYS B 192 -20.80 -62.17 -19.88
CA LYS B 192 -20.91 -63.57 -19.43
C LYS B 192 -22.09 -64.27 -20.09
N ARG B 193 -22.98 -63.48 -20.71
CA ARG B 193 -23.99 -64.00 -21.62
C ARG B 193 -23.31 -64.60 -22.86
N GLU B 194 -22.38 -63.83 -23.45
CA GLU B 194 -21.62 -64.27 -24.64
C GLU B 194 -20.52 -65.26 -24.27
N GLY B 195 -20.46 -65.63 -22.98
CA GLY B 195 -19.38 -66.45 -22.43
C GLY B 195 -18.03 -65.79 -22.67
N ASN B 196 -18.08 -64.46 -22.84
CA ASN B 196 -16.92 -63.69 -23.23
C ASN B 196 -16.13 -63.19 -22.03
N GLU B 197 -15.20 -64.02 -21.58
CA GLU B 197 -14.22 -63.58 -20.60
C GLU B 197 -12.93 -63.18 -21.30
N LYS B 198 -11.91 -62.84 -20.52
CA LYS B 198 -10.70 -62.19 -21.02
C LYS B 198 -10.97 -60.73 -21.39
N GLU B 199 -12.14 -60.45 -21.97
CA GLU B 199 -12.65 -59.10 -22.14
C GLU B 199 -13.01 -58.55 -20.75
N ILE B 200 -13.58 -59.43 -19.94
CA ILE B 200 -13.82 -59.16 -18.52
C ILE B 200 -12.47 -58.99 -17.80
N GLN B 201 -11.46 -59.72 -18.24
CA GLN B 201 -10.11 -59.57 -17.71
C GLN B 201 -9.53 -58.16 -17.97
N ARG B 202 -9.75 -57.62 -19.17
CA ARG B 202 -9.27 -56.27 -19.51
C ARG B 202 -9.99 -55.19 -18.69
N ILE B 203 -11.30 -55.38 -18.50
CA ILE B 203 -12.13 -54.50 -17.66
C ILE B 203 -11.67 -54.55 -16.20
N MET B 204 -11.30 -55.75 -15.74
CA MET B 204 -10.79 -55.91 -14.38
C MET B 204 -9.32 -55.47 -14.23
N HIS B 205 -8.61 -55.36 -15.36
CA HIS B 205 -7.23 -54.87 -15.34
C HIS B 205 -7.22 -53.38 -15.03
N ASN B 206 -8.13 -52.63 -15.67
CA ASN B 206 -8.29 -51.22 -15.40
C ASN B 206 -8.74 -50.95 -13.96
N TYR B 207 -9.64 -51.79 -13.46
CA TYR B 207 -10.11 -51.72 -12.08
C TYR B 207 -8.96 -51.83 -11.07
N ASP B 208 -8.02 -52.72 -11.36
CA ASP B 208 -6.88 -52.95 -10.48
C ASP B 208 -5.74 -51.94 -10.66
N LYS B 209 -5.76 -51.19 -11.76
CA LYS B 209 -4.88 -50.03 -11.90
C LYS B 209 -5.43 -48.87 -11.10
N LEU B 210 -6.74 -48.67 -11.20
CA LEU B 210 -7.43 -47.58 -10.55
C LEU B 210 -7.44 -47.72 -9.03
N LYS B 211 -7.69 -48.94 -8.56
CA LYS B 211 -7.70 -49.26 -7.13
C LYS B 211 -6.32 -49.03 -6.55
N SER B 212 -5.31 -49.51 -7.26
CA SER B 212 -3.92 -49.38 -6.85
C SER B 212 -3.48 -47.92 -6.82
N ARG B 213 -3.99 -47.14 -7.77
CA ARG B 213 -3.67 -45.73 -7.90
C ARG B 213 -4.21 -44.94 -6.69
N ILE B 214 -5.39 -45.31 -6.22
CA ILE B 214 -5.98 -44.71 -5.02
C ILE B 214 -5.09 -44.90 -3.78
N SER B 215 -4.54 -46.11 -3.61
CA SER B 215 -3.61 -46.40 -2.50
C SER B 215 -2.35 -45.53 -2.57
N GLU B 216 -1.86 -45.33 -3.79
CA GLU B 216 -0.71 -44.48 -4.06
C GLU B 216 -0.93 -43.03 -3.64
N ILE B 217 -2.05 -42.46 -4.07
CA ILE B 217 -2.40 -41.09 -3.71
C ILE B 217 -2.64 -41.00 -2.20
N ILE B 218 -3.45 -41.89 -1.66
CA ILE B 218 -3.75 -41.92 -0.21
C ILE B 218 -2.47 -41.92 0.63
N ASP B 219 -1.48 -42.71 0.22
CA ASP B 219 -0.17 -42.76 0.88
C ASP B 219 0.61 -41.48 0.70
N SER B 220 0.54 -40.91 -0.50
CA SER B 220 1.20 -39.65 -0.78
C SER B 220 0.71 -38.55 0.16
N ARG B 221 -0.58 -38.53 0.45
CA ARG B 221 -1.15 -37.58 1.40
C ARG B 221 -0.69 -37.89 2.82
N ARG B 222 -0.83 -39.14 3.24
CA ARG B 222 -0.49 -39.55 4.60
C ARG B 222 0.96 -39.17 4.90
N ARG B 223 1.84 -39.36 3.93
CA ARG B 223 3.24 -38.97 4.01
C ARG B 223 3.38 -37.45 4.26
N LEU B 224 2.56 -36.68 3.54
CA LEU B 224 2.53 -35.24 3.71
C LEU B 224 2.01 -34.85 5.10
N GLU B 225 1.00 -35.58 5.56
CA GLU B 225 0.40 -35.31 6.87
C GLU B 225 1.40 -35.45 8.02
N GLU B 226 2.19 -36.52 8.02
CA GLU B 226 3.18 -36.72 9.08
C GLU B 226 4.41 -35.83 8.92
N ASP B 227 4.54 -35.18 7.77
CA ASP B 227 5.54 -34.13 7.57
C ASP B 227 5.05 -32.82 8.13
N LEU B 228 3.75 -32.56 7.94
CA LEU B 228 3.11 -31.34 8.40
C LEU B 228 3.11 -31.24 9.92
N LYS B 229 2.60 -32.27 10.61
CA LYS B 229 2.54 -32.23 12.08
C LYS B 229 3.94 -32.20 12.68
N LYS B 230 4.91 -32.77 11.96
CA LYS B 230 6.32 -32.67 12.30
C LYS B 230 6.80 -31.21 12.19
N GLN B 231 6.43 -30.53 11.10
CA GLN B 231 6.72 -29.11 10.92
C GLN B 231 6.00 -28.24 11.95
N ALA B 232 4.74 -28.58 12.24
CA ALA B 232 3.93 -27.86 13.22
C ALA B 232 4.62 -27.90 14.59
N ALA B 233 5.17 -29.07 14.93
CA ALA B 233 5.97 -29.24 16.14
C ALA B 233 7.22 -28.37 16.08
N GLU B 234 7.86 -28.35 14.92
CA GLU B 234 9.06 -27.55 14.68
C GLU B 234 8.79 -26.05 14.82
N TYR B 235 7.60 -25.63 14.38
CA TYR B 235 7.18 -24.23 14.40
C TYR B 235 6.97 -23.72 15.82
N ARG B 236 6.24 -24.50 16.61
CA ARG B 236 5.98 -24.19 18.01
C ARG B 236 7.30 -24.08 18.79
N GLU B 237 8.29 -24.85 18.34
CA GLU B 237 9.60 -24.84 18.94
C GLU B 237 10.37 -23.55 18.66
N ILE B 238 10.28 -23.06 17.41
CA ILE B 238 10.91 -21.79 17.01
C ILE B 238 10.34 -20.69 17.88
N ASP B 239 9.02 -20.67 17.99
CA ASP B 239 8.31 -19.71 18.80
C ASP B 239 8.77 -19.80 20.26
N LYS B 240 8.87 -21.01 20.79
CA LYS B 240 9.32 -21.23 22.18
C LYS B 240 10.68 -20.61 22.40
N ARG B 241 11.58 -20.80 21.43
CA ARG B 241 12.93 -20.25 21.52
C ARG B 241 12.95 -18.74 21.39
N MET B 242 12.05 -18.21 20.57
CA MET B 242 11.92 -16.76 20.37
C MET B 242 11.44 -16.02 21.61
N ASN B 243 10.45 -16.61 22.30
CA ASN B 243 9.92 -16.02 23.52
C ASN B 243 10.87 -16.13 24.70
N SER B 244 11.99 -16.82 24.49
CA SER B 244 13.04 -16.94 25.50
C SER B 244 14.05 -15.81 25.34
N ILE B 245 14.19 -15.32 24.10
CA ILE B 245 15.16 -14.27 23.76
C ILE B 245 14.58 -12.85 23.86
N LYS B 246 13.28 -12.70 23.60
CA LYS B 246 12.59 -11.41 23.72
C LYS B 246 12.81 -10.73 25.08
N PRO B 247 12.50 -11.44 26.20
CA PRO B 247 12.60 -10.82 27.53
C PRO B 247 14.01 -10.88 28.11
N ASP B 248 15.00 -11.10 27.25
CA ASP B 248 16.41 -10.99 27.63
C ASP B 248 17.08 -9.93 26.77
N LEU B 249 16.60 -9.78 25.53
CA LEU B 249 17.09 -8.78 24.59
C LEU B 249 16.71 -7.37 25.05
N ILE B 250 15.56 -7.28 25.72
CA ILE B 250 15.12 -6.03 26.32
C ILE B 250 15.87 -5.76 27.64
N GLN B 251 16.19 -6.83 28.37
CA GLN B 251 16.89 -6.72 29.66
C GLN B 251 18.37 -6.39 29.51
N LEU B 252 18.84 -6.34 28.27
CA LEU B 252 20.14 -5.77 27.95
C LEU B 252 19.96 -4.27 27.73
N ARG B 253 19.09 -3.88 26.80
CA ARG B 253 18.74 -2.48 26.55
C ARG B 253 18.60 -1.65 27.83
N LYS B 254 18.03 -2.28 28.87
CA LYS B 254 17.83 -1.67 30.18
C LYS B 254 19.15 -1.50 30.93
N THR B 255 19.97 -2.56 30.93
CA THR B 255 21.30 -2.52 31.55
C THR B 255 22.28 -1.74 30.69
N ARG B 256 22.23 -1.95 29.37
CA ARG B 256 23.18 -1.37 28.42
C ARG B 256 23.08 0.15 28.33
N ASP B 257 22.05 0.66 27.65
CA ASP B 257 21.95 2.10 27.38
C ASP B 257 21.92 2.96 28.64
N GLN B 258 21.07 2.58 29.59
CA GLN B 258 20.98 3.26 30.89
C GLN B 258 20.84 2.27 32.05
#